data_9O4F
#
_entry.id   9O4F
#
_cell.length_a   1.00
_cell.length_b   1.00
_cell.length_c   1.00
_cell.angle_alpha   90.00
_cell.angle_beta   90.00
_cell.angle_gamma   90.00
#
_symmetry.space_group_name_H-M   'P 1'
#
loop_
_entity.id
_entity.type
_entity.pdbx_description
1 polymer 'Surface protein'
2 polymer 'Transmembrane protein,Fibritin'
3 branched alpha-D-mannopyranose-(1-3)-[alpha-D-mannopyranose-(1-6)]beta-D-mannopyranose-(1-4)-2-acetamido-2-deoxy-beta-D-glucopyranose-(1-4)-2-acetamido-2-deoxy-beta-D-glucopyranose
4 branched 2-acetamido-2-deoxy-beta-D-glucopyranose-(1-4)-2-acetamido-2-deoxy-beta-D-glucopyranose
5 branched beta-D-mannopyranose-(1-4)-2-acetamido-2-deoxy-beta-D-glucopyranose-(1-4)-2-acetamido-2-deoxy-beta-D-glucopyranose
6 branched beta-D-mannopyranose-(1-4)-2-acetamido-2-deoxy-beta-D-glucopyranose-(1-4)-[alpha-L-fucopyranose-(1-6)]2-acetamido-2-deoxy-beta-D-glucopyranose
7 non-polymer 2-acetamido-2-deoxy-beta-D-glucopyranose
#
loop_
_entity_poly.entity_id
_entity_poly.type
_entity_poly.pdbx_seq_one_letter_code
_entity_poly.pdbx_strand_id
1 'polypeptide(L)'
;AAANYTYWAYVPFPPLIRAVTWMDNPIEVYVNDSVWVPGPIDDRCPAKPEEEGMMINISIGYRYPPICLGRAPGCLMPAV
QNWLVEVPTVSPISRFTYHMVSGMSLRPRVNYLQDFSYQRSLKFRPKGKPCPKEIPKESKNTEVLVWEECVANSAVILQN
NEFGTIIDWAPRGQFYHNCSGQTQSCPSAQVSPAVDSDLTESLDKHKHKKLQSFYPWEWGEKGISTPRPKIISPVSGPEH
PELWRLTVASHHIRIWSGNQTLETRDRKPFYTVDLNSSLTVPLQSCVKPPYMLVVGNIVIKPDSQTITCENCRLLTCIDS
TFNWQHRILLVRAREGVWIPCSMDRPWEASPSIHILTEVLKGVLNRRRR
;
A,B,C
2 'polypeptide(L)'
;FIFTLIAVIMGLIAVTATAAVAGVALHSSVQSCNFVNDWQKNSTRLWNSQSSIDQKLANQINDLRQTVIWMGDRLMSLEH
RFQLQCDWNTSDFCITPQIYNESEHHWDMVRRHLQGREDNLTLDISKLKEQIFEASKAHLNLVPGTEAIAGVADGLANLN
PVTWVKTDDDDKAGGSGGSGGSGGGYIPEAPRDGQAYVRKDGEWVLLSTFLASGLEVLFQGPGAGWSHPQFEKGGGSGGG
SGGGSWSHPQFEK
;
D,E,F
#
# COMPACT_ATOMS: atom_id res chain seq x y z
N ASN A 4 22.08 33.15 -29.66
CA ASN A 4 21.17 32.35 -28.86
C ASN A 4 21.92 31.43 -27.90
N TYR A 5 21.26 31.09 -26.80
CA TYR A 5 21.78 30.14 -25.83
C TYR A 5 20.72 29.07 -25.61
N THR A 6 21.07 27.81 -25.85
CA THR A 6 20.15 26.70 -25.72
C THR A 6 20.53 25.85 -24.51
N TYR A 7 19.57 25.61 -23.64
CA TYR A 7 19.80 24.92 -22.38
C TYR A 7 18.82 23.76 -22.23
N TRP A 8 19.19 22.81 -21.38
CA TRP A 8 18.32 21.70 -21.04
C TRP A 8 17.31 22.14 -19.99
N ALA A 9 16.04 21.77 -20.20
CA ALA A 9 14.96 22.15 -19.30
C ALA A 9 14.14 20.92 -18.93
N TYR A 10 13.61 20.93 -17.71
CA TYR A 10 12.77 19.86 -17.20
C TYR A 10 11.36 20.38 -16.96
N VAL A 11 10.38 19.72 -17.55
CA VAL A 11 8.96 20.08 -17.43
C VAL A 11 8.29 18.99 -16.60
N PRO A 12 7.93 19.26 -15.34
CA PRO A 12 7.39 18.18 -14.49
C PRO A 12 5.98 17.76 -14.85
N PHE A 13 5.14 18.65 -15.40
CA PHE A 13 3.75 18.34 -15.72
C PHE A 13 3.47 18.69 -17.18
N PRO A 14 3.95 17.87 -18.11
CA PRO A 14 3.72 18.17 -19.53
C PRO A 14 2.32 17.76 -19.96
N PRO A 15 1.73 18.50 -20.90
CA PRO A 15 0.39 18.16 -21.42
C PRO A 15 0.41 17.02 -22.44
N LEU A 16 1.12 15.95 -22.12
CA LEU A 16 1.24 14.77 -22.97
C LEU A 16 0.57 13.57 -22.31
N ILE A 17 0.41 12.50 -23.08
CA ILE A 17 -0.23 11.29 -22.58
C ILE A 17 0.64 10.08 -22.88
N ARG A 18 0.44 9.03 -22.09
CA ARG A 18 1.14 7.76 -22.21
C ARG A 18 0.12 6.64 -22.33
N ALA A 19 0.41 5.67 -23.20
CA ALA A 19 -0.47 4.51 -23.33
C ALA A 19 -0.34 3.58 -22.13
N VAL A 20 -1.48 3.04 -21.69
CA VAL A 20 -1.49 2.04 -20.65
C VAL A 20 -1.23 0.68 -21.27
N THR A 21 -0.29 -0.07 -20.71
CA THR A 21 0.16 -1.33 -21.28
C THR A 21 -0.24 -2.51 -20.40
N TRP A 22 -0.03 -3.70 -20.94
CA TRP A 22 -0.33 -4.95 -20.24
C TRP A 22 0.63 -5.23 -19.09
N MET A 23 1.75 -4.52 -19.01
CA MET A 23 2.65 -4.63 -17.87
C MET A 23 2.26 -3.72 -16.72
N ASP A 24 1.23 -2.89 -16.90
CA ASP A 24 0.70 -2.08 -15.82
C ASP A 24 -0.16 -2.92 -14.88
N ASN A 25 -0.34 -2.42 -13.68
CA ASN A 25 -1.26 -3.01 -12.73
C ASN A 25 -2.66 -2.50 -12.96
N PRO A 26 -3.69 -3.25 -12.54
CA PRO A 26 -5.07 -2.87 -12.87
C PRO A 26 -5.45 -1.48 -12.36
N ILE A 27 -6.26 -0.78 -13.15
CA ILE A 27 -6.77 0.54 -12.81
C ILE A 27 -8.23 0.42 -12.42
N GLU A 28 -8.80 1.53 -11.94
CA GLU A 28 -10.17 1.55 -11.44
C GLU A 28 -11.13 1.99 -12.53
N VAL A 29 -12.23 1.25 -12.68
CA VAL A 29 -13.34 1.62 -13.55
C VAL A 29 -14.60 1.63 -12.72
N TYR A 30 -15.33 2.74 -12.74
CA TYR A 30 -16.50 2.93 -11.90
C TYR A 30 -17.79 2.76 -12.70
N VAL A 31 -18.70 1.95 -12.18
CA VAL A 31 -20.01 1.73 -12.77
C VAL A 31 -21.04 2.44 -11.89
N ASN A 32 -22.21 2.73 -12.47
CA ASN A 32 -23.23 3.52 -11.80
C ASN A 32 -24.44 2.69 -11.37
N ASP A 33 -24.29 1.36 -11.29
CA ASP A 33 -25.41 0.48 -10.92
C ASP A 33 -24.88 -0.64 -10.02
N SER A 34 -25.11 -0.51 -8.71
CA SER A 34 -24.65 -1.50 -7.75
C SER A 34 -25.47 -2.78 -7.75
N VAL A 35 -26.71 -2.71 -8.23
CA VAL A 35 -27.60 -3.87 -8.16
C VAL A 35 -27.07 -5.02 -9.02
N TRP A 36 -26.57 -4.70 -10.22
CA TRP A 36 -26.20 -5.71 -11.18
C TRP A 36 -24.70 -5.88 -11.39
N VAL A 37 -23.89 -4.88 -11.02
CA VAL A 37 -22.45 -4.93 -11.28
C VAL A 37 -21.71 -4.67 -9.97
N PRO A 38 -20.67 -5.45 -9.66
CA PRO A 38 -19.87 -5.18 -8.46
C PRO A 38 -19.12 -3.86 -8.55
N GLY A 39 -18.57 -3.44 -7.42
CA GLY A 39 -17.89 -2.16 -7.31
C GLY A 39 -16.54 -2.16 -7.96
N PRO A 40 -15.89 -0.99 -7.95
CA PRO A 40 -16.28 0.29 -7.33
C PRO A 40 -17.42 1.02 -8.05
N ILE A 41 -18.21 1.77 -7.30
CA ILE A 41 -19.45 2.36 -7.79
C ILE A 41 -19.35 3.88 -7.73
N ASP A 42 -19.74 4.54 -8.82
CA ASP A 42 -19.89 5.99 -8.84
C ASP A 42 -20.97 6.32 -9.86
N ASP A 43 -22.02 7.02 -9.42
CA ASP A 43 -23.15 7.35 -10.27
C ASP A 43 -23.13 8.79 -10.77
N ARG A 44 -22.08 9.55 -10.46
CA ARG A 44 -22.01 10.93 -10.91
C ARG A 44 -21.60 11.01 -12.39
N CYS A 45 -22.00 12.11 -13.02
CA CYS A 45 -21.57 12.40 -14.38
C CYS A 45 -20.14 12.92 -14.38
N PRO A 46 -19.48 12.96 -15.53
CA PRO A 46 -18.12 13.51 -15.59
C PRO A 46 -18.06 14.93 -15.06
N ALA A 47 -16.93 15.25 -14.42
CA ALA A 47 -16.77 16.55 -13.77
C ALA A 47 -16.91 17.70 -14.74
N LYS A 48 -16.46 17.53 -15.98
CA LYS A 48 -16.57 18.55 -17.03
C LYS A 48 -17.30 17.92 -18.22
N PRO A 49 -18.63 17.83 -18.16
CA PRO A 49 -19.36 17.17 -19.25
C PRO A 49 -19.22 17.85 -20.59
N GLU A 50 -18.87 19.14 -20.62
CA GLU A 50 -18.76 19.87 -21.88
C GLU A 50 -17.46 19.57 -22.62
N GLU A 51 -16.50 18.90 -21.99
CA GLU A 51 -15.22 18.61 -22.62
C GLU A 51 -15.16 17.23 -23.27
N GLU A 52 -16.16 16.39 -23.05
CA GLU A 52 -16.13 15.03 -23.60
C GLU A 52 -16.27 15.06 -25.11
N GLY A 53 -15.38 14.35 -25.80
CA GLY A 53 -15.43 14.24 -27.24
C GLY A 53 -14.56 15.21 -28.02
N MET A 54 -13.60 15.86 -27.37
CA MET A 54 -12.69 16.76 -28.08
C MET A 54 -11.75 15.96 -28.98
N MET A 55 -11.52 16.49 -30.18
CA MET A 55 -10.73 15.80 -31.19
C MET A 55 -9.24 16.07 -31.02
N ILE A 56 -8.42 15.08 -31.38
CA ILE A 56 -6.98 15.17 -31.19
C ILE A 56 -6.31 14.23 -32.18
N ASN A 57 -5.11 14.60 -32.62
CA ASN A 57 -4.25 13.74 -33.43
C ASN A 57 -3.15 13.19 -32.55
N ILE A 58 -2.92 11.88 -32.64
CA ILE A 58 -2.02 11.18 -31.71
C ILE A 58 -0.97 10.42 -32.51
N SER A 59 0.28 10.53 -32.08
CA SER A 59 1.39 9.76 -32.65
C SER A 59 2.41 9.53 -31.55
N ILE A 60 2.35 8.35 -30.92
CA ILE A 60 3.20 8.04 -29.77
C ILE A 60 3.83 6.68 -29.97
N GLY A 61 4.86 6.42 -29.16
CA GLY A 61 5.48 5.11 -29.07
C GLY A 61 5.18 4.43 -27.75
N TYR A 62 5.71 3.22 -27.61
CA TYR A 62 5.52 2.45 -26.39
C TYR A 62 6.67 1.47 -26.23
N ARG A 63 6.77 0.89 -25.05
CA ARG A 63 7.74 -0.17 -24.76
C ARG A 63 7.10 -1.53 -24.62
N TYR A 64 5.97 -1.62 -23.93
CA TYR A 64 5.20 -2.84 -23.77
C TYR A 64 3.87 -2.72 -24.50
N PRO A 65 3.28 -3.84 -24.94
CA PRO A 65 2.07 -3.77 -25.78
C PRO A 65 0.95 -3.00 -25.10
N PRO A 66 0.33 -2.07 -25.82
CA PRO A 66 -0.76 -1.27 -25.24
C PRO A 66 -2.05 -2.07 -25.13
N ILE A 67 -2.90 -1.62 -24.22
CA ILE A 67 -4.22 -2.23 -24.01
C ILE A 67 -5.23 -1.49 -24.88
N CYS A 68 -5.82 -2.21 -25.83
CA CYS A 68 -6.78 -1.64 -26.76
C CYS A 68 -7.96 -2.59 -26.91
N LEU A 69 -9.16 -2.03 -27.05
CA LEU A 69 -10.37 -2.82 -27.23
C LEU A 69 -11.03 -2.41 -28.55
N GLY A 70 -11.39 -3.40 -29.36
CA GLY A 70 -12.05 -3.16 -30.61
C GLY A 70 -11.71 -4.22 -31.62
N ARG A 71 -12.06 -3.95 -32.89
CA ARG A 71 -11.86 -4.90 -33.99
C ARG A 71 -10.74 -4.37 -34.88
N ALA A 72 -9.50 -4.73 -34.53
CA ALA A 72 -8.33 -4.35 -35.31
C ALA A 72 -7.14 -5.13 -34.77
N PRO A 73 -6.05 -5.21 -35.53
CA PRO A 73 -4.82 -5.84 -35.00
C PRO A 73 -4.35 -5.12 -33.73
N GLY A 74 -3.99 -5.93 -32.73
CA GLY A 74 -3.53 -5.41 -31.47
C GLY A 74 -4.60 -5.04 -30.47
N CYS A 75 -5.87 -5.27 -30.79
CA CYS A 75 -6.97 -4.95 -29.90
C CYS A 75 -7.83 -6.18 -29.67
N LEU A 76 -8.42 -6.26 -28.49
CA LEU A 76 -9.26 -7.40 -28.11
C LEU A 76 -10.70 -7.17 -28.58
N MET A 77 -11.23 -8.15 -29.31
CA MET A 77 -12.59 -8.08 -29.83
C MET A 77 -13.61 -8.32 -28.72
N PRO A 78 -14.73 -7.60 -28.73
CA PRO A 78 -15.80 -7.87 -27.76
C PRO A 78 -16.86 -8.84 -28.29
N ALA A 79 -17.50 -9.52 -27.36
CA ALA A 79 -18.61 -10.42 -27.67
C ALA A 79 -19.45 -10.60 -26.41
N VAL A 80 -20.64 -11.18 -26.60
CA VAL A 80 -21.58 -11.38 -25.51
C VAL A 80 -21.18 -12.60 -24.68
N GLN A 81 -21.25 -12.47 -23.36
CA GLN A 81 -21.04 -13.57 -22.43
C GLN A 81 -22.31 -13.78 -21.62
N ASN A 82 -22.58 -15.05 -21.28
CA ASN A 82 -23.78 -15.43 -20.54
C ASN A 82 -23.41 -16.05 -19.21
N TRP A 83 -24.00 -15.56 -18.13
CA TRP A 83 -23.87 -16.13 -16.81
C TRP A 83 -25.24 -16.67 -16.38
N LEU A 84 -25.29 -17.94 -16.02
CA LEU A 84 -26.55 -18.63 -15.75
C LEU A 84 -26.58 -19.14 -14.33
N VAL A 85 -27.65 -18.81 -13.61
CA VAL A 85 -27.93 -19.36 -12.29
C VAL A 85 -29.04 -20.40 -12.44
N GLU A 86 -28.79 -21.62 -11.97
CA GLU A 86 -29.69 -22.74 -12.16
C GLU A 86 -30.02 -23.39 -10.82
N VAL A 87 -31.31 -23.62 -10.59
CA VAL A 87 -31.83 -24.05 -9.31
C VAL A 87 -32.51 -25.41 -9.49
N PRO A 88 -32.13 -26.43 -8.73
CA PRO A 88 -32.78 -27.74 -8.88
C PRO A 88 -34.25 -27.68 -8.48
N THR A 89 -35.07 -28.42 -9.21
CA THR A 89 -36.51 -28.48 -8.97
C THR A 89 -36.92 -29.92 -8.74
N VAL A 90 -37.72 -30.15 -7.68
CA VAL A 90 -38.21 -31.48 -7.36
C VAL A 90 -39.57 -31.62 -8.06
N SER A 91 -39.54 -32.17 -9.28
CA SER A 91 -40.74 -32.37 -10.07
C SER A 91 -40.43 -33.37 -11.17
N PRO A 92 -41.36 -34.26 -11.53
CA PRO A 92 -41.08 -35.25 -12.58
C PRO A 92 -41.12 -34.69 -13.99
N ILE A 93 -41.52 -33.43 -14.17
CA ILE A 93 -41.64 -32.85 -15.50
C ILE A 93 -40.69 -31.68 -15.74
N SER A 94 -40.01 -31.18 -14.71
CA SER A 94 -39.05 -30.10 -14.87
C SER A 94 -37.78 -30.44 -14.12
N ARG A 95 -36.65 -29.97 -14.66
CA ARG A 95 -35.34 -30.22 -14.07
C ARG A 95 -34.81 -29.02 -13.30
N PHE A 96 -34.81 -27.83 -13.90
CA PHE A 96 -34.27 -26.64 -13.26
C PHE A 96 -35.14 -25.43 -13.58
N THR A 97 -35.00 -24.42 -12.73
CA THR A 97 -35.40 -23.06 -13.05
C THR A 97 -34.15 -22.23 -13.27
N TYR A 98 -34.25 -21.20 -14.11
CA TYR A 98 -33.07 -20.50 -14.61
C TYR A 98 -33.17 -19.00 -14.37
N HIS A 99 -32.03 -18.39 -14.08
CA HIS A 99 -31.83 -16.94 -14.16
C HIS A 99 -30.54 -16.70 -14.93
N MET A 100 -30.60 -15.82 -15.94
CA MET A 100 -29.46 -15.60 -16.81
C MET A 100 -29.22 -14.11 -17.01
N VAL A 101 -27.94 -13.75 -17.14
CA VAL A 101 -27.51 -12.38 -17.44
C VAL A 101 -26.63 -12.43 -18.67
N SER A 102 -26.90 -11.55 -19.63
CA SER A 102 -26.12 -11.45 -20.86
C SER A 102 -25.52 -10.06 -20.95
N GLY A 103 -24.21 -9.99 -21.20
CA GLY A 103 -23.52 -8.71 -21.28
C GLY A 103 -22.35 -8.76 -22.23
N MET A 104 -21.98 -7.58 -22.73
CA MET A 104 -20.84 -7.45 -23.62
C MET A 104 -19.56 -7.72 -22.85
N SER A 105 -18.68 -8.54 -23.43
CA SER A 105 -17.50 -9.06 -22.71
C SER A 105 -16.38 -9.25 -23.73
N LEU A 106 -15.38 -10.03 -23.35
CA LEU A 106 -14.21 -10.29 -24.19
C LEU A 106 -14.37 -11.63 -24.91
N ARG A 107 -14.12 -11.62 -26.23
CA ARG A 107 -14.36 -12.74 -27.14
C ARG A 107 -13.16 -13.69 -27.15
N PRO A 108 -13.36 -14.97 -26.88
CA PRO A 108 -12.29 -15.94 -27.07
C PRO A 108 -12.08 -16.28 -28.55
N ARG A 109 -10.88 -16.78 -28.85
CA ARG A 109 -10.59 -17.27 -30.19
C ARG A 109 -11.31 -18.59 -30.44
N VAL A 110 -11.40 -18.96 -31.72
CA VAL A 110 -12.23 -20.09 -32.16
C VAL A 110 -11.35 -21.10 -32.86
N ASN A 111 -11.50 -22.37 -32.48
CA ASN A 111 -10.86 -23.48 -33.20
C ASN A 111 -11.69 -23.81 -34.44
N TYR A 112 -11.13 -23.52 -35.62
CA TYR A 112 -11.82 -23.85 -36.85
C TYR A 112 -11.65 -25.31 -37.26
N LEU A 113 -10.75 -26.05 -36.61
CA LEU A 113 -10.66 -27.48 -36.84
C LEU A 113 -11.83 -28.22 -36.21
N GLN A 114 -12.18 -27.87 -34.97
CA GLN A 114 -13.30 -28.49 -34.27
C GLN A 114 -14.59 -27.75 -34.62
N ASP A 115 -15.66 -28.03 -33.87
CA ASP A 115 -16.97 -27.42 -34.12
C ASP A 115 -17.02 -26.01 -33.54
N PHE A 116 -16.09 -25.17 -34.00
CA PHE A 116 -15.99 -23.77 -33.60
C PHE A 116 -15.84 -23.63 -32.09
N SER A 117 -15.07 -24.53 -31.48
CA SER A 117 -14.82 -24.46 -30.05
C SER A 117 -13.72 -23.44 -29.74
N TYR A 118 -13.65 -23.05 -28.48
CA TYR A 118 -12.69 -22.04 -28.05
C TYR A 118 -11.27 -22.60 -28.04
N GLN A 119 -10.31 -21.78 -28.44
CA GLN A 119 -8.90 -22.13 -28.28
C GLN A 119 -8.53 -22.07 -26.80
N ARG A 120 -7.81 -23.08 -26.32
CA ARG A 120 -7.57 -23.24 -24.90
C ARG A 120 -6.08 -23.41 -24.61
N SER A 121 -5.71 -23.09 -23.38
CA SER A 121 -4.33 -23.19 -22.92
C SER A 121 -4.31 -23.64 -21.47
N LEU A 122 -3.24 -24.32 -21.09
CA LEU A 122 -3.05 -24.78 -19.71
C LEU A 122 -1.85 -24.10 -19.03
N LYS A 123 -1.27 -23.08 -19.66
CA LYS A 123 -0.06 -22.46 -19.14
C LYS A 123 -0.36 -21.50 -18.01
N PHE A 124 0.51 -21.49 -17.00
CA PHE A 124 0.49 -20.53 -15.91
C PHE A 124 -0.85 -20.51 -15.18
N ARG A 125 -1.18 -21.64 -14.57
CA ARG A 125 -2.42 -21.75 -13.82
C ARG A 125 -2.29 -20.98 -12.50
N PRO A 126 -3.19 -20.03 -12.23
CA PRO A 126 -3.08 -19.25 -11.00
C PRO A 126 -3.68 -19.99 -9.81
N LYS A 127 -3.46 -19.40 -8.63
CA LYS A 127 -4.05 -19.90 -7.39
C LYS A 127 -5.42 -19.27 -7.18
N GLY A 128 -6.34 -20.04 -6.63
CA GLY A 128 -7.66 -19.54 -6.35
C GLY A 128 -8.66 -20.67 -6.21
N LYS A 129 -9.87 -20.29 -5.84
CA LYS A 129 -10.94 -21.26 -5.65
C LYS A 129 -11.33 -21.89 -6.99
N PRO A 130 -11.38 -23.21 -7.08
CA PRO A 130 -11.77 -23.85 -8.34
C PRO A 130 -13.24 -23.57 -8.67
N CYS A 131 -13.54 -23.59 -9.97
CA CYS A 131 -14.91 -23.39 -10.40
C CYS A 131 -15.76 -24.60 -10.05
N PRO A 132 -16.98 -24.39 -9.55
CA PRO A 132 -17.83 -25.51 -9.15
C PRO A 132 -18.21 -26.37 -10.34
N LYS A 133 -18.31 -27.68 -10.08
CA LYS A 133 -18.74 -28.64 -11.08
C LYS A 133 -20.13 -29.21 -10.81
N GLU A 134 -20.72 -28.91 -9.66
CA GLU A 134 -22.00 -29.45 -9.27
C GLU A 134 -22.92 -28.33 -8.81
N ILE A 135 -24.21 -28.50 -9.08
CA ILE A 135 -25.21 -27.51 -8.70
C ILE A 135 -25.45 -27.61 -7.20
N PRO A 136 -25.42 -26.50 -6.46
CA PRO A 136 -25.77 -26.56 -5.04
C PRO A 136 -27.22 -26.98 -4.85
N LYS A 137 -27.46 -27.75 -3.78
CA LYS A 137 -28.80 -28.29 -3.53
C LYS A 137 -29.81 -27.21 -3.20
N GLU A 138 -29.35 -26.03 -2.78
CA GLU A 138 -30.25 -24.93 -2.45
C GLU A 138 -29.57 -23.61 -2.80
N SER A 139 -30.37 -22.64 -3.24
CA SER A 139 -29.87 -21.31 -3.58
C SER A 139 -30.90 -20.29 -3.10
N LYS A 140 -30.53 -19.51 -2.09
CA LYS A 140 -31.39 -18.47 -1.54
C LYS A 140 -31.06 -17.13 -2.16
N ASN A 141 -32.08 -16.28 -2.25
CA ASN A 141 -31.96 -14.93 -2.81
C ASN A 141 -31.45 -14.98 -4.26
N THR A 142 -32.26 -15.60 -5.12
CA THR A 142 -31.88 -15.72 -6.53
C THR A 142 -31.98 -14.38 -7.25
N GLU A 143 -32.81 -13.46 -6.74
CA GLU A 143 -32.97 -12.17 -7.40
C GLU A 143 -31.69 -11.34 -7.35
N VAL A 144 -30.95 -11.41 -6.25
CA VAL A 144 -29.66 -10.74 -6.15
C VAL A 144 -28.58 -11.68 -6.68
N LEU A 145 -27.73 -11.18 -7.55
CA LEU A 145 -26.68 -11.97 -8.18
C LEU A 145 -25.36 -11.72 -7.46
N VAL A 146 -24.69 -12.80 -7.06
CA VAL A 146 -23.44 -12.74 -6.33
C VAL A 146 -22.30 -13.14 -7.27
N TRP A 147 -21.42 -12.20 -7.55
CA TRP A 147 -20.25 -12.46 -8.39
C TRP A 147 -19.09 -12.93 -7.52
N GLU A 148 -18.49 -14.06 -7.89
CA GLU A 148 -17.37 -14.61 -7.15
C GLU A 148 -16.24 -14.98 -8.12
N GLU A 149 -15.02 -14.61 -7.76
CA GLU A 149 -13.86 -14.95 -8.56
C GLU A 149 -13.68 -16.47 -8.63
N CYS A 150 -13.26 -16.96 -9.80
CA CYS A 150 -13.26 -18.39 -10.04
C CYS A 150 -12.11 -18.75 -10.98
N VAL A 151 -11.57 -19.96 -10.80
CA VAL A 151 -10.52 -20.49 -11.65
C VAL A 151 -11.09 -21.67 -12.42
N ALA A 152 -10.99 -21.63 -13.74
CA ALA A 152 -11.56 -22.65 -14.61
C ALA A 152 -10.61 -23.82 -14.77
N ASN A 153 -11.14 -24.92 -15.31
CA ASN A 153 -10.32 -26.09 -15.59
C ASN A 153 -9.25 -25.80 -16.65
N SER A 154 -9.52 -24.84 -17.52
CA SER A 154 -8.58 -24.46 -18.57
C SER A 154 -8.80 -22.99 -18.91
N ALA A 155 -7.76 -22.38 -19.48
CA ALA A 155 -7.81 -20.97 -19.87
C ALA A 155 -8.19 -20.83 -21.33
N VAL A 156 -8.97 -19.80 -21.64
CA VAL A 156 -9.28 -19.48 -23.03
C VAL A 156 -8.21 -18.53 -23.56
N ILE A 157 -8.04 -18.52 -24.87
CA ILE A 157 -7.06 -17.69 -25.54
C ILE A 157 -7.77 -16.52 -26.21
N LEU A 158 -7.31 -15.30 -25.93
CA LEU A 158 -7.88 -14.10 -26.52
C LEU A 158 -7.03 -13.52 -27.65
N GLN A 159 -5.76 -13.91 -27.74
CA GLN A 159 -4.84 -13.40 -28.75
C GLN A 159 -3.59 -14.27 -28.81
N ASN A 160 -3.20 -14.70 -30.00
CA ASN A 160 -2.03 -15.56 -30.17
C ASN A 160 -1.22 -15.15 -31.41
N ASN A 161 -0.97 -13.84 -31.56
CA ASN A 161 -0.28 -13.36 -32.76
C ASN A 161 0.97 -12.55 -32.43
N GLU A 162 1.50 -11.85 -33.43
CA GLU A 162 2.72 -11.08 -33.27
C GLU A 162 2.58 -9.93 -32.29
N PHE A 163 1.35 -9.56 -31.91
CA PHE A 163 1.14 -8.53 -30.90
C PHE A 163 1.24 -9.06 -29.47
N GLY A 164 1.31 -10.36 -29.29
CA GLY A 164 1.39 -10.95 -27.97
C GLY A 164 0.41 -12.09 -27.79
N THR A 165 0.50 -12.73 -26.64
CA THR A 165 -0.36 -13.85 -26.27
C THR A 165 -1.12 -13.51 -25.00
N ILE A 166 -2.45 -13.42 -25.12
CA ILE A 166 -3.33 -13.06 -24.01
C ILE A 166 -4.22 -14.26 -23.70
N ILE A 167 -4.23 -14.68 -22.43
CA ILE A 167 -5.06 -15.79 -21.99
C ILE A 167 -5.84 -15.38 -20.76
N ASP A 168 -6.97 -16.05 -20.53
CA ASP A 168 -7.90 -15.70 -19.46
C ASP A 168 -8.36 -16.99 -18.78
N TRP A 169 -8.14 -17.06 -17.46
CA TRP A 169 -8.47 -18.26 -16.69
C TRP A 169 -9.87 -18.23 -16.08
N ALA A 170 -10.66 -17.20 -16.37
CA ALA A 170 -12.04 -17.18 -15.92
C ALA A 170 -12.90 -18.10 -16.78
N PRO A 171 -13.96 -18.67 -16.22
CA PRO A 171 -14.78 -19.62 -16.98
C PRO A 171 -15.64 -18.93 -18.04
N ARG A 172 -16.05 -19.74 -19.03
CA ARG A 172 -17.05 -19.38 -20.02
C ARG A 172 -18.12 -20.45 -20.03
N GLY A 173 -19.38 -20.03 -20.11
CA GLY A 173 -20.53 -20.94 -19.96
C GLY A 173 -21.26 -21.13 -21.28
N GLN A 174 -21.64 -22.37 -21.54
CA GLN A 174 -22.40 -22.72 -22.75
C GLN A 174 -23.26 -23.94 -22.46
N PHE A 175 -24.23 -24.17 -23.34
CA PHE A 175 -25.08 -25.37 -23.27
C PHE A 175 -24.46 -26.49 -24.08
N TYR A 176 -24.56 -27.71 -23.56
CA TYR A 176 -23.97 -28.87 -24.22
C TYR A 176 -24.63 -30.13 -23.68
N HIS A 177 -24.32 -31.25 -24.33
CA HIS A 177 -24.82 -32.56 -23.94
C HIS A 177 -23.68 -33.43 -23.44
N ASN A 178 -23.95 -34.21 -22.39
CA ASN A 178 -23.00 -35.18 -21.89
C ASN A 178 -22.98 -36.38 -22.83
N CYS A 179 -21.89 -36.56 -23.57
CA CYS A 179 -21.76 -37.65 -24.52
C CYS A 179 -20.89 -38.79 -24.01
N SER A 180 -20.55 -38.78 -22.73
CA SER A 180 -19.84 -39.91 -22.13
C SER A 180 -20.81 -41.08 -21.98
N GLY A 181 -20.39 -42.25 -22.44
CA GLY A 181 -21.26 -43.42 -22.44
C GLY A 181 -22.44 -43.31 -23.39
N GLN A 182 -22.25 -42.66 -24.53
CA GLN A 182 -23.30 -42.50 -25.53
C GLN A 182 -22.74 -42.86 -26.90
N THR A 183 -23.62 -42.89 -27.89
CA THR A 183 -23.23 -43.15 -29.27
C THR A 183 -22.84 -41.83 -29.94
N GLN A 184 -22.58 -41.89 -31.26
CA GLN A 184 -22.22 -40.69 -32.00
C GLN A 184 -23.44 -39.90 -32.45
N SER A 185 -24.65 -40.38 -32.17
CA SER A 185 -25.85 -39.60 -32.50
C SER A 185 -25.96 -38.35 -31.64
N CYS A 186 -25.45 -38.40 -30.42
CA CYS A 186 -25.45 -37.22 -29.55
C CYS A 186 -24.60 -36.11 -30.20
N PRO A 187 -25.11 -34.89 -30.28
CA PRO A 187 -24.28 -33.79 -30.77
C PRO A 187 -23.23 -33.39 -29.75
N SER A 188 -22.02 -33.12 -30.23
CA SER A 188 -20.93 -32.67 -29.39
C SER A 188 -20.72 -31.16 -29.48
N ALA A 189 -21.60 -30.45 -30.17
CA ALA A 189 -21.48 -29.00 -30.30
C ALA A 189 -21.95 -28.30 -29.04
N GLN A 190 -21.55 -27.05 -28.90
CA GLN A 190 -21.90 -26.22 -27.76
C GLN A 190 -22.68 -25.01 -28.26
N VAL A 191 -23.74 -24.66 -27.54
CA VAL A 191 -24.72 -23.67 -27.99
C VAL A 191 -24.68 -22.46 -27.08
N SER A 192 -24.69 -21.27 -27.68
CA SER A 192 -24.75 -20.02 -26.92
C SER A 192 -26.19 -19.53 -26.90
N PRO A 193 -26.83 -19.45 -25.74
CA PRO A 193 -28.25 -19.06 -25.70
C PRO A 193 -28.53 -17.64 -26.17
N ALA A 194 -27.52 -16.74 -26.15
CA ALA A 194 -27.71 -15.37 -26.58
C ALA A 194 -26.59 -14.96 -27.52
N VAL A 195 -26.91 -14.04 -28.44
CA VAL A 195 -25.94 -13.53 -29.39
C VAL A 195 -25.89 -12.01 -29.29
N ASP A 196 -25.08 -11.38 -30.13
CA ASP A 196 -24.91 -9.92 -30.07
C ASP A 196 -26.23 -9.19 -30.33
N SER A 197 -27.05 -9.72 -31.23
CA SER A 197 -28.28 -9.04 -31.64
C SER A 197 -29.25 -8.87 -30.47
N ASP A 198 -29.17 -9.74 -29.46
CA ASP A 198 -30.09 -9.69 -28.34
C ASP A 198 -29.83 -8.50 -27.42
N LEU A 199 -28.72 -7.79 -27.61
CA LEU A 199 -28.40 -6.64 -26.77
C LEU A 199 -28.67 -5.30 -27.45
N THR A 200 -28.85 -5.30 -28.78
CA THR A 200 -29.07 -4.06 -29.52
C THR A 200 -30.45 -4.00 -30.16
N GLU A 201 -30.81 -5.00 -30.97
CA GLU A 201 -32.05 -4.94 -31.74
C GLU A 201 -33.28 -5.19 -30.87
N SER A 202 -34.29 -4.34 -31.04
CA SER A 202 -35.60 -4.51 -30.41
C SER A 202 -35.48 -4.62 -28.90
N LEU A 203 -34.99 -3.55 -28.28
CA LEU A 203 -34.82 -3.54 -26.83
C LEU A 203 -36.16 -3.63 -26.10
N ASP A 204 -37.18 -2.95 -26.61
CA ASP A 204 -38.46 -2.88 -25.92
C ASP A 204 -39.33 -4.12 -26.15
N LYS A 205 -38.96 -4.99 -27.09
CA LYS A 205 -39.76 -6.17 -27.40
C LYS A 205 -39.41 -7.33 -26.49
N HIS A 206 -40.24 -8.38 -26.57
CA HIS A 206 -40.06 -9.57 -25.77
C HIS A 206 -39.19 -10.57 -26.54
N LYS A 207 -38.18 -11.10 -25.86
CA LYS A 207 -37.22 -12.02 -26.46
C LYS A 207 -37.44 -13.42 -25.92
N HIS A 208 -37.41 -14.41 -26.81
CA HIS A 208 -37.62 -15.81 -26.44
C HIS A 208 -36.54 -16.67 -27.09
N LYS A 209 -36.12 -17.70 -26.37
CA LYS A 209 -35.13 -18.65 -26.85
C LYS A 209 -35.55 -20.06 -26.44
N LYS A 210 -35.52 -20.99 -27.38
CA LYS A 210 -35.97 -22.35 -27.15
C LYS A 210 -34.93 -23.33 -27.64
N LEU A 211 -34.61 -24.34 -26.82
CA LEU A 211 -33.68 -25.40 -27.18
C LEU A 211 -34.34 -26.75 -26.91
N GLN A 212 -34.31 -27.63 -27.91
CA GLN A 212 -34.95 -28.94 -27.81
C GLN A 212 -34.01 -30.02 -28.32
N SER A 213 -33.92 -31.11 -27.57
CA SER A 213 -33.07 -32.23 -27.94
C SER A 213 -33.52 -33.47 -27.19
N PHE A 214 -33.06 -34.62 -27.67
CA PHE A 214 -33.34 -35.90 -27.04
C PHE A 214 -32.39 -36.22 -25.89
N TYR A 215 -31.42 -35.34 -25.63
CA TYR A 215 -30.47 -35.52 -24.54
C TYR A 215 -30.56 -34.34 -23.58
N PRO A 216 -30.35 -34.57 -22.29
CA PRO A 216 -30.44 -33.48 -21.31
C PRO A 216 -29.39 -32.41 -21.58
N TRP A 217 -29.76 -31.17 -21.24
CA TRP A 217 -28.89 -30.03 -21.45
C TRP A 217 -28.11 -29.73 -20.18
N GLU A 218 -26.79 -29.57 -20.31
CA GLU A 218 -25.92 -29.20 -19.21
C GLU A 218 -25.27 -27.86 -19.51
N TRP A 219 -24.93 -27.13 -18.45
CA TRP A 219 -24.30 -25.82 -18.55
C TRP A 219 -22.90 -25.89 -17.97
N GLY A 220 -21.93 -25.31 -18.68
CA GLY A 220 -20.56 -25.27 -18.21
C GLY A 220 -19.67 -24.39 -19.07
N GLU A 221 -18.61 -23.82 -18.49
CA GLU A 221 -18.28 -24.01 -17.08
C GLU A 221 -19.12 -23.11 -16.18
N LYS A 222 -19.43 -23.59 -14.99
CA LYS A 222 -20.23 -22.82 -14.04
C LYS A 222 -19.37 -21.77 -13.35
N GLY A 223 -20.04 -20.91 -12.58
CA GLY A 223 -19.37 -19.86 -11.86
C GLY A 223 -19.71 -18.48 -12.37
N ILE A 224 -20.18 -17.60 -11.50
CA ILE A 224 -20.53 -16.23 -11.89
C ILE A 224 -19.25 -15.42 -11.73
N SER A 225 -18.41 -15.47 -12.76
CA SER A 225 -17.07 -14.91 -12.70
C SER A 225 -16.76 -14.17 -14.00
N THR A 226 -16.06 -13.06 -13.88
CA THR A 226 -15.76 -12.18 -15.00
C THR A 226 -14.34 -12.38 -15.50
N PRO A 227 -14.06 -12.01 -16.76
CA PRO A 227 -12.73 -12.26 -17.33
C PRO A 227 -11.61 -11.55 -16.57
N ARG A 228 -10.47 -12.22 -16.48
CA ARG A 228 -9.26 -11.68 -15.86
C ARG A 228 -8.08 -11.94 -16.79
N PRO A 229 -8.03 -11.27 -17.94
CA PRO A 229 -6.98 -11.58 -18.92
C PRO A 229 -5.60 -11.07 -18.50
N LYS A 230 -4.58 -11.70 -19.07
CA LYS A 230 -3.20 -11.30 -18.82
C LYS A 230 -2.35 -11.68 -20.02
N ILE A 231 -1.19 -11.02 -20.14
CA ILE A 231 -0.22 -11.30 -21.20
C ILE A 231 0.82 -12.27 -20.67
N ILE A 232 1.21 -13.23 -21.51
CA ILE A 232 2.22 -14.20 -21.15
C ILE A 232 3.41 -14.24 -22.11
N SER A 233 3.26 -13.69 -23.32
CA SER A 233 4.34 -13.65 -24.29
C SER A 233 4.24 -12.36 -25.07
N PRO A 234 5.36 -11.67 -25.34
CA PRO A 234 6.74 -12.02 -24.98
C PRO A 234 7.13 -11.55 -23.59
N VAL A 235 6.20 -10.94 -22.85
CA VAL A 235 6.43 -10.51 -21.48
C VAL A 235 5.34 -11.08 -20.61
N SER A 236 5.60 -11.14 -19.31
CA SER A 236 4.67 -11.69 -18.33
C SER A 236 4.13 -10.56 -17.46
N GLY A 237 2.82 -10.39 -17.47
CA GLY A 237 2.19 -9.30 -16.74
C GLY A 237 1.03 -9.74 -15.87
N PRO A 238 0.55 -8.84 -15.02
CA PRO A 238 -0.52 -9.18 -14.09
C PRO A 238 -1.89 -9.21 -14.77
N GLU A 239 -2.85 -9.82 -14.07
CA GLU A 239 -4.21 -9.90 -14.55
C GLU A 239 -4.86 -8.51 -14.57
N HIS A 240 -5.84 -8.34 -15.46
CA HIS A 240 -6.55 -7.07 -15.63
C HIS A 240 -8.05 -7.35 -15.55
N PRO A 241 -8.59 -7.48 -14.34
CA PRO A 241 -10.02 -7.79 -14.20
C PRO A 241 -10.96 -6.61 -14.41
N GLU A 242 -10.44 -5.44 -14.79
CA GLU A 242 -11.27 -4.26 -14.96
C GLU A 242 -11.63 -3.98 -16.42
N LEU A 243 -11.01 -4.68 -17.37
CA LEU A 243 -11.26 -4.40 -18.78
C LEU A 243 -12.69 -4.76 -19.20
N TRP A 244 -13.26 -5.81 -18.61
CA TRP A 244 -14.63 -6.18 -18.95
C TRP A 244 -15.65 -5.13 -18.52
N ARG A 245 -15.31 -4.28 -17.55
CA ARG A 245 -16.23 -3.25 -17.09
C ARG A 245 -16.47 -2.19 -18.15
N LEU A 246 -15.47 -1.92 -19.00
CA LEU A 246 -15.64 -0.94 -20.07
C LEU A 246 -16.50 -1.49 -21.19
N THR A 247 -16.31 -2.77 -21.56
CA THR A 247 -17.08 -3.34 -22.65
C THR A 247 -18.55 -3.53 -22.28
N VAL A 248 -18.83 -3.86 -21.01
CA VAL A 248 -20.20 -4.19 -20.63
C VAL A 248 -21.10 -2.95 -20.68
N ALA A 249 -20.53 -1.75 -20.52
CA ALA A 249 -21.32 -0.53 -20.56
C ALA A 249 -21.62 -0.06 -21.98
N SER A 250 -20.98 -0.64 -23.00
CA SER A 250 -21.21 -0.23 -24.38
C SER A 250 -22.56 -0.68 -24.90
N HIS A 251 -23.23 -1.60 -24.22
CA HIS A 251 -24.56 -2.04 -24.59
C HIS A 251 -25.40 -2.20 -23.34
N HIS A 252 -26.70 -2.37 -23.53
CA HIS A 252 -27.56 -2.80 -22.44
C HIS A 252 -27.20 -4.23 -22.04
N ILE A 253 -27.48 -4.58 -20.79
CA ILE A 253 -27.42 -5.95 -20.32
C ILE A 253 -28.83 -6.51 -20.26
N ARG A 254 -28.99 -7.78 -20.59
CA ARG A 254 -30.29 -8.42 -20.64
C ARG A 254 -30.41 -9.46 -19.54
N ILE A 255 -31.57 -9.48 -18.87
CA ILE A 255 -31.86 -10.42 -17.80
C ILE A 255 -32.93 -11.39 -18.28
N TRP A 256 -32.66 -12.68 -18.15
CA TRP A 256 -33.56 -13.73 -18.59
C TRP A 256 -34.06 -14.54 -17.40
N SER A 257 -35.12 -15.30 -17.64
CA SER A 257 -35.59 -16.32 -16.72
C SER A 257 -36.20 -17.46 -17.54
N GLY A 258 -36.24 -18.65 -16.96
CA GLY A 258 -36.77 -19.79 -17.68
C GLY A 258 -36.66 -21.06 -16.90
N ASN A 259 -36.72 -22.18 -17.62
CA ASN A 259 -36.73 -23.50 -17.00
C ASN A 259 -36.28 -24.53 -18.02
N GLN A 260 -35.97 -25.73 -17.53
CA GLN A 260 -35.80 -26.92 -18.36
C GLN A 260 -36.87 -27.91 -17.98
N THR A 261 -37.63 -28.37 -18.98
CA THR A 261 -38.74 -29.28 -18.76
C THR A 261 -38.57 -30.54 -19.60
N LEU A 262 -39.29 -31.59 -19.22
CA LEU A 262 -39.17 -32.90 -19.84
C LEU A 262 -40.55 -33.44 -20.22
N GLU A 263 -40.64 -34.02 -21.41
CA GLU A 263 -41.87 -34.65 -21.86
C GLU A 263 -41.52 -35.84 -22.75
N THR A 264 -42.49 -36.74 -22.90
CA THR A 264 -42.28 -37.99 -23.63
C THR A 264 -42.63 -37.79 -25.10
N ARG A 265 -41.64 -37.90 -25.97
CA ARG A 265 -41.83 -37.81 -27.41
C ARG A 265 -41.23 -39.05 -28.06
N ASP A 266 -42.02 -39.70 -28.92
CA ASP A 266 -41.60 -40.94 -29.60
C ASP A 266 -41.21 -42.02 -28.58
N ARG A 267 -42.02 -42.05 -27.47
CA ARG A 267 -41.80 -43.07 -26.40
C ARG A 267 -40.38 -42.97 -25.82
N LYS A 268 -39.75 -41.82 -25.86
CA LYS A 268 -38.48 -41.58 -25.21
C LYS A 268 -38.45 -40.16 -24.67
N PRO A 269 -37.67 -39.90 -23.63
CA PRO A 269 -37.66 -38.57 -23.01
C PRO A 269 -37.21 -37.49 -24.00
N PHE A 270 -37.84 -36.32 -23.89
CA PHE A 270 -37.53 -35.16 -24.73
C PHE A 270 -37.33 -33.96 -23.81
N TYR A 271 -36.19 -33.31 -23.93
CA TYR A 271 -35.78 -32.23 -23.03
C TYR A 271 -35.84 -30.89 -23.74
N THR A 272 -36.41 -29.89 -23.08
CA THR A 272 -36.62 -28.57 -23.65
C THR A 272 -36.14 -27.50 -22.69
N VAL A 273 -35.48 -26.48 -23.23
CA VAL A 273 -35.04 -25.31 -22.47
C VAL A 273 -35.79 -24.10 -23.01
N ASP A 274 -36.48 -23.40 -22.12
CA ASP A 274 -37.19 -22.16 -22.45
C ASP A 274 -36.56 -21.00 -21.68
N LEU A 275 -36.30 -19.90 -22.38
CA LEU A 275 -35.84 -18.67 -21.76
C LEU A 275 -36.59 -17.50 -22.36
N ASN A 276 -37.03 -16.58 -21.52
CA ASN A 276 -37.72 -15.38 -21.97
C ASN A 276 -37.18 -14.16 -21.24
N SER A 277 -37.31 -13.01 -21.89
CA SER A 277 -36.82 -11.76 -21.31
C SER A 277 -37.62 -10.59 -21.86
N SER A 278 -37.93 -9.65 -20.96
CA SER A 278 -38.49 -8.36 -21.37
C SER A 278 -37.87 -7.21 -20.58
N LEU A 279 -36.65 -7.39 -20.07
CA LEU A 279 -36.02 -6.41 -19.19
C LEU A 279 -34.57 -6.20 -19.61
N THR A 280 -34.17 -4.94 -19.73
CA THR A 280 -32.79 -4.56 -20.00
C THR A 280 -32.40 -3.43 -19.07
N VAL A 281 -31.09 -3.32 -18.80
CA VAL A 281 -30.55 -2.34 -17.88
C VAL A 281 -29.45 -1.54 -18.58
N PRO A 282 -29.56 -0.22 -18.68
CA PRO A 282 -28.46 0.59 -19.20
C PRO A 282 -27.45 0.95 -18.13
N LEU A 283 -26.20 1.06 -18.55
CA LEU A 283 -25.09 1.28 -17.62
C LEU A 283 -24.16 2.36 -18.15
N GLN A 284 -23.33 2.87 -17.25
CA GLN A 284 -22.27 3.82 -17.59
C GLN A 284 -21.01 3.44 -16.83
N SER A 285 -19.88 3.41 -17.54
CA SER A 285 -18.58 3.08 -16.96
C SER A 285 -17.61 4.20 -17.24
N CYS A 286 -16.86 4.63 -16.22
CA CYS A 286 -15.97 5.77 -16.32
C CYS A 286 -14.62 5.48 -15.70
N VAL A 287 -13.60 6.14 -16.23
CA VAL A 287 -12.29 6.22 -15.60
C VAL A 287 -12.10 7.63 -15.08
N LYS A 288 -11.15 7.79 -14.15
CA LYS A 288 -10.94 9.09 -13.53
C LYS A 288 -9.55 9.62 -13.82
N PRO A 289 -9.37 10.94 -13.82
CA PRO A 289 -8.03 11.49 -14.03
C PRO A 289 -7.06 10.98 -12.99
N PRO A 290 -5.78 10.82 -13.36
CA PRO A 290 -5.15 11.20 -14.63
C PRO A 290 -5.34 10.22 -15.79
N TYR A 291 -6.32 9.32 -15.73
CA TYR A 291 -6.58 8.39 -16.82
C TYR A 291 -7.65 8.94 -17.76
N MET A 292 -7.48 8.65 -19.05
CA MET A 292 -8.43 9.06 -20.09
C MET A 292 -8.61 7.92 -21.08
N LEU A 293 -9.48 8.14 -22.06
CA LEU A 293 -9.72 7.18 -23.13
C LEU A 293 -9.57 7.86 -24.48
N VAL A 294 -8.94 7.18 -25.41
CA VAL A 294 -8.80 7.65 -26.79
C VAL A 294 -9.67 6.74 -27.66
N VAL A 295 -10.59 7.35 -28.41
CA VAL A 295 -11.59 6.61 -29.17
C VAL A 295 -11.52 7.03 -30.63
N GLY A 296 -11.36 6.06 -31.52
CA GLY A 296 -11.32 6.34 -32.94
C GLY A 296 -10.68 5.19 -33.70
N ASN A 297 -10.07 5.53 -34.84
CA ASN A 297 -9.41 4.56 -35.71
C ASN A 297 -7.95 4.40 -35.27
N ILE A 298 -7.77 3.67 -34.18
CA ILE A 298 -6.44 3.46 -33.61
C ILE A 298 -5.69 2.43 -34.43
N VAL A 299 -4.46 2.75 -34.82
CA VAL A 299 -3.60 1.88 -35.61
C VAL A 299 -2.35 1.58 -34.79
N ILE A 300 -2.01 0.29 -34.67
CA ILE A 300 -0.85 -0.14 -33.91
C ILE A 300 0.12 -0.83 -34.86
N LYS A 301 1.37 -0.38 -34.84
CA LYS A 301 2.42 -0.95 -35.69
C LYS A 301 3.41 -1.69 -34.82
N PRO A 302 3.40 -3.02 -34.80
CA PRO A 302 4.29 -3.74 -33.87
C PRO A 302 5.75 -3.74 -34.28
N ASP A 303 6.07 -3.47 -35.55
CA ASP A 303 7.46 -3.50 -35.96
C ASP A 303 8.24 -2.30 -35.45
N SER A 304 7.63 -1.10 -35.50
CA SER A 304 8.25 0.11 -35.01
C SER A 304 7.69 0.58 -33.67
N GLN A 305 6.66 -0.09 -33.15
CA GLN A 305 6.06 0.21 -31.85
C GLN A 305 5.53 1.65 -31.81
N THR A 306 4.61 1.93 -32.73
CA THR A 306 3.99 3.23 -32.88
C THR A 306 2.47 3.10 -32.80
N ILE A 307 1.83 4.08 -32.17
CA ILE A 307 0.38 4.18 -32.15
C ILE A 307 -0.01 5.52 -32.77
N THR A 308 -0.85 5.46 -33.80
CA THR A 308 -1.30 6.64 -34.51
C THR A 308 -2.82 6.61 -34.61
N CYS A 309 -3.44 7.79 -34.53
CA CYS A 309 -4.89 7.89 -34.62
C CYS A 309 -5.22 9.30 -35.05
N GLU A 310 -5.87 9.46 -36.20
CA GLU A 310 -6.18 10.77 -36.76
C GLU A 310 -7.65 11.10 -36.53
N ASN A 311 -7.92 12.32 -36.05
CA ASN A 311 -9.27 12.82 -35.81
C ASN A 311 -10.02 11.92 -34.83
N CYS A 312 -9.42 11.72 -33.66
CA CYS A 312 -9.96 10.84 -32.63
C CYS A 312 -10.37 11.66 -31.41
N ARG A 313 -11.28 11.10 -30.63
CA ARG A 313 -11.90 11.83 -29.53
C ARG A 313 -11.32 11.38 -28.20
N LEU A 314 -11.33 12.30 -27.24
CA LEU A 314 -10.92 12.04 -25.87
C LEU A 314 -12.17 11.95 -25.00
N LEU A 315 -12.31 10.85 -24.26
CA LEU A 315 -13.50 10.59 -23.47
C LEU A 315 -13.11 10.15 -22.07
N THR A 316 -14.10 10.10 -21.20
CA THR A 316 -13.99 9.63 -19.83
C THR A 316 -14.94 8.48 -19.52
N CYS A 317 -16.14 8.49 -20.11
CA CYS A 317 -17.17 7.52 -19.80
C CYS A 317 -17.65 6.81 -21.06
N ILE A 318 -18.08 5.56 -20.87
CA ILE A 318 -18.64 4.74 -21.93
C ILE A 318 -20.10 4.44 -21.57
N ASP A 319 -21.00 4.66 -22.51
CA ASP A 319 -22.40 4.28 -22.31
C ASP A 319 -22.93 3.52 -23.53
N SER A 320 -24.24 3.25 -23.55
CA SER A 320 -24.82 2.37 -24.56
C SER A 320 -24.90 3.00 -25.95
N THR A 321 -24.58 4.28 -26.08
CA THR A 321 -24.55 4.93 -27.38
C THR A 321 -23.20 4.76 -28.09
N PHE A 322 -22.30 3.95 -27.52
CA PHE A 322 -21.01 3.72 -28.14
C PHE A 322 -21.16 2.94 -29.44
N ASN A 323 -20.36 3.32 -30.44
CA ASN A 323 -20.33 2.65 -31.74
C ASN A 323 -19.05 1.85 -31.85
N TRP A 324 -19.18 0.54 -32.02
CA TRP A 324 -18.02 -0.35 -32.08
C TRP A 324 -17.32 -0.32 -33.43
N GLN A 325 -17.69 0.63 -34.30
CA GLN A 325 -16.81 0.97 -35.42
C GLN A 325 -15.50 1.57 -34.93
N HIS A 326 -15.52 2.23 -33.77
CA HIS A 326 -14.35 2.82 -33.16
C HIS A 326 -13.69 1.84 -32.19
N ARG A 327 -12.51 2.21 -31.72
CA ARG A 327 -11.75 1.41 -30.77
C ARG A 327 -11.30 2.28 -29.60
N ILE A 328 -11.00 1.64 -28.48
CA ILE A 328 -10.69 2.31 -27.23
C ILE A 328 -9.24 2.02 -26.86
N LEU A 329 -8.48 3.08 -26.57
CA LEU A 329 -7.12 2.96 -26.07
C LEU A 329 -7.03 3.65 -24.71
N LEU A 330 -6.53 2.91 -23.72
CA LEU A 330 -6.38 3.46 -22.38
C LEU A 330 -5.09 4.25 -22.28
N VAL A 331 -5.17 5.49 -21.78
CA VAL A 331 -4.02 6.37 -21.67
C VAL A 331 -3.99 7.01 -20.29
N ARG A 332 -2.83 7.55 -19.94
CA ARG A 332 -2.63 8.28 -18.69
C ARG A 332 -1.78 9.50 -18.96
N ALA A 333 -1.97 10.53 -18.14
CA ALA A 333 -1.12 11.72 -18.19
C ALA A 333 0.33 11.34 -17.91
N ARG A 334 1.24 11.92 -18.68
CA ARG A 334 2.63 11.48 -18.66
C ARG A 334 3.42 12.14 -17.54
N GLU A 335 4.56 11.54 -17.22
CA GLU A 335 5.50 12.07 -16.24
C GLU A 335 6.36 13.17 -16.86
N GLY A 336 7.26 13.74 -16.05
CA GLY A 336 8.07 14.84 -16.53
C GLY A 336 8.99 14.44 -17.66
N VAL A 337 9.33 15.42 -18.50
CA VAL A 337 10.15 15.21 -19.68
C VAL A 337 11.26 16.25 -19.72
N TRP A 338 12.28 15.97 -20.52
CA TRP A 338 13.44 16.84 -20.70
C TRP A 338 13.45 17.39 -22.12
N ILE A 339 13.61 18.70 -22.24
CA ILE A 339 13.51 19.37 -23.53
C ILE A 339 14.52 20.53 -23.59
N PRO A 340 15.28 20.68 -24.68
CA PRO A 340 16.12 21.86 -24.84
C PRO A 340 15.36 23.03 -25.45
N CYS A 341 15.57 24.21 -24.87
CA CYS A 341 14.97 25.44 -25.35
C CYS A 341 16.01 26.55 -25.38
N SER A 342 15.77 27.55 -26.21
CA SER A 342 16.74 28.61 -26.46
C SER A 342 16.28 29.92 -25.83
N MET A 343 17.24 30.66 -25.28
CA MET A 343 17.03 31.97 -24.70
C MET A 343 17.86 33.00 -25.46
N ASP A 344 17.58 34.28 -25.18
CA ASP A 344 18.32 35.37 -25.80
C ASP A 344 19.42 35.92 -24.90
N ARG A 345 19.60 35.37 -23.72
CA ARG A 345 20.62 35.81 -22.79
C ARG A 345 21.18 34.58 -22.08
N PRO A 346 22.38 34.69 -21.50
CA PRO A 346 22.94 33.56 -20.77
C PRO A 346 22.17 33.25 -19.50
N TRP A 347 22.34 32.02 -19.03
CA TRP A 347 21.67 31.55 -17.83
C TRP A 347 22.05 32.39 -16.61
N GLU A 348 21.07 32.68 -15.77
CA GLU A 348 21.27 33.47 -14.56
C GLU A 348 20.64 32.77 -13.37
N ALA A 349 21.26 32.93 -12.21
CA ALA A 349 20.77 32.32 -10.98
C ALA A 349 19.89 33.27 -10.18
N SER A 350 20.24 34.54 -10.10
CA SER A 350 19.49 35.53 -9.35
C SER A 350 19.44 36.83 -10.14
N PRO A 351 18.46 37.69 -9.85
CA PRO A 351 18.40 38.99 -10.53
C PRO A 351 19.20 40.08 -9.82
N SER A 352 20.12 39.68 -8.92
CA SER A 352 20.85 40.68 -8.12
C SER A 352 21.66 41.62 -9.01
N ILE A 353 22.35 41.08 -10.01
CA ILE A 353 23.06 41.93 -10.96
C ILE A 353 22.07 42.81 -11.72
N HIS A 354 20.93 42.24 -12.11
CA HIS A 354 19.91 43.01 -12.81
C HIS A 354 19.41 44.18 -11.97
N ILE A 355 19.24 43.96 -10.66
CA ILE A 355 18.73 45.01 -9.80
C ILE A 355 19.70 46.18 -9.74
N LEU A 356 21.00 45.90 -9.63
CA LEU A 356 22.00 46.97 -9.57
C LEU A 356 22.01 47.80 -10.85
N THR A 357 21.50 47.25 -11.95
CA THR A 357 21.51 47.99 -13.21
C THR A 357 20.62 49.22 -13.14
N GLU A 358 19.39 49.08 -12.64
CA GLU A 358 18.51 50.22 -12.50
C GLU A 358 18.79 51.05 -11.24
N VAL A 359 19.55 50.50 -10.29
CA VAL A 359 19.97 51.31 -9.15
C VAL A 359 20.97 52.37 -9.60
N LEU A 360 21.95 51.98 -10.43
CA LEU A 360 22.90 52.94 -10.96
C LEU A 360 22.21 53.94 -11.89
N LYS A 361 21.26 53.46 -12.69
CA LYS A 361 20.49 54.38 -13.54
C LYS A 361 19.67 55.35 -12.72
N GLY A 362 19.21 54.93 -11.53
CA GLY A 362 18.42 55.78 -10.68
C GLY A 362 19.19 56.78 -9.85
N VAL A 363 20.52 56.74 -9.90
CA VAL A 363 21.35 57.68 -9.16
C VAL A 363 21.40 59.02 -9.89
N ASN B 4 38.37 28.65 13.13
CA ASN B 4 37.45 27.70 12.51
C ASN B 4 36.03 27.89 13.03
N TYR B 5 35.06 27.47 12.22
CA TYR B 5 33.65 27.49 12.60
C TYR B 5 33.07 26.13 12.27
N THR B 6 32.57 25.42 13.27
CA THR B 6 32.01 24.09 13.11
C THR B 6 30.50 24.16 13.22
N TYR B 7 29.81 23.61 12.22
CA TYR B 7 28.36 23.67 12.13
C TYR B 7 27.79 22.27 11.96
N TRP B 8 26.54 22.11 12.34
CA TRP B 8 25.81 20.87 12.10
C TRP B 8 25.35 20.79 10.65
N ALA B 9 25.51 19.63 10.04
CA ALA B 9 25.17 19.42 8.64
C ALA B 9 24.38 18.13 8.47
N TYR B 10 23.41 18.16 7.57
CA TYR B 10 22.56 17.01 7.28
C TYR B 10 22.91 16.46 5.89
N VAL B 11 23.23 15.17 5.84
CA VAL B 11 23.59 14.48 4.60
C VAL B 11 22.46 13.51 4.27
N PRO B 12 21.61 13.81 3.28
CA PRO B 12 20.44 12.95 3.04
C PRO B 12 20.77 11.61 2.40
N PHE B 13 21.87 11.49 1.66
CA PHE B 13 22.23 10.24 0.97
C PHE B 13 23.67 9.87 1.30
N PRO B 14 23.92 9.37 2.50
CA PRO B 14 25.29 8.99 2.88
C PRO B 14 25.67 7.65 2.27
N PRO B 15 26.96 7.44 1.96
CA PRO B 15 27.43 6.15 1.46
C PRO B 15 27.63 5.11 2.56
N LEU B 16 26.65 4.98 3.44
CA LEU B 16 26.67 4.03 4.54
C LEU B 16 25.59 2.97 4.33
N ILE B 17 25.63 1.93 5.16
CA ILE B 17 24.68 0.84 5.08
C ILE B 17 24.15 0.52 6.47
N ARG B 18 22.94 -0.06 6.48
CA ARG B 18 22.26 -0.48 7.70
C ARG B 18 21.93 -1.96 7.58
N ALA B 19 22.00 -2.67 8.70
CA ALA B 19 21.65 -4.09 8.73
C ALA B 19 20.14 -4.28 8.75
N VAL B 20 19.66 -5.28 8.01
CA VAL B 20 18.25 -5.64 8.02
C VAL B 20 17.99 -6.55 9.21
N THR B 21 16.97 -6.23 10.00
CA THR B 21 16.70 -6.94 11.24
C THR B 21 15.40 -7.73 11.15
N TRP B 22 15.18 -8.58 12.14
CA TRP B 22 13.98 -9.40 12.22
C TRP B 22 12.72 -8.59 12.47
N MET B 23 12.85 -7.33 12.88
CA MET B 23 11.70 -6.44 13.00
C MET B 23 11.31 -5.79 11.68
N ASP B 24 12.08 -6.02 10.62
CA ASP B 24 11.73 -5.52 9.30
C ASP B 24 10.64 -6.38 8.66
N ASN B 25 9.94 -5.79 7.72
CA ASN B 25 8.99 -6.54 6.90
C ASN B 25 9.74 -7.23 5.75
N PRO B 26 9.16 -8.30 5.19
CA PRO B 26 9.90 -9.09 4.20
C PRO B 26 10.29 -8.28 2.97
N ILE B 27 11.45 -8.62 2.41
CA ILE B 27 11.99 -7.99 1.22
C ILE B 27 11.84 -8.96 0.04
N GLU B 28 12.16 -8.48 -1.15
CA GLU B 28 12.00 -9.25 -2.38
C GLU B 28 13.31 -9.93 -2.76
N VAL B 29 13.24 -11.22 -3.04
CA VAL B 29 14.35 -12.00 -3.58
C VAL B 29 13.90 -12.62 -4.90
N TYR B 30 14.64 -12.37 -5.96
CA TYR B 30 14.27 -12.80 -7.30
C TYR B 30 15.07 -14.05 -7.70
N VAL B 31 14.38 -15.05 -8.22
CA VAL B 31 14.99 -16.26 -8.75
C VAL B 31 14.80 -16.26 -10.27
N ASN B 32 15.66 -17.01 -10.96
CA ASN B 32 15.69 -17.00 -12.41
C ASN B 32 15.08 -18.24 -13.06
N ASP B 33 14.35 -19.06 -12.30
CA ASP B 33 13.76 -20.29 -12.84
C ASP B 33 12.33 -20.42 -12.34
N SER B 34 11.36 -20.11 -13.21
CA SER B 34 9.96 -20.17 -12.85
C SER B 34 9.41 -21.60 -12.77
N VAL B 35 10.07 -22.55 -13.43
CA VAL B 35 9.54 -23.91 -13.50
C VAL B 35 9.54 -24.56 -12.12
N TRP B 36 10.59 -24.32 -11.33
CA TRP B 36 10.78 -25.03 -10.08
C TRP B 36 10.59 -24.18 -8.84
N VAL B 37 10.66 -22.86 -8.95
CA VAL B 37 10.58 -21.97 -7.79
C VAL B 37 9.52 -20.90 -8.05
N PRO B 38 8.66 -20.61 -7.07
CA PRO B 38 7.67 -19.54 -7.25
C PRO B 38 8.33 -18.17 -7.37
N GLY B 39 7.51 -17.18 -7.70
CA GLY B 39 7.98 -15.84 -7.95
C GLY B 39 8.28 -15.08 -6.67
N PRO B 40 8.79 -13.86 -6.83
CA PRO B 40 9.05 -13.10 -8.07
C PRO B 40 10.23 -13.61 -8.89
N ILE B 41 10.17 -13.41 -10.20
CA ILE B 41 11.11 -14.00 -11.15
C ILE B 41 11.88 -12.90 -11.86
N ASP B 42 13.19 -13.08 -11.98
CA ASP B 42 14.02 -12.22 -12.82
C ASP B 42 15.24 -13.04 -13.26
N ASP B 43 15.42 -13.17 -14.57
CA ASP B 43 16.51 -13.98 -15.11
C ASP B 43 17.69 -13.14 -15.61
N ARG B 44 17.68 -11.83 -15.38
CA ARG B 44 18.78 -10.98 -15.80
C ARG B 44 19.96 -11.08 -14.85
N CYS B 45 21.14 -10.80 -15.36
CA CYS B 45 22.35 -10.70 -14.57
C CYS B 45 22.37 -9.37 -13.81
N PRO B 46 23.24 -9.23 -12.81
CA PRO B 46 23.33 -7.95 -12.11
C PRO B 46 23.67 -6.81 -13.06
N ALA B 47 23.12 -5.64 -12.76
CA ALA B 47 23.27 -4.49 -13.64
C ALA B 47 24.72 -4.08 -13.82
N LYS B 48 25.55 -4.27 -12.80
CA LYS B 48 26.98 -3.97 -12.85
C LYS B 48 27.75 -5.22 -12.46
N PRO B 49 27.89 -6.19 -13.39
CA PRO B 49 28.56 -7.44 -13.04
C PRO B 49 30.02 -7.27 -12.65
N GLU B 50 30.66 -6.18 -13.07
CA GLU B 50 32.07 -5.96 -12.76
C GLU B 50 32.30 -5.49 -11.33
N GLU B 51 31.26 -5.11 -10.60
CA GLU B 51 31.39 -4.61 -9.24
C GLU B 51 31.16 -5.67 -8.17
N GLU B 52 30.67 -6.85 -8.54
CA GLU B 52 30.38 -7.88 -7.55
C GLU B 52 31.66 -8.40 -6.92
N GLY B 53 31.69 -8.47 -5.59
CA GLY B 53 32.81 -9.01 -4.87
C GLY B 53 33.81 -8.01 -4.34
N MET B 54 33.48 -6.72 -4.34
CA MET B 54 34.40 -5.72 -3.80
C MET B 54 34.53 -5.88 -2.29
N MET B 55 35.76 -5.70 -1.80
CA MET B 55 36.07 -5.91 -0.39
C MET B 55 35.80 -4.65 0.42
N ILE B 56 35.44 -4.85 1.69
CA ILE B 56 35.07 -3.75 2.57
C ILE B 56 35.27 -4.20 4.01
N ASN B 57 35.59 -3.25 4.88
CA ASN B 57 35.65 -3.46 6.32
C ASN B 57 34.43 -2.82 6.96
N ILE B 58 33.77 -3.55 7.86
CA ILE B 58 32.48 -3.14 8.39
C ILE B 58 32.53 -3.17 9.91
N SER B 59 32.00 -2.10 10.54
CA SER B 59 31.85 -2.03 11.99
C SER B 59 30.64 -1.16 12.29
N ILE B 60 29.49 -1.80 12.54
CA ILE B 60 28.23 -1.11 12.73
C ILE B 60 27.53 -1.64 13.98
N GLY B 61 26.54 -0.88 14.43
CA GLY B 61 25.66 -1.30 15.50
C GLY B 61 24.25 -1.56 14.99
N TYR B 62 23.40 -1.99 15.92
CA TYR B 62 22.02 -2.29 15.59
C TYR B 62 21.15 -2.09 16.83
N ARG B 63 19.84 -2.04 16.60
CA ARG B 63 18.84 -1.97 17.66
C ARG B 63 18.07 -3.27 17.84
N TYR B 64 17.72 -3.92 16.74
CA TYR B 64 17.07 -5.22 16.74
C TYR B 64 17.99 -6.27 16.10
N PRO B 65 17.85 -7.53 16.48
CA PRO B 65 18.81 -8.56 16.01
C PRO B 65 18.87 -8.63 14.50
N PRO B 66 20.08 -8.65 13.94
CA PRO B 66 20.21 -8.71 12.48
C PRO B 66 19.89 -10.09 11.93
N ILE B 67 19.57 -10.11 10.63
CA ILE B 67 19.27 -11.35 9.92
C ILE B 67 20.55 -11.82 9.24
N CYS B 68 21.08 -12.96 9.70
CA CYS B 68 22.31 -13.52 9.17
C CYS B 68 22.12 -15.01 8.92
N LEU B 69 22.77 -15.51 7.88
CA LEU B 69 22.71 -16.92 7.50
C LEU B 69 24.13 -17.48 7.46
N GLY B 70 24.31 -18.63 8.09
CA GLY B 70 25.59 -19.30 8.09
C GLY B 70 25.79 -20.07 9.38
N ARG B 71 27.05 -20.46 9.62
CA ARG B 71 27.41 -21.28 10.78
C ARG B 71 28.22 -20.41 11.74
N ALA B 72 27.53 -19.70 12.62
CA ALA B 72 28.16 -18.87 13.64
C ALA B 72 27.07 -18.42 14.62
N PRO B 73 27.46 -17.93 15.80
CA PRO B 73 26.48 -17.36 16.72
C PRO B 73 25.71 -16.21 16.07
N GLY B 74 24.40 -16.20 16.26
CA GLY B 74 23.55 -15.16 15.71
C GLY B 74 23.13 -15.37 14.26
N CYS B 75 23.51 -16.49 13.65
CA CYS B 75 23.15 -16.77 12.26
C CYS B 75 22.44 -18.12 12.18
N LEU B 76 21.51 -18.23 11.24
CA LEU B 76 20.74 -19.45 11.06
C LEU B 76 21.51 -20.43 10.17
N MET B 77 21.63 -21.67 10.63
CA MET B 77 22.34 -22.70 9.89
C MET B 77 21.49 -23.23 8.74
N PRO B 78 22.11 -23.54 7.60
CA PRO B 78 21.37 -24.16 6.49
C PRO B 78 21.46 -25.68 6.51
N ALA B 79 20.43 -26.30 5.94
CA ALA B 79 20.39 -27.75 5.78
C ALA B 79 19.42 -28.09 4.65
N VAL B 80 19.42 -29.36 4.26
CA VAL B 80 18.59 -29.82 3.15
C VAL B 80 17.19 -30.13 3.64
N GLN B 81 16.19 -29.70 2.86
CA GLN B 81 14.79 -30.03 3.11
C GLN B 81 14.23 -30.79 1.91
N ASN B 82 13.32 -31.72 2.19
CA ASN B 82 12.74 -32.58 1.16
C ASN B 82 11.23 -32.35 1.10
N TRP B 83 10.72 -32.14 -0.11
CA TRP B 83 9.29 -32.06 -0.36
C TRP B 83 8.88 -33.22 -1.27
N LEU B 84 7.88 -33.98 -0.84
CA LEU B 84 7.51 -35.23 -1.49
C LEU B 84 6.04 -35.18 -1.92
N VAL B 85 5.78 -35.57 -3.16
CA VAL B 85 4.42 -35.69 -3.70
C VAL B 85 4.10 -37.17 -3.80
N GLU B 86 2.96 -37.57 -3.24
CA GLU B 86 2.56 -38.98 -3.17
C GLU B 86 1.31 -39.19 -4.01
N VAL B 87 1.34 -40.22 -4.86
CA VAL B 87 0.23 -40.56 -5.74
C VAL B 87 -0.20 -41.98 -5.43
N PRO B 88 -1.44 -42.21 -4.99
CA PRO B 88 -1.87 -43.59 -4.70
C PRO B 88 -1.92 -44.43 -5.96
N THR B 89 -1.55 -45.70 -5.82
CA THR B 89 -1.52 -46.65 -6.92
C THR B 89 -2.44 -47.82 -6.60
N VAL B 90 -3.27 -48.20 -7.57
CA VAL B 90 -4.18 -49.34 -7.43
C VAL B 90 -3.43 -50.57 -7.92
N SER B 91 -2.77 -51.26 -7.00
CA SER B 91 -1.99 -52.45 -7.31
C SER B 91 -1.72 -53.20 -6.03
N PRO B 92 -1.77 -54.54 -6.04
CA PRO B 92 -1.51 -55.30 -4.81
C PRO B 92 -0.05 -55.38 -4.41
N ILE B 93 0.87 -54.88 -5.24
CA ILE B 93 2.30 -54.97 -4.95
C ILE B 93 2.96 -53.62 -4.77
N SER B 94 2.27 -52.52 -5.08
CA SER B 94 2.82 -51.18 -4.89
C SER B 94 1.80 -50.30 -4.19
N ARG B 95 2.30 -49.37 -3.38
CA ARG B 95 1.45 -48.47 -2.62
C ARG B 95 1.37 -47.08 -3.23
N PHE B 96 2.52 -46.44 -3.49
CA PHE B 96 2.55 -45.08 -4.01
C PHE B 96 3.61 -44.96 -5.09
N THR B 97 3.45 -43.96 -5.94
CA THR B 97 4.52 -43.44 -6.78
C THR B 97 4.92 -42.08 -6.26
N TYR B 98 6.22 -41.77 -6.33
CA TYR B 98 6.79 -40.62 -5.64
C TYR B 98 7.43 -39.64 -6.60
N HIS B 99 7.32 -38.35 -6.29
CA HIS B 99 8.15 -37.30 -6.85
C HIS B 99 8.68 -36.46 -5.70
N MET B 100 9.99 -36.22 -5.69
CA MET B 100 10.63 -35.53 -4.57
C MET B 100 11.56 -34.43 -5.08
N VAL B 101 11.61 -33.35 -4.31
CA VAL B 101 12.51 -32.22 -4.57
C VAL B 101 13.34 -31.99 -3.32
N SER B 102 14.64 -31.85 -3.49
CA SER B 102 15.57 -31.59 -2.38
C SER B 102 16.30 -30.28 -2.64
N GLY B 103 16.36 -29.43 -1.61
CA GLY B 103 17.02 -28.14 -1.74
C GLY B 103 17.58 -27.65 -0.42
N MET B 104 18.51 -26.71 -0.51
CA MET B 104 19.09 -26.10 0.68
C MET B 104 18.07 -25.20 1.36
N SER B 105 17.96 -25.32 2.68
CA SER B 105 16.90 -24.66 3.43
C SER B 105 17.42 -24.32 4.81
N LEU B 106 16.52 -24.05 5.75
CA LEU B 106 16.87 -23.68 7.12
C LEU B 106 16.81 -24.89 8.04
N ARG B 107 17.81 -25.02 8.90
CA ARG B 107 17.99 -26.22 9.72
C ARG B 107 17.27 -26.06 11.05
N PRO B 108 16.37 -26.97 11.42
CA PRO B 108 15.80 -26.95 12.77
C PRO B 108 16.80 -27.45 13.81
N ARG B 109 16.58 -27.04 15.05
CA ARG B 109 17.36 -27.55 16.17
C ARG B 109 16.97 -29.00 16.46
N VAL B 110 17.83 -29.68 17.22
CA VAL B 110 17.73 -31.12 17.44
C VAL B 110 17.59 -31.40 18.92
N ASN B 111 16.65 -32.27 19.28
CA ASN B 111 16.53 -32.78 20.64
C ASN B 111 17.52 -33.91 20.84
N TYR B 112 18.54 -33.67 21.67
CA TYR B 112 19.53 -34.69 21.96
C TYR B 112 19.07 -35.69 23.01
N LEU B 113 17.97 -35.41 23.70
CA LEU B 113 17.40 -36.40 24.63
C LEU B 113 16.68 -37.51 23.86
N GLN B 114 15.92 -37.14 22.83
CA GLN B 114 15.20 -38.11 22.02
C GLN B 114 16.10 -38.60 20.89
N ASP B 115 15.52 -39.30 19.91
CA ASP B 115 16.28 -39.86 18.80
C ASP B 115 16.58 -38.79 17.75
N PHE B 116 17.25 -37.72 18.21
CA PHE B 116 17.66 -36.60 17.36
C PHE B 116 16.47 -35.97 16.65
N SER B 117 15.34 -35.86 17.36
CA SER B 117 14.16 -35.23 16.80
C SER B 117 14.25 -33.71 16.89
N TYR B 118 13.39 -33.04 16.13
CA TYR B 118 13.41 -31.58 16.08
C TYR B 118 12.85 -30.99 17.38
N GLN B 119 13.43 -29.87 17.79
CA GLN B 119 12.86 -29.09 18.89
C GLN B 119 11.61 -28.37 18.40
N ARG B 120 10.54 -28.41 19.18
CA ARG B 120 9.24 -27.95 18.75
C ARG B 120 8.65 -26.97 19.75
N SER B 121 7.71 -26.16 19.27
CA SER B 121 7.05 -25.15 20.09
C SER B 121 5.62 -24.99 19.62
N LEU B 122 4.75 -24.58 20.54
CA LEU B 122 3.35 -24.33 20.24
C LEU B 122 2.95 -22.87 20.42
N LYS B 123 3.91 -21.98 20.59
CA LYS B 123 3.62 -20.57 20.87
C LYS B 123 3.28 -19.81 19.61
N PHE B 124 2.29 -18.92 19.72
CA PHE B 124 1.92 -17.97 18.67
C PHE B 124 1.57 -18.68 17.35
N ARG B 125 0.52 -19.49 17.42
CA ARG B 125 0.06 -20.18 16.22
C ARG B 125 -0.63 -19.21 15.28
N PRO B 126 -0.20 -19.11 14.03
CA PRO B 126 -0.81 -18.15 13.09
C PRO B 126 -2.08 -18.71 12.47
N LYS B 127 -2.78 -17.82 11.78
CA LYS B 127 -3.97 -18.20 11.02
C LYS B 127 -3.57 -18.64 9.62
N GLY B 128 -4.27 -19.65 9.12
CA GLY B 128 -4.01 -20.14 7.78
C GLY B 128 -4.58 -21.52 7.59
N LYS B 129 -4.44 -22.00 6.36
CA LYS B 129 -4.94 -23.32 6.00
C LYS B 129 -4.11 -24.40 6.70
N PRO B 130 -4.74 -25.34 7.40
CA PRO B 130 -3.96 -26.41 8.05
C PRO B 130 -3.30 -27.32 7.02
N CYS B 131 -2.20 -27.93 7.44
CA CYS B 131 -1.49 -28.86 6.57
C CYS B 131 -2.31 -30.15 6.42
N PRO B 132 -2.37 -30.70 5.20
CA PRO B 132 -3.16 -31.92 5.00
C PRO B 132 -2.58 -33.10 5.74
N LYS B 133 -3.48 -34.00 6.16
CA LYS B 133 -3.10 -35.22 6.85
C LYS B 133 -3.36 -36.46 6.04
N GLU B 134 -3.99 -36.32 4.86
CA GLU B 134 -4.35 -37.46 4.03
C GLU B 134 -3.93 -37.20 2.59
N ILE B 135 -3.55 -38.26 1.91
CA ILE B 135 -3.17 -38.17 0.50
C ILE B 135 -4.43 -37.99 -0.35
N PRO B 136 -4.47 -37.00 -1.24
CA PRO B 136 -5.64 -36.87 -2.13
C PRO B 136 -5.76 -38.08 -3.04
N LYS B 137 -7.02 -38.47 -3.31
CA LYS B 137 -7.27 -39.65 -4.11
C LYS B 137 -6.82 -39.51 -5.55
N GLU B 138 -6.61 -38.28 -6.03
CA GLU B 138 -6.15 -38.04 -7.38
C GLU B 138 -5.28 -36.80 -7.41
N SER B 139 -4.26 -36.80 -8.26
CA SER B 139 -3.36 -35.67 -8.42
C SER B 139 -2.93 -35.60 -9.87
N LYS B 140 -3.44 -34.61 -10.60
CA LYS B 140 -3.10 -34.42 -12.00
C LYS B 140 -1.93 -33.46 -12.14
N ASN B 141 -1.20 -33.60 -13.25
CA ASN B 141 -0.05 -32.75 -13.56
C ASN B 141 1.02 -32.86 -12.46
N THR B 142 1.53 -34.07 -12.27
CA THR B 142 2.54 -34.29 -11.25
C THR B 142 3.88 -33.67 -11.64
N GLU B 143 4.14 -33.51 -12.93
CA GLU B 143 5.40 -32.95 -13.38
C GLU B 143 5.58 -31.50 -12.93
N VAL B 144 4.51 -30.70 -13.01
CA VAL B 144 4.54 -29.34 -12.49
C VAL B 144 4.25 -29.37 -11.00
N LEU B 145 5.09 -28.69 -10.23
CA LEU B 145 4.99 -28.68 -8.78
C LEU B 145 4.29 -27.40 -8.33
N VAL B 146 3.29 -27.53 -7.46
CA VAL B 146 2.49 -26.42 -6.98
C VAL B 146 2.82 -26.19 -5.51
N TRP B 147 3.34 -25.00 -5.22
CA TRP B 147 3.70 -24.63 -3.86
C TRP B 147 2.54 -23.89 -3.19
N GLU B 148 2.16 -24.35 -2.00
CA GLU B 148 1.07 -23.74 -1.25
C GLU B 148 1.49 -23.50 0.19
N GLU B 149 1.17 -22.31 0.70
CA GLU B 149 1.44 -21.99 2.10
C GLU B 149 0.63 -22.90 3.01
N CYS B 150 1.22 -23.26 4.16
CA CYS B 150 0.65 -24.28 5.01
C CYS B 150 1.02 -24.01 6.46
N VAL B 151 0.13 -24.37 7.37
CA VAL B 151 0.35 -24.26 8.81
C VAL B 151 0.47 -25.67 9.38
N ALA B 152 1.56 -25.94 10.09
CA ALA B 152 1.83 -27.26 10.64
C ALA B 152 1.17 -27.44 12.00
N ASN B 153 1.09 -28.70 12.44
CA ASN B 153 0.54 -29.01 13.75
C ASN B 153 1.37 -28.40 14.86
N SER B 154 2.67 -28.19 14.63
CA SER B 154 3.56 -27.58 15.61
C SER B 154 4.66 -26.85 14.87
N ALA B 155 5.28 -25.90 15.56
CA ALA B 155 6.37 -25.10 15.00
C ALA B 155 7.72 -25.71 15.37
N VAL B 156 8.67 -25.62 14.45
CA VAL B 156 10.04 -26.02 14.74
C VAL B 156 10.80 -24.81 15.26
N ILE B 157 11.86 -25.08 16.03
CA ILE B 157 12.68 -24.04 16.63
C ILE B 157 13.98 -23.95 15.86
N LEU B 158 14.31 -22.73 15.40
CA LEU B 158 15.54 -22.50 14.66
C LEU B 158 16.64 -21.87 15.52
N GLN B 159 16.28 -21.28 16.66
CA GLN B 159 17.24 -20.61 17.54
C GLN B 159 16.60 -20.36 18.90
N ASN B 160 17.29 -20.73 19.97
CA ASN B 160 16.76 -20.56 21.33
C ASN B 160 17.85 -20.09 22.29
N ASN B 161 18.64 -19.09 21.88
CA ASN B 161 19.75 -18.64 22.72
C ASN B 161 19.70 -17.15 23.00
N GLU B 162 20.78 -16.59 23.53
CA GLU B 162 20.84 -15.18 23.91
C GLU B 162 20.70 -14.23 22.72
N PHE B 163 20.83 -14.73 21.49
CA PHE B 163 20.61 -13.90 20.31
C PHE B 163 19.13 -13.77 19.93
N GLY B 164 18.24 -14.50 20.59
CA GLY B 164 16.83 -14.47 20.29
C GLY B 164 16.26 -15.85 20.05
N THR B 165 14.94 -15.89 19.91
CA THR B 165 14.21 -17.14 19.70
C THR B 165 13.48 -17.05 18.36
N ILE B 166 13.83 -17.94 17.44
CA ILE B 166 13.27 -17.98 16.10
C ILE B 166 12.52 -19.29 15.94
N ILE B 167 11.24 -19.22 15.54
CA ILE B 167 10.42 -20.39 15.30
C ILE B 167 9.77 -20.28 13.94
N ASP B 168 9.37 -21.44 13.40
CA ASP B 168 8.85 -21.53 12.04
C ASP B 168 7.68 -22.51 12.02
N TRP B 169 6.53 -22.05 11.56
CA TRP B 169 5.30 -22.84 11.54
C TRP B 169 5.08 -23.60 10.24
N ALA B 170 6.01 -23.52 9.29
CA ALA B 170 5.93 -24.34 8.10
C ALA B 170 6.30 -25.78 8.42
N PRO B 171 5.71 -26.74 7.71
CA PRO B 171 5.98 -28.16 8.00
C PRO B 171 7.36 -28.60 7.54
N ARG B 172 7.80 -29.72 8.13
CA ARG B 172 8.99 -30.44 7.70
C ARG B 172 8.61 -31.90 7.51
N GLY B 173 9.10 -32.49 6.41
CA GLY B 173 8.70 -33.84 6.01
C GLY B 173 9.80 -34.85 6.25
N GLN B 174 9.40 -36.05 6.68
CA GLN B 174 10.33 -37.14 6.96
C GLN B 174 9.59 -38.46 6.81
N PHE B 175 10.36 -39.53 6.72
CA PHE B 175 9.82 -40.89 6.68
C PHE B 175 9.77 -41.46 8.09
N TYR B 176 8.69 -42.15 8.41
CA TYR B 176 8.49 -42.70 9.75
C TYR B 176 7.51 -43.85 9.70
N HIS B 177 7.36 -44.51 10.85
CA HIS B 177 6.39 -45.59 11.04
C HIS B 177 5.37 -45.16 12.08
N ASN B 178 4.14 -45.66 11.93
CA ASN B 178 3.06 -45.28 12.84
C ASN B 178 3.37 -45.72 14.27
N CYS B 179 3.70 -47.00 14.46
CA CYS B 179 4.08 -47.54 15.78
C CYS B 179 2.98 -47.35 16.82
N SER B 180 1.73 -47.17 16.39
CA SER B 180 0.59 -47.13 17.29
C SER B 180 -0.22 -48.40 17.10
N GLY B 181 -0.55 -49.08 18.19
CA GLY B 181 -1.14 -50.40 18.11
C GLY B 181 -0.13 -51.50 17.85
N GLN B 182 1.16 -51.20 17.98
CA GLN B 182 2.22 -52.17 17.76
C GLN B 182 3.04 -52.31 19.03
N THR B 183 4.03 -53.19 18.99
CA THR B 183 4.92 -53.40 20.11
C THR B 183 6.07 -52.41 20.06
N GLN B 184 7.04 -52.55 20.96
CA GLN B 184 8.19 -51.65 20.97
C GLN B 184 9.20 -51.98 19.87
N SER B 185 9.02 -53.09 19.15
CA SER B 185 9.92 -53.41 18.05
C SER B 185 9.78 -52.41 16.90
N CYS B 186 8.65 -51.72 16.82
CA CYS B 186 8.44 -50.72 15.78
C CYS B 186 9.38 -49.55 16.02
N PRO B 187 10.26 -49.22 15.06
CA PRO B 187 11.18 -48.10 15.28
C PRO B 187 10.45 -46.77 15.22
N SER B 188 10.70 -45.92 16.21
CA SER B 188 10.03 -44.63 16.33
C SER B 188 10.93 -43.46 15.91
N ALA B 189 11.89 -43.73 15.02
CA ALA B 189 12.80 -42.71 14.54
C ALA B 189 12.41 -42.27 13.12
N GLN B 190 12.68 -41.01 12.82
CA GLN B 190 12.41 -40.45 11.51
C GLN B 190 13.66 -40.53 10.63
N VAL B 191 13.44 -40.65 9.32
CA VAL B 191 14.50 -40.85 8.35
C VAL B 191 14.43 -39.73 7.32
N SER B 192 15.59 -39.16 6.99
CA SER B 192 15.68 -38.15 5.94
C SER B 192 16.19 -38.80 4.66
N PRO B 193 15.39 -38.86 3.60
CA PRO B 193 15.84 -39.56 2.39
C PRO B 193 17.03 -38.91 1.68
N ALA B 194 17.31 -37.64 1.93
CA ALA B 194 18.44 -36.96 1.30
C ALA B 194 19.23 -36.20 2.35
N VAL B 195 20.53 -36.08 2.09
CA VAL B 195 21.45 -35.38 3.00
C VAL B 195 22.18 -34.29 2.23
N ASP B 196 23.09 -33.58 2.90
CA ASP B 196 23.80 -32.47 2.27
C ASP B 196 24.63 -32.94 1.08
N SER B 197 25.25 -34.13 1.20
CA SER B 197 26.14 -34.62 0.15
C SER B 197 25.43 -34.82 -1.18
N ASP B 198 24.12 -35.04 -1.16
CA ASP B 198 23.38 -35.29 -2.40
C ASP B 198 23.24 -34.05 -3.26
N LEU B 199 23.59 -32.87 -2.75
CA LEU B 199 23.50 -31.64 -3.51
C LEU B 199 24.84 -31.16 -4.05
N THR B 200 25.96 -31.70 -3.54
CA THR B 200 27.28 -31.25 -3.94
C THR B 200 28.09 -32.34 -4.64
N GLU B 201 28.23 -33.51 -4.03
CA GLU B 201 29.13 -34.53 -4.52
C GLU B 201 28.51 -35.30 -5.69
N SER B 202 29.28 -35.44 -6.76
CA SER B 202 28.93 -36.28 -7.91
C SER B 202 27.57 -35.89 -8.49
N LEU B 203 27.51 -34.64 -9.00
CA LEU B 203 26.26 -34.14 -9.57
C LEU B 203 25.89 -34.90 -10.85
N ASP B 204 26.89 -35.25 -11.67
CA ASP B 204 26.61 -35.84 -12.96
C ASP B 204 26.19 -37.31 -12.89
N LYS B 205 26.46 -37.98 -11.78
CA LYS B 205 26.17 -39.41 -11.68
C LYS B 205 24.75 -39.66 -11.19
N HIS B 206 24.36 -40.94 -11.22
CA HIS B 206 23.03 -41.38 -10.82
C HIS B 206 23.01 -41.64 -9.32
N LYS B 207 21.98 -41.14 -8.66
CA LYS B 207 21.84 -41.29 -7.21
C LYS B 207 20.66 -42.19 -6.90
N HIS B 208 20.85 -43.09 -5.93
CA HIS B 208 19.83 -44.04 -5.53
C HIS B 208 19.71 -44.06 -4.02
N LYS B 209 18.50 -44.31 -3.53
CA LYS B 209 18.22 -44.39 -2.10
C LYS B 209 17.19 -45.48 -1.87
N LYS B 210 17.45 -46.34 -0.89
CA LYS B 210 16.59 -47.48 -0.61
C LYS B 210 16.30 -47.56 0.88
N LEU B 211 15.03 -47.80 1.22
CA LEU B 211 14.59 -47.97 2.60
C LEU B 211 13.77 -49.25 2.69
N GLN B 212 14.12 -50.11 3.64
CA GLN B 212 13.46 -51.40 3.80
C GLN B 212 13.09 -51.62 5.27
N SER B 213 11.87 -52.06 5.51
CA SER B 213 11.41 -52.31 6.87
C SER B 213 10.21 -53.25 6.82
N PHE B 214 9.88 -53.82 7.97
CA PHE B 214 8.72 -54.68 8.12
C PHE B 214 7.44 -53.91 8.40
N TYR B 215 7.51 -52.58 8.42
CA TYR B 215 6.35 -51.74 8.68
C TYR B 215 6.21 -50.73 7.53
N PRO B 216 4.98 -50.36 7.19
CA PRO B 216 4.77 -49.41 6.09
C PRO B 216 5.38 -48.05 6.40
N TRP B 217 5.84 -47.37 5.35
CA TRP B 217 6.47 -46.07 5.47
C TRP B 217 5.45 -44.97 5.26
N GLU B 218 5.43 -44.00 6.16
CA GLU B 218 4.56 -42.83 6.05
C GLU B 218 5.42 -41.57 5.97
N TRP B 219 4.87 -40.55 5.33
CA TRP B 219 5.55 -39.27 5.14
C TRP B 219 4.79 -38.19 5.89
N GLY B 220 5.52 -37.35 6.62
CA GLY B 220 4.92 -36.25 7.34
C GLY B 220 5.94 -35.29 7.93
N GLU B 221 5.58 -34.03 8.11
CA GLU B 221 4.27 -33.51 7.75
C GLU B 221 4.17 -33.23 6.25
N LYS B 222 2.98 -33.41 5.69
CA LYS B 222 2.76 -33.17 4.28
C LYS B 222 2.63 -31.68 3.99
N GLY B 223 2.59 -31.35 2.71
CA GLY B 223 2.44 -29.97 2.29
C GLY B 223 3.66 -29.43 1.60
N ILE B 224 3.50 -28.90 0.39
CA ILE B 224 4.61 -28.34 -0.38
C ILE B 224 4.70 -26.87 0.05
N SER B 225 5.37 -26.64 1.17
CA SER B 225 5.39 -25.33 1.80
C SER B 225 6.79 -25.02 2.30
N THR B 226 7.21 -23.78 2.14
CA THR B 226 8.56 -23.34 2.45
C THR B 226 8.62 -22.62 3.80
N PRO B 227 9.80 -22.55 4.42
CA PRO B 227 9.89 -21.96 5.77
C PRO B 227 9.46 -20.50 5.81
N ARG B 228 8.83 -20.14 6.94
CA ARG B 228 8.40 -18.76 7.20
C ARG B 228 8.79 -18.38 8.63
N PRO B 229 10.09 -18.24 8.91
CA PRO B 229 10.53 -17.99 10.29
C PRO B 229 10.18 -16.59 10.78
N LYS B 230 10.13 -16.46 12.11
CA LYS B 230 9.88 -15.18 12.75
C LYS B 230 10.52 -15.20 14.14
N ILE B 231 10.78 -14.00 14.66
CA ILE B 231 11.32 -13.85 16.01
C ILE B 231 10.18 -13.66 16.99
N ILE B 232 10.33 -14.25 18.18
CA ILE B 232 9.32 -14.12 19.22
C ILE B 232 9.89 -13.61 20.54
N SER B 233 11.21 -13.67 20.75
CA SER B 233 11.84 -13.18 21.96
C SER B 233 13.20 -12.64 21.60
N PRO B 234 13.60 -11.48 22.14
CA PRO B 234 12.88 -10.65 23.11
C PRO B 234 11.91 -9.66 22.47
N VAL B 235 11.78 -9.69 21.14
CA VAL B 235 10.84 -8.85 20.42
C VAL B 235 10.00 -9.74 19.53
N SER B 236 8.85 -9.22 19.11
CA SER B 236 7.90 -9.93 18.25
C SER B 236 7.90 -9.28 16.87
N GLY B 237 8.23 -10.07 15.85
CA GLY B 237 8.33 -9.56 14.50
C GLY B 237 7.57 -10.39 13.48
N PRO B 238 7.46 -9.87 12.26
CA PRO B 238 6.70 -10.57 11.22
C PRO B 238 7.47 -11.76 10.64
N GLU B 239 6.74 -12.58 9.89
CA GLU B 239 7.33 -13.71 9.19
C GLU B 239 8.21 -13.24 8.04
N HIS B 240 9.22 -14.04 7.72
CA HIS B 240 10.17 -13.75 6.64
C HIS B 240 10.23 -14.95 5.70
N PRO B 241 9.27 -15.06 4.78
CA PRO B 241 9.25 -16.20 3.85
C PRO B 241 10.20 -16.09 2.68
N GLU B 242 11.09 -15.10 2.65
CA GLU B 242 12.02 -14.92 1.55
C GLU B 242 13.43 -15.42 1.87
N LEU B 243 13.73 -15.73 3.13
CA LEU B 243 15.08 -16.13 3.51
C LEU B 243 15.48 -17.46 2.89
N TRP B 244 14.54 -18.40 2.75
CA TRP B 244 14.86 -19.69 2.14
C TRP B 244 15.26 -19.55 0.69
N ARG B 245 14.84 -18.49 0.01
CA ARG B 245 15.17 -18.31 -1.40
C ARG B 245 16.67 -18.06 -1.59
N LEU B 246 17.33 -17.43 -0.61
CA LEU B 246 18.77 -17.19 -0.72
C LEU B 246 19.56 -18.47 -0.50
N THR B 247 19.12 -19.32 0.44
CA THR B 247 19.86 -20.54 0.72
C THR B 247 19.72 -21.58 -0.39
N VAL B 248 18.56 -21.63 -1.04
CA VAL B 248 18.31 -22.68 -2.03
C VAL B 248 19.18 -22.50 -3.26
N ALA B 249 19.55 -21.25 -3.59
CA ALA B 249 20.39 -21.00 -4.75
C ALA B 249 21.86 -21.27 -4.49
N SER B 250 22.26 -21.49 -3.24
CA SER B 250 23.66 -21.77 -2.93
C SER B 250 24.10 -23.15 -3.42
N HIS B 251 23.14 -24.05 -3.69
CA HIS B 251 23.44 -25.37 -4.22
C HIS B 251 22.48 -25.68 -5.36
N HIS B 252 22.78 -26.74 -6.09
CA HIS B 252 21.80 -27.30 -7.01
C HIS B 252 20.63 -27.90 -6.24
N ILE B 253 19.48 -27.97 -6.89
CA ILE B 253 18.33 -28.71 -6.38
C ILE B 253 18.25 -30.03 -7.13
N ARG B 254 17.86 -31.08 -6.41
CA ARG B 254 17.80 -32.42 -6.97
C ARG B 254 16.36 -32.89 -7.06
N ILE B 255 16.01 -33.48 -8.21
CA ILE B 255 14.67 -33.99 -8.48
C ILE B 255 14.72 -35.50 -8.49
N TRP B 256 13.87 -36.14 -7.69
CA TRP B 256 13.80 -37.59 -7.58
C TRP B 256 12.47 -38.11 -8.09
N SER B 257 12.43 -39.43 -8.31
CA SER B 257 11.19 -40.15 -8.55
C SER B 257 11.36 -41.56 -7.98
N GLY B 258 10.25 -42.21 -7.70
CA GLY B 258 10.32 -43.55 -7.13
C GLY B 258 8.96 -44.10 -6.79
N ASN B 259 8.96 -45.10 -5.91
CA ASN B 259 7.75 -45.82 -5.56
C ASN B 259 7.95 -46.49 -4.20
N GLN B 260 6.84 -46.95 -3.63
CA GLN B 260 6.86 -47.86 -2.49
C GLN B 260 6.20 -49.17 -2.91
N THR B 261 6.90 -50.28 -2.71
CA THR B 261 6.42 -51.59 -3.11
C THR B 261 6.38 -52.53 -1.92
N LEU B 262 5.67 -53.65 -2.11
CA LEU B 262 5.43 -54.63 -1.05
C LEU B 262 5.70 -56.03 -1.56
N GLU B 263 6.38 -56.83 -0.74
CA GLU B 263 6.63 -58.22 -1.06
C GLU B 263 6.66 -59.03 0.23
N THR B 264 6.46 -60.35 0.09
CA THR B 264 6.35 -61.23 1.23
C THR B 264 7.73 -61.79 1.60
N ARG B 265 8.21 -61.43 2.79
CA ARG B 265 9.48 -61.91 3.31
C ARG B 265 9.25 -62.50 4.70
N ASP B 266 9.74 -63.72 4.90
CA ASP B 266 9.56 -64.46 6.16
C ASP B 266 8.08 -64.60 6.51
N ARG B 267 7.27 -64.90 5.50
CA ARG B 267 5.80 -65.11 5.69
C ARG B 267 5.09 -63.87 6.27
N LYS B 268 5.68 -62.67 6.12
CA LYS B 268 5.04 -61.44 6.58
C LYS B 268 5.37 -60.32 5.60
N PRO B 269 4.49 -59.32 5.49
CA PRO B 269 4.71 -58.26 4.50
C PRO B 269 6.02 -57.51 4.74
N PHE B 270 6.67 -57.14 3.63
CA PHE B 270 7.92 -56.40 3.65
C PHE B 270 7.79 -55.19 2.73
N TYR B 271 8.09 -54.01 3.25
CA TYR B 271 7.86 -52.75 2.53
C TYR B 271 9.18 -52.09 2.17
N THR B 272 9.28 -51.62 0.94
CA THR B 272 10.51 -51.04 0.40
C THR B 272 10.19 -49.73 -0.31
N VAL B 273 11.04 -48.72 -0.08
CA VAL B 273 10.96 -47.44 -0.75
C VAL B 273 12.20 -47.29 -1.63
N ASP B 274 11.99 -47.05 -2.93
CA ASP B 274 13.05 -46.81 -3.88
C ASP B 274 12.93 -45.39 -4.43
N LEU B 275 14.04 -44.67 -4.45
CA LEU B 275 14.12 -43.35 -5.05
C LEU B 275 15.38 -43.25 -5.89
N ASN B 276 15.26 -42.68 -7.08
CA ASN B 276 16.41 -42.49 -7.96
C ASN B 276 16.37 -41.11 -8.58
N SER B 277 17.56 -40.61 -8.92
CA SER B 277 17.67 -39.28 -9.50
C SER B 277 18.89 -39.22 -10.41
N SER B 278 18.73 -38.56 -11.56
CA SER B 278 19.85 -38.21 -12.42
C SER B 278 19.73 -36.80 -12.97
N LEU B 279 18.99 -35.93 -12.28
CA LEU B 279 18.70 -34.59 -12.76
C LEU B 279 18.90 -33.58 -11.64
N THR B 280 19.63 -32.50 -11.94
CA THR B 280 19.81 -31.38 -11.04
C THR B 280 19.58 -30.09 -11.79
N VAL B 281 19.20 -29.03 -11.07
CA VAL B 281 18.88 -27.74 -11.65
C VAL B 281 19.67 -26.66 -10.93
N PRO B 282 20.48 -25.86 -11.63
CA PRO B 282 21.14 -24.72 -11.01
C PRO B 282 20.28 -23.47 -11.02
N LEU B 283 20.41 -22.66 -9.97
CA LEU B 283 19.59 -21.48 -9.77
C LEU B 283 20.45 -20.28 -9.41
N GLN B 284 19.85 -19.10 -9.50
CA GLN B 284 20.46 -17.85 -9.07
C GLN B 284 19.41 -17.01 -8.35
N SER B 285 19.79 -16.45 -7.20
CA SER B 285 18.89 -15.62 -6.40
C SER B 285 19.56 -14.28 -6.12
N CYS B 286 18.81 -13.20 -6.31
CA CYS B 286 19.38 -11.86 -6.22
C CYS B 286 18.46 -10.93 -5.44
N VAL B 287 19.07 -9.92 -4.82
CA VAL B 287 18.35 -8.80 -4.25
C VAL B 287 18.67 -7.56 -5.07
N LYS B 288 17.79 -6.57 -4.98
CA LYS B 288 17.95 -5.37 -5.79
C LYS B 288 18.25 -4.15 -4.92
N PRO B 289 18.94 -3.15 -5.45
CA PRO B 289 19.18 -1.93 -4.68
C PRO B 289 17.89 -1.30 -4.24
N PRO B 290 17.86 -0.64 -3.08
CA PRO B 290 19.00 -0.33 -2.19
C PRO B 290 19.42 -1.46 -1.25
N TYR B 291 19.17 -2.72 -1.56
CA TYR B 291 19.60 -3.84 -0.74
C TYR B 291 20.85 -4.48 -1.31
N MET B 292 21.72 -4.95 -0.41
CA MET B 292 22.95 -5.61 -0.78
C MET B 292 23.19 -6.78 0.17
N LEU B 293 24.27 -7.53 -0.08
CA LEU B 293 24.66 -8.64 0.78
C LEU B 293 26.12 -8.48 1.19
N VAL B 294 26.40 -8.74 2.46
CA VAL B 294 27.75 -8.75 3.00
C VAL B 294 28.13 -10.19 3.26
N VAL B 295 29.24 -10.63 2.68
CA VAL B 295 29.64 -12.04 2.71
C VAL B 295 31.07 -12.12 3.26
N GLY B 296 31.25 -12.92 4.30
CA GLY B 296 32.56 -13.11 4.90
C GLY B 296 32.44 -13.66 6.31
N ASN B 297 33.43 -13.33 7.13
CA ASN B 297 33.49 -13.79 8.52
C ASN B 297 32.78 -12.77 9.41
N ILE B 298 31.45 -12.82 9.38
CA ILE B 298 30.63 -11.89 10.15
C ILE B 298 30.64 -12.30 11.61
N VAL B 299 30.91 -11.34 12.49
CA VAL B 299 30.93 -11.57 13.93
C VAL B 299 29.88 -10.67 14.57
N ILE B 300 29.03 -11.27 15.39
CA ILE B 300 27.95 -10.55 16.08
C ILE B 300 28.19 -10.63 17.58
N LYS B 301 28.20 -9.46 18.23
CA LYS B 301 28.43 -9.38 19.67
C LYS B 301 27.13 -8.94 20.34
N PRO B 302 26.39 -9.84 20.98
CA PRO B 302 25.08 -9.46 21.52
C PRO B 302 25.15 -8.55 22.75
N ASP B 303 26.28 -8.51 23.46
CA ASP B 303 26.35 -7.70 24.67
C ASP B 303 26.45 -6.21 24.34
N SER B 304 27.25 -5.86 23.34
CA SER B 304 27.41 -4.47 22.92
C SER B 304 26.65 -4.15 21.65
N GLN B 305 26.01 -5.14 21.03
CA GLN B 305 25.22 -4.97 19.81
C GLN B 305 26.07 -4.37 18.68
N THR B 306 27.13 -5.08 18.34
CA THR B 306 28.07 -4.67 17.31
C THR B 306 28.21 -5.77 16.27
N ILE B 307 28.34 -5.38 15.00
CA ILE B 307 28.63 -6.30 13.91
C ILE B 307 29.93 -5.85 13.26
N THR B 308 30.91 -6.75 13.22
CA THR B 308 32.21 -6.48 12.62
C THR B 308 32.52 -7.57 11.60
N CYS B 309 33.19 -7.20 10.52
CA CYS B 309 33.57 -8.15 9.49
C CYS B 309 34.74 -7.56 8.72
N GLU B 310 35.89 -8.23 8.75
CA GLU B 310 37.10 -7.72 8.13
C GLU B 310 37.37 -8.45 6.82
N ASN B 311 37.69 -7.69 5.78
CA ASN B 311 38.01 -8.22 4.45
C ASN B 311 36.84 -9.04 3.89
N CYS B 312 35.66 -8.44 3.89
CA CYS B 312 34.45 -9.10 3.44
C CYS B 312 33.97 -8.47 2.14
N ARG B 313 33.17 -9.23 1.40
CA ARG B 313 32.75 -8.84 0.06
C ARG B 313 31.32 -8.35 0.04
N LEU B 314 31.03 -7.52 -0.95
CA LEU B 314 29.68 -7.02 -1.21
C LEU B 314 29.15 -7.68 -2.47
N LEU B 315 27.97 -8.30 -2.37
CA LEU B 315 27.39 -9.06 -3.47
C LEU B 315 25.94 -8.67 -3.66
N THR B 316 25.37 -9.16 -4.75
CA THR B 316 23.97 -8.94 -5.10
C THR B 316 23.27 -10.27 -5.33
N CYS B 317 24.01 -11.27 -5.82
CA CYS B 317 23.43 -12.53 -6.24
C CYS B 317 24.16 -13.69 -5.58
N ILE B 318 23.41 -14.77 -5.34
CA ILE B 318 23.94 -16.02 -4.82
C ILE B 318 23.75 -17.10 -5.89
N ASP B 319 24.80 -17.85 -6.18
CA ASP B 319 24.68 -19.00 -7.07
C ASP B 319 25.34 -20.23 -6.46
N SER B 320 25.46 -21.30 -7.23
CA SER B 320 25.91 -22.59 -6.70
C SER B 320 27.41 -22.64 -6.44
N THR B 321 28.15 -21.57 -6.71
CA THR B 321 29.56 -21.49 -6.35
C THR B 321 29.79 -20.91 -4.97
N PHE B 322 28.73 -20.65 -4.22
CA PHE B 322 28.88 -20.09 -2.88
C PHE B 322 29.55 -21.10 -1.95
N ASN B 323 30.47 -20.61 -1.13
CA ASN B 323 31.17 -21.43 -0.14
C ASN B 323 30.59 -21.12 1.24
N TRP B 324 30.03 -22.14 1.89
CA TRP B 324 29.40 -21.94 3.19
C TRP B 324 30.40 -21.82 4.33
N GLN B 325 31.68 -21.69 4.03
CA GLN B 325 32.64 -21.20 5.01
C GLN B 325 32.33 -19.76 5.38
N HIS B 326 31.75 -19.00 4.46
CA HIS B 326 31.35 -17.62 4.69
C HIS B 326 29.90 -17.54 5.15
N ARG B 327 29.49 -16.35 5.55
CA ARG B 327 28.13 -16.09 6.01
C ARG B 327 27.56 -14.87 5.30
N ILE B 328 26.24 -14.73 5.35
CA ILE B 328 25.52 -13.70 4.64
C ILE B 328 24.82 -12.79 5.65
N LEU B 329 25.03 -11.49 5.49
CA LEU B 329 24.32 -10.47 6.27
C LEU B 329 23.54 -9.58 5.31
N LEU B 330 22.24 -9.42 5.57
CA LEU B 330 21.40 -8.57 4.74
C LEU B 330 21.53 -7.13 5.19
N VAL B 331 21.78 -6.23 4.24
CA VAL B 331 21.97 -4.81 4.52
C VAL B 331 21.17 -3.97 3.54
N ARG B 332 21.00 -2.70 3.88
CA ARG B 332 20.32 -1.73 3.04
C ARG B 332 21.06 -0.39 3.12
N ALA B 333 20.97 0.39 2.05
CA ALA B 333 21.50 1.74 2.07
C ALA B 333 20.81 2.57 3.16
N ARG B 334 21.60 3.36 3.88
CA ARG B 334 21.11 4.02 5.08
C ARG B 334 20.40 5.33 4.75
N GLU B 335 19.63 5.82 5.72
CA GLU B 335 18.93 7.09 5.63
C GLU B 335 19.87 8.24 5.99
N GLY B 336 19.33 9.46 5.97
CA GLY B 336 20.15 10.63 6.22
C GLY B 336 20.72 10.67 7.62
N VAL B 337 21.89 11.30 7.75
CA VAL B 337 22.62 11.39 9.00
C VAL B 337 23.00 12.85 9.25
N TRP B 338 23.28 13.15 10.52
CA TRP B 338 23.71 14.48 10.95
C TRP B 338 25.17 14.42 11.38
N ILE B 339 25.97 15.35 10.87
CA ILE B 339 27.41 15.36 11.12
C ILE B 339 27.90 16.79 11.26
N PRO B 340 28.79 17.08 12.22
CA PRO B 340 29.42 18.41 12.26
C PRO B 340 30.67 18.49 11.40
N CYS B 341 30.79 19.59 10.67
CA CYS B 341 31.96 19.85 9.85
C CYS B 341 32.39 21.30 10.05
N SER B 342 33.67 21.56 9.79
CA SER B 342 34.29 22.85 10.06
C SER B 342 34.54 23.62 8.76
N MET B 343 34.27 24.92 8.79
CA MET B 343 34.53 25.83 7.70
C MET B 343 35.56 26.87 8.14
N ASP B 344 36.13 27.56 7.16
CA ASP B 344 37.12 28.61 7.42
C ASP B 344 36.50 29.99 7.49
N ARG B 345 35.19 30.11 7.32
CA ARG B 345 34.49 31.39 7.37
C ARG B 345 33.15 31.18 8.05
N PRO B 346 32.52 32.23 8.55
CA PRO B 346 31.20 32.08 9.17
C PRO B 346 30.14 31.69 8.16
N TRP B 347 29.03 31.15 8.69
CA TRP B 347 27.93 30.72 7.87
C TRP B 347 27.30 31.89 7.11
N GLU B 348 26.94 31.66 5.85
CA GLU B 348 26.33 32.67 5.00
C GLU B 348 25.09 32.10 4.34
N ALA B 349 24.11 32.98 4.10
CA ALA B 349 22.86 32.59 3.45
C ALA B 349 22.86 32.85 1.95
N SER B 350 23.40 33.99 1.52
CA SER B 350 23.46 34.36 0.11
C SER B 350 24.82 34.96 -0.18
N PRO B 351 25.24 34.94 -1.45
CA PRO B 351 26.51 35.58 -1.81
C PRO B 351 26.36 37.06 -2.15
N SER B 352 25.23 37.67 -1.77
CA SER B 352 24.97 39.06 -2.17
C SER B 352 26.03 40.01 -1.64
N ILE B 353 26.44 39.83 -0.38
CA ILE B 353 27.54 40.63 0.16
C ILE B 353 28.83 40.32 -0.59
N HIS B 354 29.04 39.04 -0.90
CA HIS B 354 30.25 38.63 -1.63
C HIS B 354 30.30 39.29 -3.01
N ILE B 355 29.16 39.39 -3.69
CA ILE B 355 29.14 39.97 -5.03
C ILE B 355 29.55 41.43 -5.00
N LEU B 356 29.05 42.19 -4.02
CA LEU B 356 29.38 43.61 -3.92
C LEU B 356 30.87 43.82 -3.70
N THR B 357 31.58 42.80 -3.19
CA THR B 357 33.01 42.95 -2.95
C THR B 357 33.78 43.17 -4.25
N GLU B 358 33.47 42.38 -5.29
CA GLU B 358 34.12 42.58 -6.58
C GLU B 358 33.50 43.70 -7.40
N VAL B 359 32.28 44.14 -7.05
CA VAL B 359 31.72 45.32 -7.72
C VAL B 359 32.50 46.56 -7.33
N LEU B 360 32.79 46.73 -6.03
CA LEU B 360 33.60 47.85 -5.59
C LEU B 360 35.02 47.77 -6.14
N LYS B 361 35.59 46.56 -6.17
CA LYS B 361 36.91 46.39 -6.76
C LYS B 361 36.91 46.70 -8.25
N GLY B 362 35.78 46.46 -8.93
CA GLY B 362 35.69 46.73 -10.35
C GLY B 362 35.46 48.18 -10.71
N VAL B 363 35.23 49.04 -9.73
CA VAL B 363 35.02 50.46 -9.99
C VAL B 363 36.36 51.15 -10.20
N ASN C 4 -2.09 49.26 5.99
CA ASN C 4 -1.90 47.82 6.11
C ASN C 4 -1.97 47.12 4.77
N TYR C 5 -1.39 45.93 4.70
CA TYR C 5 -1.43 45.09 3.51
C TYR C 5 -1.79 43.68 3.93
N THR C 6 -2.94 43.19 3.48
CA THR C 6 -3.43 41.87 3.84
C THR C 6 -3.23 40.91 2.69
N TYR C 7 -2.55 39.79 2.96
CA TYR C 7 -2.20 38.81 1.94
C TYR C 7 -2.71 37.44 2.34
N TRP C 8 -2.86 36.57 1.34
CA TRP C 8 -3.21 35.18 1.58
C TRP C 8 -1.98 34.39 2.03
N ALA C 9 -2.16 33.55 3.05
CA ALA C 9 -1.09 32.76 3.62
C ALA C 9 -1.51 31.31 3.75
N TYR C 10 -0.55 30.40 3.58
CA TYR C 10 -0.78 28.97 3.71
C TYR C 10 0.00 28.43 4.90
N VAL C 11 -0.70 27.77 5.82
CA VAL C 11 -0.11 27.18 7.02
C VAL C 11 -0.14 25.67 6.86
N PRO C 12 1.00 25.01 6.62
CA PRO C 12 0.96 23.57 6.34
C PRO C 12 0.68 22.69 7.55
N PHE C 13 1.00 23.14 8.76
CA PHE C 13 0.80 22.34 9.97
C PHE C 13 0.07 23.16 11.02
N PRO C 14 -1.23 23.38 10.86
CA PRO C 14 -1.98 24.17 11.84
C PRO C 14 -2.27 23.35 13.09
N PRO C 15 -2.37 24.00 14.25
CA PRO C 15 -2.73 23.31 15.49
C PRO C 15 -4.24 23.09 15.65
N LEU C 16 -4.87 22.62 14.58
CA LEU C 16 -6.29 22.31 14.56
C LEU C 16 -6.51 20.81 14.42
N ILE C 17 -7.76 20.38 14.60
CA ILE C 17 -8.12 18.98 14.52
C ILE C 17 -9.32 18.81 13.61
N ARG C 18 -9.45 17.60 13.07
CA ARG C 18 -10.54 17.20 12.20
C ARG C 18 -11.21 15.96 12.77
N ALA C 19 -12.52 15.86 12.63
CA ALA C 19 -13.25 14.69 13.09
C ALA C 19 -13.09 13.53 12.11
N VAL C 20 -12.91 12.33 12.65
CA VAL C 20 -12.88 11.12 11.84
C VAL C 20 -14.31 10.69 11.58
N THR C 21 -14.63 10.45 10.30
CA THR C 21 -15.99 10.14 9.88
C THR C 21 -16.10 8.69 9.43
N TRP C 22 -17.34 8.27 9.20
CA TRP C 22 -17.63 6.91 8.75
C TRP C 22 -17.17 6.64 7.32
N MET C 23 -16.84 7.67 6.56
CA MET C 23 -16.28 7.51 5.23
C MET C 23 -14.77 7.30 5.26
N ASP C 24 -14.15 7.36 6.43
CA ASP C 24 -12.72 7.08 6.56
C ASP C 24 -12.48 5.57 6.57
N ASN C 25 -11.25 5.20 6.25
CA ASN C 25 -10.81 3.83 6.37
C ASN C 25 -10.36 3.53 7.80
N PRO C 26 -10.38 2.26 8.22
CA PRO C 26 -10.12 1.95 9.63
C PRO C 26 -8.74 2.40 10.10
N ILE C 27 -8.69 2.83 11.35
CA ILE C 27 -7.46 3.26 11.99
C ILE C 27 -7.00 2.18 12.97
N GLU C 28 -5.80 2.37 13.52
CA GLU C 28 -5.20 1.39 14.41
C GLU C 28 -5.50 1.73 15.88
N VAL C 29 -5.92 0.72 16.63
CA VAL C 29 -6.11 0.82 18.07
C VAL C 29 -5.29 -0.29 18.71
N TYR C 30 -4.40 0.08 19.62
CA TYR C 30 -3.45 -0.86 20.23
C TYR C 30 -3.91 -1.26 21.63
N VAL C 31 -3.92 -2.55 21.89
CA VAL C 31 -4.24 -3.11 23.20
C VAL C 31 -2.96 -3.67 23.81
N ASN C 32 -2.96 -3.80 25.13
CA ASN C 32 -1.78 -4.19 25.88
C ASN C 32 -1.84 -5.62 26.42
N ASP C 33 -2.71 -6.46 25.86
CA ASP C 33 -2.87 -7.84 26.35
C ASP C 33 -3.08 -8.76 25.15
N SER C 34 -2.02 -9.47 24.75
CA SER C 34 -2.11 -10.37 23.61
C SER C 34 -2.86 -11.66 23.93
N VAL C 35 -2.93 -12.06 25.20
CA VAL C 35 -3.55 -13.33 25.56
C VAL C 35 -5.03 -13.34 25.22
N TRP C 36 -5.73 -12.24 25.50
CA TRP C 36 -7.18 -12.21 25.40
C TRP C 36 -7.71 -11.42 24.22
N VAL C 37 -6.92 -10.51 23.64
CA VAL C 37 -7.38 -9.65 22.57
C VAL C 37 -6.41 -9.75 21.39
N PRO C 38 -6.90 -9.85 20.16
CA PRO C 38 -5.99 -9.88 19.00
C PRO C 38 -5.27 -8.54 18.81
N GLY C 39 -4.32 -8.55 17.87
CA GLY C 39 -3.49 -7.40 17.64
C GLY C 39 -4.19 -6.32 16.85
N PRO C 40 -3.48 -5.19 16.65
CA PRO C 40 -2.08 -4.90 17.03
C PRO C 40 -1.88 -4.64 18.53
N ILE C 41 -0.69 -4.95 19.03
CA ILE C 41 -0.40 -4.97 20.45
C ILE C 41 0.65 -3.92 20.78
N ASP C 42 0.41 -3.16 21.85
CA ASP C 42 1.41 -2.26 22.40
C ASP C 42 1.11 -2.08 23.89
N ASP C 43 2.08 -2.41 24.74
CA ASP C 43 1.90 -2.35 26.18
C ASP C 43 2.56 -1.13 26.81
N ARG C 44 3.10 -0.22 26.01
CA ARG C 44 3.72 0.98 26.55
C ARG C 44 2.67 2.00 26.96
N CYS C 45 3.04 2.84 27.92
CA CYS C 45 2.23 3.96 28.35
C CYS C 45 2.31 5.08 27.32
N PRO C 46 1.39 6.06 27.38
CA PRO C 46 1.48 7.20 26.45
C PRO C 46 2.82 7.91 26.54
N ALA C 47 3.28 8.41 25.39
CA ALA C 47 4.60 9.01 25.30
C ALA C 47 4.73 10.23 26.22
N LYS C 48 3.64 10.98 26.41
CA LYS C 48 3.62 12.14 27.30
C LYS C 48 2.49 11.93 28.29
N PRO C 49 2.71 11.12 29.33
CA PRO C 49 1.63 10.84 30.29
C PRO C 49 1.14 12.05 31.05
N GLU C 50 1.94 13.11 31.13
CA GLU C 50 1.56 14.31 31.87
C GLU C 50 0.59 15.20 31.09
N GLU C 51 0.39 14.95 29.80
CA GLU C 51 -0.50 15.78 28.99
C GLU C 51 -1.91 15.23 28.87
N GLU C 52 -2.16 14.01 29.35
CA GLU C 52 -3.47 13.39 29.19
C GLU C 52 -4.50 14.12 30.05
N GLY C 53 -5.63 14.46 29.45
CA GLY C 53 -6.73 15.09 30.15
C GLY C 53 -6.79 16.60 30.09
N MET C 54 -6.01 17.23 29.22
CA MET C 54 -6.07 18.68 29.08
C MET C 54 -7.41 19.12 28.50
N MET C 55 -7.95 20.21 29.03
CA MET C 55 -9.27 20.69 28.65
C MET C 55 -9.21 21.58 27.42
N ILE C 56 -10.29 21.55 26.64
CA ILE C 56 -10.34 22.30 25.39
C ILE C 56 -11.81 22.56 25.06
N ASN C 57 -12.07 23.68 24.39
CA ASN C 57 -13.38 23.99 23.83
C ASN C 57 -13.33 23.76 22.33
N ILE C 58 -14.33 23.06 21.80
CA ILE C 58 -14.33 22.60 20.43
C ILE C 58 -15.59 23.06 19.72
N SER C 59 -15.44 23.59 18.50
CA SER C 59 -16.57 23.97 17.66
C SER C 59 -16.13 23.81 16.21
N ILE C 60 -16.49 22.66 15.60
CA ILE C 60 -16.05 22.33 14.25
C ILE C 60 -17.23 21.88 13.42
N GLY C 61 -17.03 21.83 12.10
CA GLY C 61 -17.97 21.28 11.16
C GLY C 61 -17.47 19.97 10.57
N TYR C 62 -18.32 19.38 9.74
CA TYR C 62 -17.97 18.12 9.09
C TYR C 62 -18.73 18.02 7.77
N ARG C 63 -18.29 17.09 6.94
CA ARG C 63 -18.96 16.75 5.69
C ARG C 63 -19.66 15.40 5.73
N TYR C 64 -19.06 14.41 6.37
CA TYR C 64 -19.64 13.10 6.57
C TYR C 64 -19.84 12.85 8.07
N PRO C 65 -20.80 12.01 8.45
CA PRO C 65 -21.14 11.85 9.88
C PRO C 65 -19.94 11.40 10.69
N PRO C 66 -19.69 12.07 11.82
CA PRO C 66 -18.54 11.71 12.65
C PRO C 66 -18.77 10.41 13.41
N ILE C 67 -17.67 9.76 13.77
CA ILE C 67 -17.69 8.53 14.55
C ILE C 67 -17.63 8.91 16.02
N CYS C 68 -18.70 8.62 16.76
CA CYS C 68 -18.79 8.94 18.18
C CYS C 68 -19.36 7.74 18.93
N LEU C 69 -18.91 7.57 20.17
CA LEU C 69 -19.34 6.48 21.03
C LEU C 69 -19.87 7.05 22.34
N GLY C 70 -21.04 6.60 22.75
CA GLY C 70 -21.64 7.04 23.99
C GLY C 70 -23.15 7.05 23.89
N ARG C 71 -23.77 7.68 24.88
CA ARG C 71 -25.23 7.73 24.98
C ARG C 71 -25.70 9.15 24.64
N ALA C 72 -25.92 9.39 23.35
CA ALA C 72 -26.40 10.67 22.85
C ALA C 72 -26.79 10.55 21.38
N PRO C 73 -27.57 11.49 20.83
CA PRO C 73 -27.85 11.45 19.39
C PRO C 73 -26.57 11.49 18.57
N GLY C 74 -26.49 10.63 17.58
CA GLY C 74 -25.34 10.57 16.70
C GLY C 74 -24.17 9.75 17.22
N CYS C 75 -24.32 9.06 18.35
CA CYS C 75 -23.26 8.24 18.90
C CYS C 75 -23.79 6.83 19.15
N LEU C 76 -22.90 5.85 18.97
CA LEU C 76 -23.26 4.45 19.15
C LEU C 76 -23.20 4.07 20.63
N MET C 77 -24.27 3.47 21.13
CA MET C 77 -24.36 3.05 22.52
C MET C 77 -23.55 1.78 22.77
N PRO C 78 -22.90 1.66 23.92
CA PRO C 78 -22.21 0.42 24.27
C PRO C 78 -23.08 -0.53 25.08
N ALA C 79 -22.73 -1.81 24.99
CA ALA C 79 -23.38 -2.86 25.78
C ALA C 79 -22.44 -4.07 25.82
N VAL C 80 -22.80 -5.04 26.66
CA VAL C 80 -21.99 -6.24 26.85
C VAL C 80 -22.30 -7.26 25.77
N GLN C 81 -21.26 -7.88 25.22
CA GLN C 81 -21.39 -8.98 24.28
C GLN C 81 -20.74 -10.22 24.87
N ASN C 82 -21.30 -11.39 24.56
CA ASN C 82 -20.83 -12.66 25.09
C ASN C 82 -20.38 -13.57 23.94
N TRP C 83 -19.19 -14.13 24.08
CA TRP C 83 -18.66 -15.12 23.15
C TRP C 83 -18.48 -16.43 23.89
N LEU C 84 -19.10 -17.49 23.38
CA LEU C 84 -19.18 -18.77 24.08
C LEU C 84 -18.54 -19.86 23.23
N VAL C 85 -17.68 -20.67 23.85
CA VAL C 85 -17.08 -21.84 23.22
C VAL C 85 -17.76 -23.08 23.78
N GLU C 86 -18.18 -23.97 22.90
CA GLU C 86 -18.94 -25.16 23.28
C GLU C 86 -18.14 -26.41 22.95
N VAL C 87 -18.01 -27.30 23.93
CA VAL C 87 -17.26 -28.54 23.78
C VAL C 87 -18.21 -29.71 24.07
N PRO C 88 -18.52 -30.56 23.09
CA PRO C 88 -19.42 -31.68 23.35
C PRO C 88 -18.83 -32.67 24.35
N THR C 89 -19.69 -33.21 25.19
CA THR C 89 -19.29 -34.18 26.21
C THR C 89 -20.07 -35.47 26.01
N VAL C 90 -19.36 -36.60 26.04
CA VAL C 90 -19.99 -37.92 25.90
C VAL C 90 -20.33 -38.39 27.31
N SER C 91 -21.57 -38.09 27.74
CA SER C 91 -22.05 -38.48 29.06
C SER C 91 -23.55 -38.41 29.05
N PRO C 92 -24.25 -39.34 29.70
CA PRO C 92 -25.72 -39.32 29.69
C PRO C 92 -26.33 -38.22 30.56
N ILE C 93 -25.53 -37.54 31.37
CA ILE C 93 -26.06 -36.53 32.29
C ILE C 93 -25.59 -35.11 31.97
N SER C 94 -24.71 -34.94 30.99
CA SER C 94 -24.24 -33.62 30.58
C SER C 94 -24.23 -33.53 29.06
N ARG C 95 -24.37 -32.31 28.55
CA ARG C 95 -24.36 -32.06 27.12
C ARG C 95 -23.10 -31.36 26.65
N PHE C 96 -22.73 -30.25 27.27
CA PHE C 96 -21.55 -29.49 26.86
C PHE C 96 -20.80 -28.99 28.08
N THR C 97 -19.52 -28.69 27.88
CA THR C 97 -18.74 -27.84 28.77
C THR C 97 -18.52 -26.50 28.07
N TYR C 98 -18.48 -25.43 28.87
CA TYR C 98 -18.54 -24.07 28.34
C TYR C 98 -17.32 -23.26 28.75
N HIS C 99 -16.89 -22.38 27.84
CA HIS C 99 -15.99 -21.27 28.14
C HIS C 99 -16.60 -20.01 27.55
N MET C 100 -16.67 -18.94 28.33
CA MET C 100 -17.33 -17.72 27.89
C MET C 100 -16.47 -16.51 28.24
N VAL C 101 -16.56 -15.49 27.38
CA VAL C 101 -15.91 -14.20 27.60
C VAL C 101 -16.97 -13.11 27.45
N SER C 102 -16.99 -12.17 28.40
CA SER C 102 -17.92 -11.06 28.39
C SER C 102 -17.14 -9.75 28.36
N GLY C 103 -17.47 -8.87 27.42
CA GLY C 103 -16.79 -7.59 27.31
C GLY C 103 -17.71 -6.52 26.78
N MET C 104 -17.28 -5.27 26.98
CA MET C 104 -18.03 -4.12 26.50
C MET C 104 -17.92 -4.01 24.98
N SER C 105 -19.05 -3.79 24.32
CA SER C 105 -19.13 -3.87 22.86
C SER C 105 -20.19 -2.89 22.38
N LEU C 106 -20.66 -3.06 21.15
CA LEU C 106 -21.64 -2.18 20.53
C LEU C 106 -23.04 -2.76 20.67
N ARG C 107 -24.02 -1.89 20.97
CA ARG C 107 -25.36 -2.32 21.31
C ARG C 107 -26.27 -2.31 20.08
N PRO C 108 -26.90 -3.43 19.74
CA PRO C 108 -27.91 -3.41 18.67
C PRO C 108 -29.21 -2.75 19.12
N ARG C 109 -29.96 -2.26 18.14
CA ARG C 109 -31.30 -1.74 18.41
C ARG C 109 -32.26 -2.88 18.74
N VAL C 110 -33.37 -2.52 19.36
CA VAL C 110 -34.31 -3.49 19.92
C VAL C 110 -35.66 -3.34 19.23
N ASN C 111 -36.24 -4.46 18.83
CA ASN C 111 -37.63 -4.50 18.33
C ASN C 111 -38.57 -4.52 19.52
N TYR C 112 -39.33 -3.44 19.72
CA TYR C 112 -40.29 -3.39 20.80
C TYR C 112 -41.61 -4.06 20.46
N LEU C 113 -41.82 -4.42 19.19
CA LEU C 113 -42.99 -5.20 18.83
C LEU C 113 -42.85 -6.65 19.26
N GLN C 114 -41.67 -7.24 19.06
CA GLN C 114 -41.41 -8.62 19.45
C GLN C 114 -40.94 -8.66 20.90
N ASP C 115 -40.42 -9.81 21.33
CA ASP C 115 -39.93 -9.99 22.70
C ASP C 115 -38.55 -9.38 22.87
N PHE C 116 -38.46 -8.08 22.57
CA PHE C 116 -37.23 -7.31 22.70
C PHE C 116 -36.09 -7.93 21.90
N SER C 117 -36.39 -8.37 20.68
CA SER C 117 -35.36 -8.93 19.81
C SER C 117 -34.65 -7.81 19.04
N TYR C 118 -33.52 -8.17 18.45
CA TYR C 118 -32.70 -7.19 17.73
C TYR C 118 -33.35 -6.79 16.41
N GLN C 119 -33.17 -5.53 16.03
CA GLN C 119 -33.54 -5.09 14.70
C GLN C 119 -32.53 -5.60 13.69
N ARG C 120 -33.01 -6.12 12.57
CA ARG C 120 -32.16 -6.84 11.63
C ARG C 120 -32.34 -6.30 10.23
N SER C 121 -31.32 -6.52 9.41
CA SER C 121 -31.30 -6.07 8.02
C SER C 121 -30.60 -7.11 7.16
N LEU C 122 -31.00 -7.18 5.89
CA LEU C 122 -30.39 -8.07 4.92
C LEU C 122 -29.65 -7.33 3.82
N LYS C 123 -29.45 -6.03 3.97
CA LYS C 123 -28.88 -5.21 2.91
C LYS C 123 -27.36 -5.30 2.88
N PHE C 124 -26.79 -5.34 1.66
CA PHE C 124 -25.35 -5.26 1.42
C PHE C 124 -24.60 -6.35 2.18
N ARG C 125 -24.91 -7.59 1.84
CA ARG C 125 -24.23 -8.73 2.45
C ARG C 125 -22.81 -8.82 1.92
N PRO C 126 -21.79 -8.82 2.78
CA PRO C 126 -20.41 -8.87 2.32
C PRO C 126 -19.98 -10.30 1.99
N LYS C 127 -18.80 -10.39 1.39
CA LYS C 127 -18.17 -11.67 1.11
C LYS C 127 -17.32 -12.11 2.30
N GLY C 128 -17.36 -13.39 2.60
CA GLY C 128 -16.56 -13.92 3.69
C GLY C 128 -17.06 -15.28 4.12
N LYS C 129 -16.31 -15.87 5.05
CA LYS C 129 -16.65 -17.19 5.55
C LYS C 129 -17.96 -17.14 6.35
N PRO C 130 -18.92 -17.99 6.05
CA PRO C 130 -20.17 -17.99 6.82
C PRO C 130 -19.96 -18.43 8.26
N CYS C 131 -20.85 -17.97 9.13
CA CYS C 131 -20.77 -18.35 10.54
C CYS C 131 -21.19 -19.81 10.70
N PRO C 132 -20.49 -20.58 11.53
CA PRO C 132 -20.81 -21.99 11.70
C PRO C 132 -22.16 -22.18 12.37
N LYS C 133 -22.84 -23.26 11.97
CA LYS C 133 -24.13 -23.62 12.54
C LYS C 133 -24.07 -24.89 13.38
N GLU C 134 -22.92 -25.57 13.43
CA GLU C 134 -22.78 -26.82 14.15
C GLU C 134 -21.52 -26.77 15.00
N ILE C 135 -21.58 -27.44 16.14
CA ILE C 135 -20.45 -27.47 17.07
C ILE C 135 -19.41 -28.45 16.53
N PRO C 136 -18.15 -28.03 16.39
CA PRO C 136 -17.11 -28.96 15.96
C PRO C 136 -16.85 -30.04 17.00
N LYS C 137 -16.50 -31.23 16.51
CA LYS C 137 -16.24 -32.36 17.39
C LYS C 137 -14.82 -32.40 17.92
N GLU C 138 -13.94 -31.53 17.45
CA GLU C 138 -12.55 -31.48 17.90
C GLU C 138 -12.19 -30.03 18.17
N SER C 139 -11.98 -29.71 19.46
CA SER C 139 -11.59 -28.36 19.88
C SER C 139 -10.46 -28.50 20.91
N LYS C 140 -9.22 -28.48 20.42
CA LYS C 140 -8.06 -28.55 21.28
C LYS C 140 -7.65 -27.15 21.72
N ASN C 141 -6.98 -27.10 22.88
CA ASN C 141 -6.51 -25.84 23.46
C ASN C 141 -7.67 -24.86 23.68
N THR C 142 -8.61 -25.27 24.53
CA THR C 142 -9.77 -24.42 24.81
C THR C 142 -9.39 -23.20 25.63
N GLU C 143 -8.29 -23.28 26.38
CA GLU C 143 -7.87 -22.15 27.21
C GLU C 143 -7.49 -20.93 26.36
N VAL C 144 -6.79 -21.14 25.25
CA VAL C 144 -6.48 -20.06 24.33
C VAL C 144 -7.67 -19.85 23.41
N LEU C 145 -8.09 -18.60 23.26
CA LEU C 145 -9.25 -18.25 22.45
C LEU C 145 -8.78 -17.75 21.09
N VAL C 146 -9.36 -18.30 20.03
CA VAL C 146 -9.01 -17.94 18.66
C VAL C 146 -10.15 -17.11 18.08
N TRP C 147 -9.84 -15.90 17.65
CA TRP C 147 -10.81 -14.99 17.06
C TRP C 147 -10.76 -15.11 15.54
N GLU C 148 -11.91 -15.33 14.93
CA GLU C 148 -12.01 -15.47 13.49
C GLU C 148 -13.15 -14.59 12.96
N GLU C 149 -12.87 -13.89 11.86
CA GLU C 149 -13.89 -13.08 11.21
C GLU C 149 -15.00 -13.95 10.66
N CYS C 150 -16.24 -13.48 10.78
CA CYS C 150 -17.40 -14.31 10.47
C CYS C 150 -18.51 -13.44 9.88
N VAL C 151 -19.28 -14.03 8.98
CA VAL C 151 -20.43 -13.38 8.37
C VAL C 151 -21.69 -14.07 8.84
N ALA C 152 -22.59 -13.30 9.47
CA ALA C 152 -23.79 -13.87 10.06
C ALA C 152 -24.90 -14.02 9.02
N ASN C 153 -25.94 -14.77 9.38
CA ASN C 153 -27.08 -14.96 8.51
C ASN C 153 -27.84 -13.66 8.26
N SER C 154 -27.74 -12.70 9.17
CA SER C 154 -28.39 -11.41 9.01
C SER C 154 -27.60 -10.37 9.78
N ALA C 155 -27.71 -9.12 9.35
CA ALA C 155 -27.02 -8.01 10.00
C ALA C 155 -27.91 -7.39 11.07
N VAL C 156 -27.28 -6.95 12.15
CA VAL C 156 -27.99 -6.19 13.18
C VAL C 156 -27.91 -4.70 12.83
N ILE C 157 -28.86 -3.94 13.35
CA ILE C 157 -28.93 -2.50 13.11
C ILE C 157 -28.47 -1.77 14.37
N LEU C 158 -27.53 -0.85 14.21
CA LEU C 158 -27.03 -0.06 15.33
C LEU C 158 -27.57 1.36 15.36
N GLN C 159 -28.12 1.84 14.25
CA GLN C 159 -28.65 3.19 14.15
C GLN C 159 -29.53 3.32 12.90
N ASN C 160 -30.72 3.86 13.04
CA ASN C 160 -31.66 4.00 11.92
C ASN C 160 -32.37 5.34 11.97
N ASN C 161 -31.63 6.43 12.21
CA ASN C 161 -32.27 7.73 12.36
C ASN C 161 -31.70 8.77 11.40
N GLU C 162 -32.01 10.04 11.63
CA GLU C 162 -31.58 11.13 10.75
C GLU C 162 -30.08 11.32 10.74
N PHE C 163 -29.34 10.72 11.67
CA PHE C 163 -27.88 10.78 11.66
C PHE C 163 -27.24 9.75 10.73
N GLY C 164 -28.03 8.82 10.19
CA GLY C 164 -27.51 7.79 9.32
C GLY C 164 -27.97 6.40 9.75
N THR C 165 -27.65 5.43 8.90
CA THR C 165 -28.00 4.04 9.14
C THR C 165 -26.73 3.21 9.25
N ILE C 166 -26.51 2.61 10.41
CA ILE C 166 -25.31 1.82 10.69
C ILE C 166 -25.75 0.38 10.92
N ILE C 167 -25.14 -0.56 10.19
CA ILE C 167 -25.45 -1.98 10.34
C ILE C 167 -24.15 -2.75 10.49
N ASP C 168 -24.27 -3.95 11.06
CA ASP C 168 -23.11 -4.77 11.39
C ASP C 168 -23.44 -6.23 11.07
N TRP C 169 -22.62 -6.84 10.22
CA TRP C 169 -22.83 -8.22 9.77
C TRP C 169 -22.13 -9.25 10.65
N ALA C 170 -21.54 -8.83 11.76
CA ALA C 170 -20.94 -9.77 12.70
C ALA C 170 -22.03 -10.41 13.57
N PRO C 171 -21.83 -11.67 13.99
CA PRO C 171 -22.86 -12.35 14.77
C PRO C 171 -22.97 -11.83 16.20
N ARG C 172 -24.14 -12.08 16.78
CA ARG C 172 -24.40 -11.86 18.20
C ARG C 172 -24.97 -13.15 18.78
N GLY C 173 -24.46 -13.56 19.93
CA GLY C 173 -24.80 -14.85 20.53
C GLY C 173 -25.74 -14.69 21.71
N GLN C 174 -26.67 -15.64 21.84
CA GLN C 174 -27.63 -15.66 22.92
C GLN C 174 -28.11 -17.08 23.16
N PHE C 175 -28.73 -17.30 24.31
CA PHE C 175 -29.35 -18.58 24.64
C PHE C 175 -30.81 -18.57 24.21
N TYR C 176 -31.26 -19.69 23.64
CA TYR C 176 -32.63 -19.76 23.13
C TYR C 176 -33.03 -21.24 23.05
N HIS C 177 -34.33 -21.44 22.81
CA HIS C 177 -34.89 -22.77 22.56
C HIS C 177 -35.32 -22.88 21.11
N ASN C 178 -35.23 -24.09 20.57
CA ASN C 178 -35.55 -24.32 19.16
C ASN C 178 -37.01 -23.96 18.86
N CYS C 179 -37.93 -24.52 19.63
CA CYS C 179 -39.36 -24.21 19.52
C CYS C 179 -39.91 -24.49 18.11
N SER C 180 -39.32 -25.46 17.43
CA SER C 180 -39.84 -25.95 16.16
C SER C 180 -40.20 -27.41 16.31
N GLY C 181 -41.41 -27.76 15.90
CA GLY C 181 -41.95 -29.07 16.19
C GLY C 181 -42.51 -29.23 17.58
N GLN C 182 -42.60 -28.14 18.34
CA GLN C 182 -43.12 -28.14 19.71
C GLN C 182 -44.43 -27.35 19.74
N THR C 183 -45.00 -27.24 20.94
CA THR C 183 -46.24 -26.51 21.13
C THR C 183 -45.93 -25.03 21.41
N GLN C 184 -46.97 -24.25 21.69
CA GLN C 184 -46.82 -22.85 22.04
C GLN C 184 -46.17 -22.65 23.41
N SER C 185 -46.12 -23.70 24.24
CA SER C 185 -45.52 -23.59 25.56
C SER C 185 -44.02 -23.36 25.49
N CYS C 186 -43.38 -23.65 24.36
CA CYS C 186 -41.95 -23.46 24.22
C CYS C 186 -41.64 -21.97 24.21
N PRO C 187 -40.82 -21.46 25.14
CA PRO C 187 -40.50 -20.03 25.14
C PRO C 187 -39.58 -19.67 23.98
N SER C 188 -40.00 -18.67 23.20
CA SER C 188 -39.27 -18.25 22.02
C SER C 188 -38.48 -16.96 22.25
N ALA C 189 -38.10 -16.70 23.50
CA ALA C 189 -37.34 -15.51 23.85
C ALA C 189 -35.87 -15.87 24.04
N GLN C 190 -35.00 -14.94 23.68
CA GLN C 190 -33.57 -15.11 23.85
C GLN C 190 -33.12 -14.56 25.20
N VAL C 191 -32.08 -15.17 25.76
CA VAL C 191 -31.58 -14.84 27.09
C VAL C 191 -30.11 -14.46 26.99
N SER C 192 -29.73 -13.37 27.66
CA SER C 192 -28.34 -12.95 27.71
C SER C 192 -27.72 -13.41 29.02
N PRO C 193 -26.73 -14.30 29.00
CA PRO C 193 -26.18 -14.82 30.26
C PRO C 193 -25.48 -13.77 31.12
N ALA C 194 -25.04 -12.66 30.55
CA ALA C 194 -24.37 -11.61 31.32
C ALA C 194 -24.95 -10.25 30.97
N VAL C 195 -24.92 -9.35 31.96
CA VAL C 195 -25.43 -7.99 31.79
C VAL C 195 -24.31 -7.01 32.11
N ASP C 196 -24.62 -5.71 32.06
CA ASP C 196 -23.61 -4.68 32.30
C ASP C 196 -23.04 -4.77 33.72
N SER C 197 -23.88 -5.13 34.69
CA SER C 197 -23.45 -5.13 36.09
C SER C 197 -22.32 -6.13 36.34
N ASP C 198 -22.25 -7.19 35.53
CA ASP C 198 -21.23 -8.21 35.73
C ASP C 198 -19.82 -7.73 35.42
N LEU C 199 -19.67 -6.55 34.82
CA LEU C 199 -18.36 -6.01 34.51
C LEU C 199 -17.90 -4.93 35.48
N THR C 200 -18.82 -4.37 36.28
CA THR C 200 -18.48 -3.29 37.21
C THR C 200 -18.64 -3.69 38.66
N GLU C 201 -19.81 -4.18 39.06
CA GLU C 201 -20.11 -4.42 40.46
C GLU C 201 -19.41 -5.68 40.95
N SER C 202 -18.76 -5.59 42.11
CA SER C 202 -18.18 -6.72 42.82
C SER C 202 -17.22 -7.51 41.94
N LEU C 203 -16.14 -6.84 41.52
CA LEU C 203 -15.15 -7.48 40.68
C LEU C 203 -14.43 -8.62 41.41
N ASP C 204 -14.12 -8.42 42.69
CA ASP C 204 -13.37 -9.41 43.45
C ASP C 204 -14.22 -10.58 43.96
N LYS C 205 -15.53 -10.52 43.79
CA LYS C 205 -16.41 -11.56 44.31
C LYS C 205 -16.71 -12.61 43.26
N HIS C 206 -17.30 -13.72 43.71
CA HIS C 206 -17.63 -14.84 42.85
C HIS C 206 -18.98 -14.59 42.18
N LYS C 207 -19.05 -14.85 40.87
CA LYS C 207 -20.26 -14.63 40.09
C LYS C 207 -20.80 -15.96 39.59
N HIS C 208 -22.11 -16.15 39.73
CA HIS C 208 -22.77 -17.37 39.31
C HIS C 208 -24.00 -17.04 38.50
N LYS C 209 -24.33 -17.89 37.53
CA LYS C 209 -25.49 -17.72 36.68
C LYS C 209 -26.10 -19.09 36.38
N LYS C 210 -27.42 -19.19 36.54
CA LYS C 210 -28.12 -20.46 36.37
C LYS C 210 -29.33 -20.28 35.46
N LEU C 211 -29.50 -21.22 34.54
CA LEU C 211 -30.64 -21.24 33.62
C LEU C 211 -31.27 -22.62 33.65
N GLN C 212 -32.58 -22.67 33.84
CA GLN C 212 -33.30 -23.94 33.96
C GLN C 212 -34.55 -23.90 33.09
N SER C 213 -34.78 -24.98 32.34
CA SER C 213 -35.95 -25.07 31.48
C SER C 213 -36.19 -26.53 31.13
N PHE C 214 -37.41 -26.81 30.65
CA PHE C 214 -37.77 -28.15 30.20
C PHE C 214 -37.36 -28.41 28.76
N TYR C 215 -36.75 -27.44 28.09
CA TYR C 215 -36.28 -27.59 26.73
C TYR C 215 -34.77 -27.35 26.66
N PRO C 216 -34.06 -28.06 25.78
CA PRO C 216 -32.61 -27.88 25.70
C PRO C 216 -32.25 -26.46 25.25
N TRP C 217 -31.10 -25.99 25.72
CA TRP C 217 -30.61 -24.66 25.44
C TRP C 217 -29.65 -24.70 24.25
N GLU C 218 -29.86 -23.81 23.29
CA GLU C 218 -28.99 -23.66 22.14
C GLU C 218 -28.37 -22.27 22.16
N TRP C 219 -27.20 -22.15 21.55
CA TRP C 219 -26.46 -20.90 21.48
C TRP C 219 -26.35 -20.46 20.02
N GLY C 220 -26.65 -19.19 19.77
CA GLY C 220 -26.55 -18.64 18.43
C GLY C 220 -26.68 -17.13 18.40
N GLU C 221 -26.07 -16.48 17.41
CA GLU C 221 -25.28 -17.13 16.38
C GLU C 221 -23.87 -17.46 16.89
N LYS C 222 -23.32 -18.57 16.41
CA LYS C 222 -21.99 -19.00 16.81
C LYS C 222 -20.93 -18.16 16.11
N GLY C 223 -19.69 -18.32 16.57
CA GLY C 223 -18.57 -17.62 15.99
C GLY C 223 -17.93 -16.62 16.92
N ILE C 224 -16.62 -16.74 17.10
CA ILE C 224 -15.86 -15.81 17.95
C ILE C 224 -15.43 -14.66 17.04
N SER C 225 -16.35 -13.72 16.84
CA SER C 225 -16.17 -12.65 15.85
C SER C 225 -16.65 -11.33 16.44
N THR C 226 -15.88 -10.27 16.21
CA THR C 226 -16.13 -8.97 16.78
C THR C 226 -16.87 -8.07 15.80
N PRO C 227 -17.55 -7.03 16.29
CA PRO C 227 -18.36 -6.18 15.41
C PRO C 227 -17.54 -5.50 14.32
N ARG C 228 -18.15 -5.36 13.14
CA ARG C 228 -17.56 -4.65 12.00
C ARG C 228 -18.60 -3.71 11.40
N PRO C 229 -18.98 -2.65 12.11
CA PRO C 229 -20.06 -1.78 11.63
C PRO C 229 -19.64 -0.94 10.44
N LYS C 230 -20.65 -0.51 9.68
CA LYS C 230 -20.44 0.36 8.52
C LYS C 230 -21.69 1.20 8.29
N ILE C 231 -21.52 2.32 7.60
CA ILE C 231 -22.64 3.19 7.25
C ILE C 231 -23.14 2.81 5.87
N ILE C 232 -24.46 2.84 5.69
CA ILE C 232 -25.07 2.53 4.40
C ILE C 232 -25.97 3.66 3.88
N SER C 233 -26.44 4.55 4.73
CA SER C 233 -27.27 5.67 4.31
C SER C 233 -26.92 6.88 5.19
N PRO C 234 -26.83 8.08 4.60
CA PRO C 234 -27.05 8.42 3.20
C PRO C 234 -25.81 8.24 2.34
N VAL C 235 -24.71 7.76 2.91
CA VAL C 235 -23.50 7.45 2.18
C VAL C 235 -23.07 6.03 2.52
N SER C 236 -22.24 5.45 1.67
CA SER C 236 -21.75 4.09 1.83
C SER C 236 -20.25 4.13 2.13
N GLY C 237 -19.87 3.54 3.27
CA GLY C 237 -18.49 3.54 3.69
C GLY C 237 -17.97 2.16 4.05
N PRO C 238 -16.69 2.07 4.38
CA PRO C 238 -16.09 0.78 4.72
C PRO C 238 -16.37 0.37 6.16
N GLU C 239 -16.13 -0.91 6.43
CA GLU C 239 -16.28 -1.45 7.77
C GLU C 239 -15.23 -0.87 8.72
N HIS C 240 -15.58 -0.77 10.00
CA HIS C 240 -14.70 -0.25 11.03
C HIS C 240 -14.59 -1.28 12.15
N PRO C 241 -13.72 -2.29 11.99
CA PRO C 241 -13.57 -3.33 13.00
C PRO C 241 -12.70 -2.94 14.18
N GLU C 242 -12.32 -1.68 14.33
CA GLU C 242 -11.48 -1.24 15.43
C GLU C 242 -12.25 -0.50 16.52
N LEU C 243 -13.51 -0.15 16.28
CA LEU C 243 -14.28 0.60 17.27
C LEU C 243 -14.56 -0.22 18.53
N TRP C 244 -14.73 -1.53 18.40
CA TRP C 244 -14.97 -2.37 19.56
C TRP C 244 -13.78 -2.42 20.50
N ARG C 245 -12.56 -2.19 20.00
CA ARG C 245 -11.39 -2.23 20.86
C ARG C 245 -11.39 -1.09 21.87
N LEU C 246 -11.93 0.08 21.50
CA LEU C 246 -12.00 1.19 22.45
C LEU C 246 -13.03 0.93 23.55
N THR C 247 -14.16 0.33 23.21
CA THR C 247 -15.20 0.08 24.21
C THR C 247 -14.79 -1.01 25.19
N VAL C 248 -14.09 -2.04 24.71
CA VAL C 248 -13.80 -3.19 25.55
C VAL C 248 -12.82 -2.83 26.67
N ALA C 249 -11.98 -1.80 26.45
CA ALA C 249 -11.03 -1.40 27.48
C ALA C 249 -11.64 -0.51 28.55
N SER C 250 -12.87 -0.02 28.35
CA SER C 250 -13.51 0.83 29.35
C SER C 250 -13.95 0.06 30.58
N HIS C 251 -14.02 -1.28 30.51
CA HIS C 251 -14.36 -2.11 31.64
C HIS C 251 -13.44 -3.32 31.65
N HIS C 252 -13.45 -4.04 32.78
CA HIS C 252 -12.83 -5.35 32.82
C HIS C 252 -13.59 -6.31 31.93
N ILE C 253 -12.88 -7.32 31.42
CA ILE C 253 -13.51 -8.44 30.73
C ILE C 253 -13.60 -9.61 31.69
N ARG C 254 -14.70 -10.35 31.63
CA ARG C 254 -14.97 -11.43 32.55
C ARG C 254 -14.90 -12.77 31.82
N ILE C 255 -14.22 -13.73 32.44
CA ILE C 255 -14.03 -15.07 31.88
C ILE C 255 -14.87 -16.04 32.72
N TRP C 256 -15.69 -16.84 32.04
CA TRP C 256 -16.57 -17.80 32.69
C TRP C 256 -16.20 -19.21 32.27
N SER C 257 -16.72 -20.18 33.02
CA SER C 257 -16.71 -21.59 32.64
C SER C 257 -17.95 -22.24 33.23
N GLY C 258 -18.36 -23.36 32.64
CA GLY C 258 -19.53 -24.05 33.12
C GLY C 258 -19.90 -25.23 32.24
N ASN C 259 -21.16 -25.64 32.34
CA ASN C 259 -21.64 -26.83 31.67
C ASN C 259 -23.14 -26.75 31.50
N GLN C 260 -23.68 -27.65 30.67
CA GLN C 260 -25.10 -27.92 30.61
C GLN C 260 -25.33 -29.37 31.01
N THR C 261 -26.20 -29.59 32.00
CA THR C 261 -26.48 -30.92 32.52
C THR C 261 -27.96 -31.24 32.39
N LEU C 262 -28.27 -32.53 32.53
CA LEU C 262 -29.62 -33.04 32.33
C LEU C 262 -30.02 -33.93 33.50
N GLU C 263 -31.26 -33.77 33.96
CA GLU C 263 -31.79 -34.62 35.02
C GLU C 263 -33.29 -34.77 34.82
N THR C 264 -33.86 -35.81 35.41
CA THR C 264 -35.26 -36.14 35.23
C THR C 264 -36.10 -35.45 36.31
N ARG C 265 -36.97 -34.54 35.88
CA ARG C 265 -37.89 -33.84 36.76
C ARG C 265 -39.30 -34.01 36.23
N ASP C 266 -40.22 -34.47 37.11
CA ASP C 266 -41.61 -34.75 36.74
C ASP C 266 -41.69 -35.75 35.58
N ARG C 267 -40.85 -36.78 35.61
CA ARG C 267 -40.86 -37.86 34.58
C ARG C 267 -40.55 -37.31 33.18
N LYS C 268 -39.92 -36.13 33.07
CA LYS C 268 -39.54 -35.60 31.77
C LYS C 268 -38.18 -34.91 31.92
N PRO C 269 -37.40 -34.85 30.83
CA PRO C 269 -36.05 -34.28 30.94
C PRO C 269 -36.07 -32.82 31.38
N PHE C 270 -35.08 -32.46 32.20
CA PHE C 270 -34.91 -31.10 32.71
C PHE C 270 -33.48 -30.67 32.42
N TYR C 271 -33.32 -29.51 31.79
CA TYR C 271 -32.01 -29.04 31.32
C TYR C 271 -31.59 -27.80 32.12
N THR C 272 -30.34 -27.79 32.54
CA THR C 272 -29.79 -26.72 33.38
C THR C 272 -28.46 -26.25 32.83
N VAL C 273 -28.25 -24.94 32.81
CA VAL C 273 -26.99 -24.33 32.42
C VAL C 273 -26.41 -23.64 33.65
N ASP C 274 -25.19 -24.00 34.01
CA ASP C 274 -24.46 -23.38 35.12
C ASP C 274 -23.22 -22.67 34.59
N LEU C 275 -23.00 -21.44 35.02
CA LEU C 275 -21.80 -20.70 34.70
C LEU C 275 -21.27 -20.03 35.97
N ASN C 276 -19.95 -20.03 36.13
CA ASN C 276 -19.33 -19.40 37.28
C ASN C 276 -18.07 -18.66 36.83
N SER C 277 -17.72 -17.61 37.59
CA SER C 277 -16.56 -16.80 37.28
C SER C 277 -16.00 -16.19 38.56
N SER C 278 -14.67 -16.20 38.67
CA SER C 278 -13.98 -15.46 39.71
C SER C 278 -12.72 -14.79 39.16
N LEU C 279 -12.74 -14.44 37.87
CA LEU C 279 -11.56 -13.91 37.20
C LEU C 279 -11.96 -12.78 36.26
N THR C 280 -11.27 -11.65 36.37
CA THR C 280 -11.44 -10.52 35.46
C THR C 280 -10.06 -10.04 35.00
N VAL C 281 -10.03 -9.41 33.83
CA VAL C 281 -8.79 -8.95 33.22
C VAL C 281 -8.93 -7.47 32.87
N PRO C 282 -8.05 -6.59 33.37
CA PRO C 282 -8.06 -5.20 32.95
C PRO C 282 -7.23 -4.96 31.69
N LEU C 283 -7.70 -4.01 30.88
CA LEU C 283 -7.10 -3.73 29.58
C LEU C 283 -6.90 -2.23 29.40
N GLN C 284 -6.06 -1.90 28.44
CA GLN C 284 -5.83 -0.51 28.01
C GLN C 284 -5.79 -0.47 26.50
N SER C 285 -6.51 0.48 25.91
CA SER C 285 -6.56 0.68 24.46
C SER C 285 -6.16 2.10 24.13
N CYS C 286 -5.31 2.26 23.12
CA CYS C 286 -4.76 3.57 22.78
C CYS C 286 -4.76 3.78 21.28
N VAL C 287 -4.82 5.06 20.89
CA VAL C 287 -4.55 5.48 19.52
C VAL C 287 -3.26 6.28 19.53
N LYS C 288 -2.66 6.40 18.36
CA LYS C 288 -1.36 7.06 18.25
C LYS C 288 -1.47 8.34 17.44
N PRO C 289 -0.61 9.34 17.71
CA PRO C 289 -0.61 10.54 16.88
C PRO C 289 -0.37 10.19 15.44
N PRO C 290 -0.97 10.94 14.51
CA PRO C 290 -1.73 12.19 14.70
C PRO C 290 -3.19 12.01 15.13
N TYR C 291 -3.59 10.85 15.64
CA TYR C 291 -4.96 10.65 16.11
C TYR C 291 -5.05 10.91 17.61
N MET C 292 -6.18 11.48 18.04
CA MET C 292 -6.45 11.75 19.44
C MET C 292 -7.91 11.41 19.73
N LEU C 293 -8.30 11.58 21.00
CA LEU C 293 -9.67 11.37 21.43
C LEU C 293 -10.18 12.59 22.17
N VAL C 294 -11.43 12.95 21.91
CA VAL C 294 -12.11 14.05 22.59
C VAL C 294 -13.19 13.45 23.47
N VAL C 295 -13.12 13.73 24.77
CA VAL C 295 -13.99 13.10 25.76
C VAL C 295 -14.73 14.18 26.53
N GLY C 296 -16.05 14.09 26.56
CA GLY C 296 -16.86 15.05 27.29
C GLY C 296 -18.31 14.99 26.84
N ASN C 297 -18.98 16.14 26.92
CA ASN C 297 -20.39 16.25 26.54
C ASN C 297 -20.46 16.72 25.08
N ILE C 298 -20.23 15.76 24.18
CA ILE C 298 -20.20 16.04 22.75
C ILE C 298 -21.62 16.19 22.23
N VAL C 299 -21.87 17.28 21.50
CA VAL C 299 -23.18 17.58 20.94
C VAL C 299 -23.04 17.62 19.42
N ILE C 300 -23.90 16.90 18.72
CA ILE C 300 -23.89 16.84 17.26
C ILE C 300 -25.21 17.38 16.74
N LYS C 301 -25.12 18.33 15.82
CA LYS C 301 -26.30 18.97 15.22
C LYS C 301 -26.38 18.58 13.75
N PRO C 302 -27.25 17.65 13.37
CA PRO C 302 -27.24 17.15 11.99
C PRO C 302 -27.76 18.15 10.96
N ASP C 303 -28.54 19.16 11.38
CA ASP C 303 -29.10 20.09 10.40
C ASP C 303 -28.04 21.05 9.88
N SER C 304 -27.17 21.56 10.77
CA SER C 304 -26.10 22.46 10.39
C SER C 304 -24.74 21.80 10.32
N GLN C 305 -24.65 20.52 10.70
CA GLN C 305 -23.41 19.74 10.65
C GLN C 305 -22.31 20.39 11.48
N THR C 306 -22.61 20.55 12.77
CA THR C 306 -21.71 21.18 13.73
C THR C 306 -21.49 20.23 14.91
N ILE C 307 -20.26 20.22 15.43
CA ILE C 307 -19.93 19.50 16.65
C ILE C 307 -19.40 20.51 17.66
N THR C 308 -20.02 20.57 18.83
CA THR C 308 -19.62 21.47 19.89
C THR C 308 -19.45 20.68 21.18
N CYS C 309 -18.45 21.06 21.97
CA CYS C 309 -18.20 20.39 23.24
C CYS C 309 -17.45 21.37 24.13
N GLU C 310 -18.03 21.72 25.27
CA GLU C 310 -17.45 22.71 26.17
C GLU C 310 -16.80 22.02 27.37
N ASN C 311 -15.58 22.43 27.69
CA ASN C 311 -14.82 21.90 28.83
C ASN C 311 -14.61 20.38 28.70
N CYS C 312 -14.02 19.98 27.58
CA CYS C 312 -13.82 18.57 27.27
C CYS C 312 -12.34 18.25 27.21
N ARG C 313 -12.00 17.01 27.53
CA ARG C 313 -10.62 16.60 27.68
C ARG C 313 -10.10 15.93 26.41
N LEU C 314 -8.79 16.01 26.23
CA LEU C 314 -8.08 15.34 25.15
C LEU C 314 -7.31 14.16 25.72
N LEU C 315 -7.47 12.99 25.11
CA LEU C 315 -6.90 11.76 25.63
C LEU C 315 -6.27 10.96 24.50
N THR C 316 -5.55 9.91 24.89
CA THR C 316 -4.88 9.01 23.96
C THR C 316 -5.28 7.57 24.24
N CYS C 317 -5.53 7.25 25.52
CA CYS C 317 -5.79 5.89 25.96
C CYS C 317 -7.10 5.81 26.73
N ILE C 318 -7.71 4.63 26.67
CA ILE C 318 -8.93 4.32 27.43
C ILE C 318 -8.60 3.18 28.37
N ASP C 319 -9.01 3.31 29.63
CA ASP C 319 -8.89 2.20 30.57
C ASP C 319 -10.17 2.03 31.38
N SER C 320 -10.12 1.17 32.41
CA SER C 320 -11.31 0.78 33.15
C SER C 320 -11.83 1.86 34.10
N THR C 321 -11.13 2.97 34.23
CA THR C 321 -11.62 4.10 35.02
C THR C 321 -12.47 5.06 34.19
N PHE C 322 -12.75 4.74 32.94
CA PHE C 322 -13.58 5.58 32.10
C PHE C 322 -15.01 5.63 32.63
N ASN C 323 -15.60 6.83 32.60
CA ASN C 323 -16.98 7.05 33.02
C ASN C 323 -17.83 7.26 31.79
N TRP C 324 -18.85 6.41 31.60
CA TRP C 324 -19.69 6.48 30.43
C TRP C 324 -20.74 7.58 30.52
N GLN C 325 -20.64 8.45 31.53
CA GLN C 325 -21.34 9.73 31.47
C GLN C 325 -20.81 10.58 30.33
N HIS C 326 -19.55 10.39 29.95
CA HIS C 326 -18.93 11.10 28.85
C HIS C 326 -19.03 10.29 27.56
N ARG C 327 -18.61 10.92 26.46
CA ARG C 327 -18.60 10.29 25.15
C ARG C 327 -17.27 10.53 24.45
N ILE C 328 -16.98 9.69 23.46
CA ILE C 328 -15.71 9.68 22.77
C ILE C 328 -15.92 10.10 21.32
N LEU C 329 -15.15 11.09 20.87
CA LEU C 329 -15.12 11.51 19.47
C LEU C 329 -13.72 11.29 18.93
N LEU C 330 -13.62 10.57 17.81
CA LEU C 330 -12.35 10.32 17.17
C LEU C 330 -11.95 11.51 16.30
N VAL C 331 -10.74 12.01 16.49
CA VAL C 331 -10.25 13.18 15.75
C VAL C 331 -8.85 12.91 15.24
N ARG C 332 -8.42 13.75 14.30
CA ARG C 332 -7.08 13.70 13.73
C ARG C 332 -6.57 15.11 13.52
N ALA C 333 -5.24 15.27 13.57
CA ALA C 333 -4.62 16.54 13.25
C ALA C 333 -4.93 16.92 11.80
N ARG C 334 -5.22 18.19 11.58
CA ARG C 334 -5.75 18.64 10.30
C ARG C 334 -4.64 18.94 9.30
N GLU C 335 -5.03 18.97 8.03
CA GLU C 335 -4.13 19.34 6.93
C GLU C 335 -3.98 20.85 6.87
N GLY C 336 -3.18 21.31 5.89
CA GLY C 336 -2.92 22.74 5.78
C GLY C 336 -4.16 23.54 5.44
N VAL C 337 -4.16 24.80 5.89
CA VAL C 337 -5.28 25.72 5.70
C VAL C 337 -4.77 27.01 5.08
N TRP C 338 -5.71 27.82 4.61
CA TRP C 338 -5.43 29.12 4.01
C TRP C 338 -6.03 30.21 4.87
N ILE C 339 -5.25 31.23 5.18
CA ILE C 339 -5.69 32.30 6.09
C ILE C 339 -5.11 33.63 5.64
N PRO C 340 -5.92 34.69 5.59
CA PRO C 340 -5.36 36.03 5.30
C PRO C 340 -4.84 36.71 6.55
N CYS C 341 -3.66 37.31 6.43
CA CYS C 341 -3.05 38.06 7.52
C CYS C 341 -2.49 39.36 6.97
N SER C 342 -2.37 40.36 7.86
CA SER C 342 -1.98 41.70 7.48
C SER C 342 -0.56 42.01 7.93
N MET C 343 0.18 42.72 7.09
CA MET C 343 1.53 43.18 7.36
C MET C 343 1.55 44.71 7.33
N ASP C 344 2.63 45.27 7.87
CA ASP C 344 2.82 46.71 7.90
C ASP C 344 3.65 47.22 6.72
N ARG C 345 4.06 46.34 5.82
CA ARG C 345 4.85 46.71 4.65
C ARG C 345 4.41 45.84 3.49
N PRO C 346 4.67 46.27 2.25
CA PRO C 346 4.29 45.45 1.10
C PRO C 346 5.11 44.15 1.03
N TRP C 347 4.56 43.20 0.30
CA TRP C 347 5.20 41.90 0.13
C TRP C 347 6.55 42.05 -0.55
N GLU C 348 7.53 41.28 -0.07
CA GLU C 348 8.89 41.31 -0.60
C GLU C 348 9.36 39.88 -0.85
N ALA C 349 10.21 39.72 -1.87
CA ALA C 349 10.74 38.42 -2.24
C ALA C 349 12.13 38.15 -1.67
N SER C 350 12.97 39.17 -1.60
CA SER C 350 14.33 39.04 -1.09
C SER C 350 14.66 40.28 -0.27
N PRO C 351 15.64 40.18 0.63
CA PRO C 351 16.08 41.36 1.39
C PRO C 351 17.16 42.16 0.68
N SER C 352 17.36 41.91 -0.62
CA SER C 352 18.46 42.54 -1.35
C SER C 352 18.35 44.07 -1.32
N ILE C 353 17.15 44.60 -1.55
CA ILE C 353 16.95 46.04 -1.44
C ILE C 353 17.18 46.49 -0.01
N HIS C 354 16.71 45.70 0.96
CA HIS C 354 16.92 46.02 2.36
C HIS C 354 18.40 46.09 2.71
N ILE C 355 19.20 45.18 2.15
CA ILE C 355 20.63 45.15 2.47
C ILE C 355 21.32 46.43 2.00
N LEU C 356 21.00 46.89 0.78
CA LEU C 356 21.61 48.10 0.26
C LEU C 356 21.29 49.32 1.13
N THR C 357 20.21 49.27 1.90
CA THR C 357 19.83 50.41 2.74
C THR C 357 20.90 50.69 3.80
N GLU C 358 21.38 49.66 4.49
CA GLU C 358 22.44 49.86 5.47
C GLU C 358 23.82 49.96 4.83
N VAL C 359 23.99 49.52 3.58
CA VAL C 359 25.26 49.74 2.90
C VAL C 359 25.47 51.23 2.62
N LEU C 360 24.43 51.90 2.12
CA LEU C 360 24.52 53.33 1.88
C LEU C 360 24.69 54.10 3.19
N LYS C 361 23.95 53.68 4.23
CA LYS C 361 24.11 54.31 5.54
C LYS C 361 25.50 54.08 6.10
N GLY C 362 26.13 52.96 5.77
CA GLY C 362 27.46 52.65 6.26
C GLY C 362 28.60 53.33 5.54
N VAL C 363 28.31 54.03 4.44
CA VAL C 363 29.33 54.73 3.68
C VAL C 363 29.81 55.95 4.46
N PHE D 1 -4.15 10.96 -4.96
CA PHE D 1 -3.87 10.27 -6.21
C PHE D 1 -5.12 10.17 -7.09
N ILE D 2 -6.24 10.63 -6.55
CA ILE D 2 -7.49 10.71 -7.31
C ILE D 2 -8.29 11.89 -6.77
N PHE D 3 -8.69 12.78 -7.67
CA PHE D 3 -9.41 13.99 -7.29
C PHE D 3 -10.58 14.21 -8.25
N THR D 4 -11.61 14.87 -7.74
CA THR D 4 -12.75 15.31 -8.55
C THR D 4 -12.72 16.83 -8.58
N LEU D 5 -12.38 17.39 -9.73
CA LEU D 5 -12.24 18.84 -9.89
C LEU D 5 -13.43 19.34 -10.72
N ILE D 6 -14.31 20.10 -10.08
CA ILE D 6 -15.51 20.60 -10.72
C ILE D 6 -15.40 22.06 -11.10
N ALA D 7 -14.72 22.85 -10.26
CA ALA D 7 -14.68 24.30 -10.40
C ALA D 7 -13.39 24.81 -11.02
N VAL D 8 -12.56 23.92 -11.58
CA VAL D 8 -11.36 24.38 -12.27
C VAL D 8 -11.74 24.93 -13.65
N ILE D 9 -10.87 25.77 -14.20
CA ILE D 9 -11.16 26.41 -15.47
C ILE D 9 -11.09 25.42 -16.62
N MET D 10 -10.11 24.52 -16.61
CA MET D 10 -9.93 23.55 -17.68
C MET D 10 -9.73 22.16 -17.08
N GLY D 11 -10.36 21.17 -17.69
CA GLY D 11 -10.17 19.79 -17.30
C GLY D 11 -8.96 19.17 -17.99
N LEU D 12 -8.69 17.92 -17.63
CA LEU D 12 -7.56 17.20 -18.21
C LEU D 12 -7.74 16.98 -19.70
N ILE D 13 -8.97 16.75 -20.16
CA ILE D 13 -9.22 16.55 -21.58
C ILE D 13 -8.93 17.82 -22.36
N ALA D 14 -9.41 18.96 -21.87
CA ALA D 14 -9.20 20.22 -22.58
C ALA D 14 -7.73 20.62 -22.61
N VAL D 15 -7.01 20.36 -21.51
CA VAL D 15 -5.59 20.67 -21.48
C VAL D 15 -4.83 19.86 -22.51
N THR D 16 -5.16 18.57 -22.63
CA THR D 16 -4.45 17.69 -23.55
C THR D 16 -4.82 18.00 -25.01
N ALA D 17 -6.10 18.22 -25.28
CA ALA D 17 -6.54 18.43 -26.66
C ALA D 17 -6.05 19.78 -27.20
N THR D 18 -6.02 20.81 -26.38
CA THR D 18 -5.68 22.14 -26.86
C THR D 18 -4.18 22.30 -27.09
N ALA D 19 -3.35 21.62 -26.32
CA ALA D 19 -1.89 21.71 -26.47
C ALA D 19 -1.37 20.90 -27.64
N ALA D 20 -2.19 20.05 -28.26
CA ALA D 20 -1.69 19.16 -29.30
C ALA D 20 -1.23 19.91 -30.55
N VAL D 21 -1.84 21.05 -30.85
CA VAL D 21 -1.44 21.82 -32.04
C VAL D 21 -0.01 22.31 -31.89
N ALA D 22 0.32 22.88 -30.74
CA ALA D 22 1.68 23.37 -30.51
C ALA D 22 2.68 22.24 -30.34
N GLY D 23 2.22 21.04 -29.96
CA GLY D 23 3.12 19.92 -29.79
C GLY D 23 3.73 19.42 -31.09
N VAL D 24 3.12 19.75 -32.23
CA VAL D 24 3.67 19.36 -33.52
C VAL D 24 5.00 20.07 -33.76
N ALA D 25 5.06 21.37 -33.48
CA ALA D 25 6.29 22.12 -33.66
C ALA D 25 7.36 21.68 -32.65
N LEU D 26 6.96 21.34 -31.43
CA LEU D 26 7.91 20.88 -30.43
C LEU D 26 8.57 19.57 -30.83
N HIS D 27 7.87 18.74 -31.59
CA HIS D 27 8.42 17.46 -32.02
C HIS D 27 9.39 17.57 -33.19
N SER D 28 9.46 18.73 -33.85
CA SER D 28 10.20 18.86 -35.10
C SER D 28 11.57 19.49 -34.93
N SER D 29 11.73 20.46 -34.03
CA SER D 29 13.02 21.13 -33.86
C SER D 29 13.01 21.87 -32.52
N VAL D 30 14.14 22.53 -32.23
CA VAL D 30 14.29 23.28 -30.99
C VAL D 30 13.46 24.56 -31.08
N GLN D 31 12.71 24.85 -30.01
CA GLN D 31 11.93 26.07 -29.89
C GLN D 31 12.49 26.95 -28.79
N SER D 32 12.00 28.18 -28.73
CA SER D 32 12.42 29.10 -27.69
C SER D 32 11.77 28.73 -26.36
N CYS D 33 12.39 29.18 -25.27
CA CYS D 33 11.86 28.87 -23.94
C CYS D 33 10.53 29.56 -23.70
N ASN D 34 10.28 30.68 -24.35
CA ASN D 34 8.96 31.30 -24.29
C ASN D 34 7.90 30.41 -24.96
N PHE D 35 8.26 29.78 -26.07
CA PHE D 35 7.33 28.86 -26.74
C PHE D 35 6.99 27.68 -25.84
N VAL D 36 7.98 27.12 -25.17
CA VAL D 36 7.73 26.00 -24.25
C VAL D 36 6.86 26.45 -23.08
N ASN D 37 7.07 27.69 -22.62
CA ASN D 37 6.29 28.21 -21.50
C ASN D 37 4.80 28.28 -21.82
N ASP D 38 4.46 28.76 -23.02
CA ASP D 38 3.06 28.84 -23.42
C ASP D 38 2.44 27.46 -23.60
N TRP D 39 3.26 26.46 -23.95
CA TRP D 39 2.74 25.13 -24.24
C TRP D 39 2.35 24.39 -22.97
N GLN D 40 3.12 24.53 -21.90
CA GLN D 40 2.88 23.81 -20.66
C GLN D 40 2.13 24.63 -19.62
N LYS D 41 1.71 25.85 -19.96
CA LYS D 41 1.20 26.79 -18.95
C LYS D 41 -0.08 26.28 -18.31
N ASN D 42 -1.04 25.84 -19.12
CA ASN D 42 -2.33 25.41 -18.58
C ASN D 42 -2.23 24.05 -17.89
N SER D 43 -1.32 23.19 -18.32
CA SER D 43 -1.13 21.91 -17.65
C SER D 43 -0.58 22.10 -16.24
N THR D 44 0.39 23.00 -16.08
CA THR D 44 0.96 23.25 -14.74
C THR D 44 -0.07 23.89 -13.82
N ARG D 45 -0.93 24.76 -14.36
CA ARG D 45 -1.98 25.38 -13.55
C ARG D 45 -2.97 24.32 -13.04
N LEU D 46 -3.33 23.35 -13.88
CA LEU D 46 -4.28 22.33 -13.46
C LEU D 46 -3.74 21.49 -12.32
N TRP D 47 -2.46 21.15 -12.36
CA TRP D 47 -1.85 20.26 -11.37
C TRP D 47 -1.37 21.00 -10.13
N ASN D 48 -1.57 22.31 -10.04
CA ASN D 48 -1.26 23.06 -8.83
C ASN D 48 -2.52 23.56 -8.14
N SER D 49 -3.71 23.04 -8.51
CA SER D 49 -4.94 23.62 -8.00
C SER D 49 -5.97 22.58 -7.54
N GLN D 50 -5.56 21.34 -7.29
CA GLN D 50 -6.46 20.35 -6.70
C GLN D 50 -6.42 20.49 -5.19
N SER D 51 -7.58 20.28 -4.55
CA SER D 51 -7.77 20.64 -3.15
C SER D 51 -7.58 19.46 -2.19
N SER D 52 -8.36 18.40 -2.36
CA SER D 52 -8.28 17.26 -1.46
C SER D 52 -8.68 16.00 -2.21
N ILE D 53 -8.20 14.86 -1.69
CA ILE D 53 -8.47 13.57 -2.33
C ILE D 53 -9.96 13.23 -2.18
N ASP D 54 -10.57 12.81 -3.27
CA ASP D 54 -11.98 12.41 -3.26
C ASP D 54 -12.13 11.16 -2.40
N GLN D 55 -12.66 11.34 -1.19
CA GLN D 55 -12.74 10.23 -0.24
C GLN D 55 -13.75 9.18 -0.67
N LYS D 56 -14.80 9.59 -1.40
CA LYS D 56 -15.81 8.63 -1.85
C LYS D 56 -15.22 7.60 -2.80
N LEU D 57 -14.34 8.02 -3.70
CA LEU D 57 -13.71 7.09 -4.61
C LEU D 57 -12.51 6.39 -4.00
N ALA D 58 -11.76 7.07 -3.13
CA ALA D 58 -10.52 6.52 -2.59
C ALA D 58 -10.77 5.33 -1.67
N ASN D 59 -11.84 5.38 -0.88
CA ASN D 59 -12.07 4.31 0.09
C ASN D 59 -12.58 3.02 -0.53
N GLN D 60 -12.81 3.00 -1.84
CA GLN D 60 -13.28 1.80 -2.55
C GLN D 60 -12.16 1.04 -3.24
N ILE D 61 -10.91 1.48 -3.12
CA ILE D 61 -9.81 0.85 -3.83
C ILE D 61 -9.48 -0.48 -3.18
N ASN D 62 -9.35 -1.54 -3.99
CA ASN D 62 -9.05 -2.88 -3.50
C ASN D 62 -7.59 -3.26 -3.68
N ASP D 63 -7.03 -3.03 -4.87
CA ASP D 63 -5.63 -3.34 -5.16
C ASP D 63 -4.84 -2.03 -5.19
N LEU D 64 -3.85 -1.93 -4.31
CA LEU D 64 -3.09 -0.69 -4.14
C LEU D 64 -1.80 -0.65 -4.94
N ARG D 65 -1.52 -1.68 -5.75
CA ARG D 65 -0.23 -1.77 -6.44
C ARG D 65 -0.03 -0.60 -7.41
N GLN D 66 -1.04 -0.31 -8.23
CA GLN D 66 -0.90 0.74 -9.24
C GLN D 66 -0.81 2.12 -8.61
N THR D 67 -1.51 2.34 -7.49
CA THR D 67 -1.44 3.62 -6.80
C THR D 67 -0.07 3.83 -6.15
N VAL D 68 0.45 2.79 -5.50
CA VAL D 68 1.74 2.91 -4.81
C VAL D 68 2.86 3.17 -5.82
N ILE D 69 2.83 2.46 -6.95
CA ILE D 69 3.85 2.67 -7.98
C ILE D 69 3.78 4.08 -8.54
N TRP D 70 2.57 4.61 -8.73
CA TRP D 70 2.41 5.99 -9.18
C TRP D 70 2.98 6.98 -8.16
N MET D 71 2.72 6.73 -6.87
CA MET D 71 3.22 7.62 -5.83
C MET D 71 4.75 7.57 -5.73
N GLY D 72 5.33 6.41 -6.00
CA GLY D 72 6.79 6.30 -5.95
C GLY D 72 7.47 7.11 -7.05
N ASP D 73 6.89 7.12 -8.25
CA ASP D 73 7.44 7.94 -9.33
C ASP D 73 7.32 9.43 -9.00
N ARG D 74 6.21 9.84 -8.40
CA ARG D 74 6.05 11.25 -8.04
C ARG D 74 7.02 11.66 -6.95
N LEU D 75 7.24 10.80 -5.95
CA LEU D 75 8.17 11.11 -4.88
C LEU D 75 9.60 11.23 -5.40
N MET D 76 10.00 10.31 -6.29
CA MET D 76 11.34 10.39 -6.88
C MET D 76 11.50 11.65 -7.71
N SER D 77 10.47 12.03 -8.47
CA SER D 77 10.55 13.24 -9.28
C SER D 77 10.70 14.49 -8.44
N LEU D 78 10.01 14.53 -7.29
CA LEU D 78 10.11 15.68 -6.40
C LEU D 78 11.50 15.77 -5.78
N GLU D 79 12.09 14.63 -5.41
CA GLU D 79 13.43 14.63 -4.82
C GLU D 79 14.45 15.20 -5.79
N HIS D 80 14.37 14.82 -7.06
CA HIS D 80 15.31 15.33 -8.06
C HIS D 80 15.06 16.82 -8.33
N ARG D 81 13.81 17.27 -8.23
CA ARG D 81 13.51 18.68 -8.45
C ARG D 81 14.08 19.56 -7.34
N PHE D 82 14.11 19.06 -6.11
CA PHE D 82 14.67 19.82 -5.00
C PHE D 82 16.16 20.08 -5.16
N GLN D 83 16.84 19.29 -6.00
CA GLN D 83 18.28 19.40 -6.18
C GLN D 83 18.68 20.23 -7.38
N LEU D 84 17.76 20.53 -8.30
CA LEU D 84 18.09 21.21 -9.54
C LEU D 84 18.30 22.71 -9.33
N GLN D 85 19.14 23.29 -10.19
CA GLN D 85 19.36 24.73 -10.25
C GLN D 85 18.64 25.28 -11.48
N CYS D 86 17.81 26.31 -11.26
CA CYS D 86 16.94 26.81 -12.32
C CYS D 86 17.16 28.31 -12.51
N ASP D 87 16.89 28.77 -13.73
CA ASP D 87 16.98 30.19 -14.04
C ASP D 87 15.91 30.96 -13.27
N TRP D 88 16.29 32.13 -12.76
CA TRP D 88 15.44 32.86 -11.83
C TRP D 88 14.17 33.39 -12.50
N ASN D 89 14.21 33.71 -13.80
CA ASN D 89 13.09 34.38 -14.43
C ASN D 89 11.94 33.43 -14.81
N THR D 90 12.15 32.12 -14.80
CA THR D 90 11.11 31.16 -15.12
C THR D 90 10.84 30.29 -13.91
N SER D 91 9.59 30.25 -13.46
CA SER D 91 9.21 29.50 -12.28
C SER D 91 8.21 28.38 -12.55
N ASP D 92 7.58 28.35 -13.72
CA ASP D 92 6.67 27.25 -14.05
C ASP D 92 7.44 25.94 -14.23
N PHE D 93 8.63 26.00 -14.81
CA PHE D 93 9.46 24.82 -15.04
C PHE D 93 10.91 25.23 -14.92
N CYS D 94 11.79 24.24 -14.81
CA CYS D 94 13.19 24.46 -14.49
C CYS D 94 14.05 24.47 -15.75
N ILE D 95 14.84 25.53 -15.91
CA ILE D 95 15.84 25.62 -16.96
C ILE D 95 17.21 25.52 -16.30
N THR D 96 17.95 24.47 -16.64
CA THR D 96 19.26 24.20 -16.06
C THR D 96 20.36 24.94 -16.80
N PRO D 97 21.53 25.12 -16.18
CA PRO D 97 22.64 25.80 -16.87
C PRO D 97 23.44 24.88 -17.79
N GLN D 98 22.90 23.72 -18.13
CA GLN D 98 23.58 22.79 -19.01
C GLN D 98 23.34 23.19 -20.46
N ILE D 99 24.42 23.46 -21.20
CA ILE D 99 24.32 23.85 -22.59
C ILE D 99 24.04 22.62 -23.46
N TYR D 100 23.12 22.77 -24.40
CA TYR D 100 22.78 21.69 -25.33
C TYR D 100 23.83 21.59 -26.42
N ASN D 101 24.37 20.38 -26.61
CA ASN D 101 25.53 20.17 -27.48
C ASN D 101 25.12 19.90 -28.92
N GLU D 102 24.15 19.01 -29.15
CA GLU D 102 23.62 18.65 -30.46
C GLU D 102 24.59 17.79 -31.27
N SER D 103 25.82 17.62 -30.77
CA SER D 103 26.72 16.62 -31.33
C SER D 103 26.69 15.32 -30.55
N GLU D 104 26.43 15.40 -29.24
CA GLU D 104 26.19 14.20 -28.45
C GLU D 104 24.74 13.76 -28.52
N HIS D 105 23.81 14.70 -28.64
CA HIS D 105 22.38 14.42 -28.65
C HIS D 105 21.78 14.98 -29.94
N HIS D 106 21.73 14.16 -30.98
CA HIS D 106 21.01 14.54 -32.19
C HIS D 106 19.52 14.69 -31.89
N TRP D 107 18.85 15.52 -32.70
CA TRP D 107 17.46 15.85 -32.40
C TRP D 107 16.56 14.62 -32.42
N ASP D 108 16.93 13.58 -33.17
CA ASP D 108 16.09 12.38 -33.25
C ASP D 108 16.01 11.68 -31.89
N MET D 109 17.07 11.77 -31.08
CA MET D 109 17.00 11.23 -29.72
C MET D 109 15.96 11.98 -28.89
N VAL D 110 15.88 13.31 -29.07
CA VAL D 110 14.94 14.10 -28.29
C VAL D 110 13.50 13.81 -28.73
N ARG D 111 13.27 13.70 -30.04
CA ARG D 111 11.93 13.41 -30.53
C ARG D 111 11.44 12.05 -30.02
N ARG D 112 12.31 11.05 -30.03
CA ARG D 112 11.92 9.73 -29.53
C ARG D 112 11.58 9.78 -28.04
N HIS D 113 12.33 10.58 -27.27
CA HIS D 113 12.03 10.74 -25.86
C HIS D 113 10.68 11.41 -25.64
N LEU D 114 10.38 12.44 -26.45
CA LEU D 114 9.09 13.12 -26.32
C LEU D 114 7.93 12.21 -26.68
N GLN D 115 8.13 11.28 -27.60
CA GLN D 115 7.08 10.34 -28.00
C GLN D 115 6.84 9.24 -26.97
N GLY D 116 7.69 9.12 -25.96
CA GLY D 116 7.53 8.09 -24.95
C GLY D 116 8.25 6.79 -25.22
N ARG D 117 9.24 6.79 -26.10
CA ARG D 117 10.01 5.59 -26.40
C ARG D 117 11.17 5.43 -25.42
N GLU D 118 11.63 4.20 -25.30
CA GLU D 118 12.81 3.89 -24.48
C GLU D 118 13.69 2.86 -25.17
N ASP D 119 13.91 3.01 -26.47
CA ASP D 119 14.74 2.09 -27.21
C ASP D 119 16.20 2.55 -27.16
N ASN D 120 17.07 1.91 -27.94
CA ASN D 120 18.48 2.23 -27.93
C ASN D 120 18.82 3.45 -28.77
N LEU D 121 17.87 3.98 -29.53
CA LEU D 121 18.04 5.24 -30.25
C LEU D 121 17.45 6.42 -29.49
N THR D 122 16.96 6.19 -28.27
CA THR D 122 16.35 7.25 -27.46
C THR D 122 17.40 7.90 -26.57
N LEU D 123 17.13 9.16 -26.20
CA LEU D 123 18.00 9.88 -25.28
C LEU D 123 18.07 9.16 -23.94
N ASP D 124 19.29 9.01 -23.42
CA ASP D 124 19.53 8.33 -22.15
C ASP D 124 19.37 9.36 -21.02
N ILE D 125 18.28 9.23 -20.26
CA ILE D 125 17.98 10.21 -19.22
C ILE D 125 18.95 10.10 -18.06
N SER D 126 19.30 8.86 -17.67
CA SER D 126 20.22 8.66 -16.55
C SER D 126 21.58 9.27 -16.83
N LYS D 127 22.10 9.07 -18.05
CA LYS D 127 23.39 9.66 -18.40
C LYS D 127 23.31 11.18 -18.48
N LEU D 128 22.19 11.72 -18.99
CA LEU D 128 22.04 13.16 -19.06
C LEU D 128 21.95 13.78 -17.67
N LYS D 129 21.26 13.11 -16.74
CA LYS D 129 21.13 13.65 -15.39
C LYS D 129 22.47 13.69 -14.66
N GLU D 130 23.33 12.73 -14.93
CA GLU D 130 24.67 12.74 -14.32
C GLU D 130 25.47 13.95 -14.80
N GLN D 131 25.38 14.30 -16.08
CA GLN D 131 26.07 15.47 -16.58
C GLN D 131 25.52 16.75 -15.96
N ILE D 132 24.20 16.86 -15.85
CA ILE D 132 23.61 18.08 -15.30
C ILE D 132 23.93 18.21 -13.81
N PHE D 133 23.96 17.10 -13.09
CA PHE D 133 24.25 17.15 -11.65
C PHE D 133 25.66 17.68 -11.39
N GLU D 134 26.64 17.25 -12.19
CA GLU D 134 28.01 17.67 -11.98
C GLU D 134 28.27 19.10 -12.45
N ALA D 135 27.54 19.55 -13.46
CA ALA D 135 27.78 20.86 -14.06
C ALA D 135 26.98 21.98 -13.40
N SER D 136 26.09 21.68 -12.46
CA SER D 136 25.17 22.67 -11.90
C SER D 136 25.49 23.01 -10.45
N LYS D 137 26.69 22.71 -9.97
CA LYS D 137 27.02 22.95 -8.58
C LYS D 137 27.04 24.45 -8.27
N ALA D 138 26.67 24.78 -7.02
CA ALA D 138 26.47 26.17 -6.64
C ALA D 138 27.75 26.98 -6.74
N HIS D 139 28.89 26.37 -6.40
CA HIS D 139 30.15 27.09 -6.44
C HIS D 139 30.62 27.37 -7.87
N LEU D 140 29.93 26.80 -8.88
CA LEU D 140 30.25 27.05 -10.28
C LEU D 140 29.27 27.99 -10.96
N ASN D 141 28.11 28.25 -10.36
CA ASN D 141 27.06 28.98 -11.06
C ASN D 141 26.41 30.11 -10.26
N LEU D 142 26.50 30.12 -8.94
CA LEU D 142 25.79 31.14 -8.16
C LEU D 142 26.44 32.50 -8.31
N VAL D 143 27.77 32.56 -8.38
CA VAL D 143 28.49 33.82 -8.52
C VAL D 143 28.53 34.20 -9.99
N PRO D 144 28.06 35.39 -10.37
CA PRO D 144 28.12 35.80 -11.78
C PRO D 144 29.56 35.93 -12.24
N GLY D 145 29.75 35.70 -13.54
CA GLY D 145 31.08 35.68 -14.11
C GLY D 145 31.71 37.07 -14.17
N THR D 146 32.98 37.07 -14.60
CA THR D 146 33.74 38.32 -14.68
C THR D 146 33.11 39.29 -15.66
N GLU D 147 32.65 38.80 -16.81
CA GLU D 147 32.06 39.66 -17.83
C GLU D 147 30.78 40.34 -17.36
N ALA D 148 30.12 39.79 -16.34
CA ALA D 148 28.92 40.40 -15.80
C ALA D 148 29.22 41.36 -14.65
N ILE D 149 30.17 41.00 -13.80
CA ILE D 149 30.57 41.88 -12.70
C ILE D 149 31.25 43.14 -13.24
N ALA D 150 32.13 42.98 -14.24
CA ALA D 150 32.82 44.12 -14.80
C ALA D 150 31.85 45.03 -15.55
N GLY D 151 30.88 44.46 -16.25
CA GLY D 151 29.95 45.27 -17.01
C GLY D 151 29.11 46.18 -16.14
N VAL D 152 28.74 45.72 -14.96
CA VAL D 152 27.91 46.52 -14.07
C VAL D 152 28.77 47.45 -13.20
N ALA D 153 30.03 47.09 -12.96
CA ALA D 153 30.93 47.91 -12.14
C ALA D 153 31.70 48.91 -13.01
N ASP D 154 30.94 49.72 -13.74
CA ASP D 154 31.53 50.76 -14.57
C ASP D 154 31.89 52.02 -13.78
N GLY D 155 31.41 52.15 -12.55
CA GLY D 155 31.69 53.32 -11.74
C GLY D 155 31.08 53.25 -10.36
N PHE E 1 10.69 3.04 -6.17
CA PHE E 1 11.30 2.44 -4.99
C PHE E 1 12.20 1.26 -5.38
N ILE E 2 12.17 0.91 -6.66
CA ILE E 2 13.07 -0.11 -7.20
C ILE E 2 13.44 0.27 -8.63
N PHE E 3 14.73 0.33 -8.91
CA PHE E 3 15.22 0.75 -10.22
C PHE E 3 16.32 -0.20 -10.67
N THR E 4 16.49 -0.30 -11.99
CA THR E 4 17.59 -1.03 -12.60
C THR E 4 18.44 -0.03 -13.37
N LEU E 5 19.61 0.29 -12.81
CA LEU E 5 20.51 1.30 -13.38
C LEU E 5 21.65 0.58 -14.07
N ILE E 6 21.68 0.65 -15.40
CA ILE E 6 22.68 -0.05 -16.19
C ILE E 6 23.77 0.90 -16.67
N ALA E 7 23.40 2.13 -17.04
CA ALA E 7 24.31 3.06 -17.68
C ALA E 7 24.89 4.11 -16.73
N VAL E 8 24.70 3.93 -15.42
CA VAL E 8 25.32 4.85 -14.47
C VAL E 8 26.81 4.55 -14.37
N ILE E 9 27.57 5.57 -13.95
CA ILE E 9 29.02 5.41 -13.87
C ILE E 9 29.40 4.47 -12.74
N MET E 10 28.73 4.57 -11.59
CA MET E 10 29.03 3.74 -10.43
C MET E 10 27.75 3.18 -9.85
N GLY E 11 27.78 1.89 -9.51
CA GLY E 11 26.66 1.25 -8.85
C GLY E 11 26.71 1.43 -7.34
N LEU E 12 25.69 0.87 -6.67
CA LEU E 12 25.61 1.00 -5.22
C LEU E 12 26.75 0.27 -4.52
N ILE E 13 27.22 -0.83 -5.07
CA ILE E 13 28.32 -1.58 -4.45
C ILE E 13 29.61 -0.76 -4.50
N ALA E 14 29.93 -0.18 -5.65
CA ALA E 14 31.15 0.59 -5.79
C ALA E 14 31.11 1.86 -4.92
N VAL E 15 29.95 2.51 -4.85
CA VAL E 15 29.81 3.71 -4.04
C VAL E 15 30.06 3.40 -2.57
N THR E 16 29.50 2.29 -2.08
CA THR E 16 29.66 1.92 -0.68
C THR E 16 31.08 1.48 -0.37
N ALA E 17 31.68 0.68 -1.26
CA ALA E 17 33.00 0.11 -0.96
C ALA E 17 34.11 1.14 -1.09
N THR E 18 33.97 2.10 -2.02
CA THR E 18 35.03 3.09 -2.22
C THR E 18 35.07 4.13 -1.11
N ALA E 19 33.93 4.46 -0.52
CA ALA E 19 33.87 5.48 0.52
C ALA E 19 34.28 4.96 1.89
N ALA E 20 34.47 3.65 2.05
CA ALA E 20 34.75 3.09 3.37
C ALA E 20 36.11 3.52 3.91
N VAL E 21 37.08 3.80 3.04
CA VAL E 21 38.39 4.23 3.49
C VAL E 21 38.29 5.60 4.18
N ALA E 22 37.59 6.54 3.57
CA ALA E 22 37.45 7.86 4.17
C ALA E 22 36.51 7.86 5.36
N GLY E 23 35.60 6.89 5.46
CA GLY E 23 34.69 6.81 6.58
C GLY E 23 35.37 6.50 7.90
N VAL E 24 36.57 5.94 7.86
CA VAL E 24 37.32 5.69 9.09
C VAL E 24 37.69 7.00 9.77
N ALA E 25 38.16 7.99 9.00
CA ALA E 25 38.49 9.28 9.57
C ALA E 25 37.26 10.01 10.09
N LEU E 26 36.13 9.88 9.39
CA LEU E 26 34.91 10.54 9.83
C LEU E 26 34.40 10.00 11.15
N HIS E 27 34.68 8.72 11.44
CA HIS E 27 34.23 8.12 12.69
C HIS E 27 35.07 8.52 13.89
N SER E 28 36.23 9.15 13.67
CA SER E 28 37.18 9.39 14.75
C SER E 28 37.14 10.82 15.30
N SER E 29 36.97 11.82 14.44
CA SER E 29 36.97 13.21 14.90
C SER E 29 36.26 14.07 13.87
N VAL E 30 36.16 15.37 14.18
CA VAL E 30 35.53 16.34 13.27
C VAL E 30 36.46 16.60 12.10
N GLN E 31 35.90 16.55 10.89
CA GLN E 31 36.62 16.87 9.66
C GLN E 31 36.09 18.17 9.08
N SER E 32 36.79 18.66 8.06
CA SER E 32 36.34 19.86 7.37
C SER E 32 35.14 19.55 6.49
N CYS E 33 34.40 20.60 6.12
CA CYS E 33 33.24 20.41 5.26
C CYS E 33 33.66 20.01 3.85
N ASN E 34 34.86 20.39 3.42
CA ASN E 34 35.38 19.90 2.15
C ASN E 34 35.63 18.40 2.19
N PHE E 35 36.14 17.91 3.32
CA PHE E 35 36.35 16.46 3.48
C PHE E 35 35.02 15.71 3.41
N VAL E 36 33.99 16.22 4.08
CA VAL E 36 32.68 15.57 4.05
C VAL E 36 32.10 15.64 2.63
N ASN E 37 32.33 16.74 1.93
CA ASN E 37 31.82 16.88 0.57
C ASN E 37 32.39 15.81 -0.36
N ASP E 38 33.69 15.55 -0.28
CA ASP E 38 34.29 14.52 -1.12
C ASP E 38 33.78 13.12 -0.76
N TRP E 39 33.51 12.88 0.52
CA TRP E 39 33.08 11.56 0.97
C TRP E 39 31.71 11.19 0.42
N GLN E 40 30.77 12.14 0.40
CA GLN E 40 29.41 11.88 -0.03
C GLN E 40 29.15 12.18 -1.50
N LYS E 41 30.17 12.60 -2.25
CA LYS E 41 29.94 13.16 -3.58
C LYS E 41 29.35 12.14 -4.54
N ASN E 42 29.93 10.94 -4.60
CA ASN E 42 29.47 9.95 -5.55
C ASN E 42 28.15 9.31 -5.14
N SER E 43 27.86 9.25 -3.83
CA SER E 43 26.59 8.71 -3.37
C SER E 43 25.42 9.62 -3.77
N THR E 44 25.61 10.94 -3.65
CA THR E 44 24.55 11.86 -4.03
C THR E 44 24.32 11.86 -5.55
N ARG E 45 25.39 11.68 -6.33
CA ARG E 45 25.24 11.61 -7.78
C ARG E 45 24.42 10.38 -8.19
N LEU E 46 24.62 9.25 -7.51
CA LEU E 46 23.89 8.03 -7.87
C LEU E 46 22.40 8.18 -7.63
N TRP E 47 22.01 8.83 -6.53
CA TRP E 47 20.62 8.95 -6.14
C TRP E 47 19.91 10.13 -6.77
N ASN E 48 20.59 10.87 -7.65
CA ASN E 48 19.95 11.91 -8.44
C ASN E 48 19.91 11.58 -9.93
N SER E 49 20.20 10.33 -10.29
CA SER E 49 20.34 9.98 -11.71
C SER E 49 19.57 8.73 -12.11
N GLN E 50 18.57 8.32 -11.33
CA GLN E 50 17.71 7.21 -11.73
C GLN E 50 16.50 7.76 -12.50
N SER E 51 16.09 7.02 -13.53
CA SER E 51 15.16 7.54 -14.53
C SER E 51 13.70 7.15 -14.25
N SER E 52 13.42 5.86 -14.17
CA SER E 52 12.05 5.41 -13.97
C SER E 52 12.05 4.08 -13.23
N ILE E 53 10.92 3.79 -12.60
CA ILE E 53 10.78 2.56 -11.83
C ILE E 53 10.73 1.36 -12.76
N ASP E 54 11.51 0.33 -12.45
CA ASP E 54 11.52 -0.89 -13.25
C ASP E 54 10.16 -1.57 -13.11
N GLN E 55 9.37 -1.51 -14.18
CA GLN E 55 8.00 -2.02 -14.14
C GLN E 55 7.97 -3.54 -14.08
N LYS E 56 8.97 -4.20 -14.66
CA LYS E 56 9.01 -5.66 -14.67
C LYS E 56 9.11 -6.21 -13.25
N LEU E 57 9.88 -5.56 -12.39
CA LEU E 57 10.03 -6.01 -11.01
C LEU E 57 8.95 -5.48 -10.08
N ALA E 58 8.45 -4.26 -10.33
CA ALA E 58 7.51 -3.64 -9.41
C ALA E 58 6.13 -4.30 -9.47
N ASN E 59 5.71 -4.78 -10.63
CA ASN E 59 4.37 -5.35 -10.74
C ASN E 59 4.27 -6.75 -10.13
N GLN E 60 5.38 -7.32 -9.67
CA GLN E 60 5.39 -8.63 -9.05
C GLN E 60 5.36 -8.59 -7.53
N ILE E 61 5.27 -7.40 -6.94
CA ILE E 61 5.32 -7.27 -5.48
C ILE E 61 4.01 -7.73 -4.88
N ASN E 62 4.09 -8.60 -3.86
CA ASN E 62 2.92 -9.16 -3.20
C ASN E 62 2.59 -8.45 -1.88
N ASP E 63 3.58 -8.26 -1.01
CA ASP E 63 3.39 -7.58 0.26
C ASP E 63 4.00 -6.20 0.16
N LEU E 64 3.17 -5.18 0.36
CA LEU E 64 3.57 -3.78 0.16
C LEU E 64 4.06 -3.10 1.43
N ARG E 65 4.10 -3.82 2.57
CA ARG E 65 4.38 -3.18 3.84
C ARG E 65 5.78 -2.56 3.87
N GLN E 66 6.79 -3.32 3.45
CA GLN E 66 8.16 -2.82 3.50
C GLN E 66 8.37 -1.65 2.54
N THR E 67 7.72 -1.69 1.38
CA THR E 67 7.80 -0.57 0.43
C THR E 67 7.16 0.69 1.00
N VAL E 68 5.99 0.55 1.63
CA VAL E 68 5.26 1.73 2.12
C VAL E 68 6.00 2.36 3.29
N ILE E 69 6.59 1.54 4.17
CA ILE E 69 7.36 2.07 5.28
C ILE E 69 8.59 2.81 4.79
N TRP E 70 9.24 2.28 3.75
CA TRP E 70 10.39 2.97 3.15
C TRP E 70 9.97 4.31 2.53
N MET E 71 8.84 4.34 1.83
CA MET E 71 8.38 5.58 1.20
C MET E 71 8.01 6.61 2.25
N GLY E 72 7.44 6.17 3.38
CA GLY E 72 7.08 7.10 4.44
C GLY E 72 8.29 7.81 5.04
N ASP E 73 9.39 7.07 5.22
CA ASP E 73 10.61 7.68 5.71
C ASP E 73 11.17 8.70 4.72
N ARG E 74 11.13 8.37 3.42
CA ARG E 74 11.62 9.30 2.41
C ARG E 74 10.78 10.57 2.36
N LEU E 75 9.45 10.43 2.44
CA LEU E 75 8.58 11.59 2.40
C LEU E 75 8.80 12.50 3.61
N MET E 76 8.99 11.91 4.79
CA MET E 76 9.28 12.70 5.98
C MET E 76 10.62 13.42 5.87
N SER E 77 11.63 12.75 5.30
CA SER E 77 12.93 13.37 5.14
C SER E 77 12.88 14.55 4.19
N LEU E 78 12.09 14.44 3.12
CA LEU E 78 11.95 15.55 2.18
C LEU E 78 11.22 16.73 2.82
N GLU E 79 10.23 16.46 3.66
CA GLU E 79 9.50 17.53 4.34
C GLU E 79 10.42 18.35 5.24
N HIS E 80 11.27 17.68 6.00
CA HIS E 80 12.20 18.38 6.88
C HIS E 80 13.27 19.13 6.08
N ARG E 81 13.68 18.59 4.94
CA ARG E 81 14.68 19.25 4.11
C ARG E 81 14.16 20.56 3.54
N PHE E 82 12.87 20.60 3.18
CA PHE E 82 12.28 21.82 2.64
C PHE E 82 12.27 22.96 3.65
N GLN E 83 12.40 22.66 4.94
CA GLN E 83 12.34 23.66 5.99
C GLN E 83 13.71 24.14 6.45
N LEU E 84 14.79 23.45 6.10
CA LEU E 84 16.12 23.78 6.59
C LEU E 84 16.70 24.99 5.87
N GLN E 85 17.58 25.70 6.57
CA GLN E 85 18.36 26.79 6.00
C GLN E 85 19.80 26.32 5.81
N CYS E 86 20.31 26.49 4.58
CA CYS E 86 21.60 25.93 4.19
C CYS E 86 22.54 27.02 3.70
N ASP E 87 23.84 26.77 3.86
CA ASP E 87 24.84 27.69 3.34
C ASP E 87 24.79 27.72 1.82
N TRP E 88 24.99 28.91 1.25
CA TRP E 88 24.79 29.10 -0.19
C TRP E 88 25.85 28.38 -1.02
N ASN E 89 27.07 28.23 -0.50
CA ASN E 89 28.15 27.71 -1.32
C ASN E 89 28.17 26.19 -1.43
N THR E 90 27.37 25.48 -0.65
CA THR E 90 27.30 24.02 -0.73
C THR E 90 25.86 23.61 -1.04
N SER E 91 25.69 22.86 -2.13
CA SER E 91 24.37 22.42 -2.58
C SER E 91 24.17 20.92 -2.55
N ASP E 92 25.24 20.13 -2.46
CA ASP E 92 25.08 18.68 -2.37
C ASP E 92 24.37 18.27 -1.08
N PHE E 93 24.68 18.95 0.02
CA PHE E 93 24.09 18.66 1.32
C PHE E 93 23.97 19.97 2.07
N CYS E 94 23.15 19.96 3.13
CA CYS E 94 22.77 21.17 3.83
C CYS E 94 23.64 21.38 5.06
N ILE E 95 24.30 22.54 5.13
CA ILE E 95 25.03 22.97 6.31
C ILE E 95 24.19 24.03 7.02
N THR E 96 23.77 23.73 8.24
CA THR E 96 22.90 24.61 9.01
C THR E 96 23.72 25.65 9.77
N PRO E 97 23.09 26.76 10.18
CA PRO E 97 23.83 27.78 10.95
C PRO E 97 23.95 27.47 12.43
N GLN E 98 23.68 26.23 12.83
CA GLN E 98 23.77 25.85 14.24
C GLN E 98 25.21 25.52 14.60
N ILE E 99 25.76 26.24 15.57
CA ILE E 99 27.14 26.03 15.98
C ILE E 99 27.23 24.78 16.85
N TYR E 100 28.26 23.97 16.59
CA TYR E 100 28.48 22.74 17.34
C TYR E 100 29.15 23.06 18.68
N ASN E 101 28.53 22.62 19.77
CA ASN E 101 28.95 23.00 21.11
C ASN E 101 30.07 22.13 21.66
N GLU E 102 29.93 20.80 21.54
CA GLU E 102 30.93 19.81 21.97
C GLU E 102 30.97 19.66 23.49
N SER E 103 30.26 20.52 24.22
CA SER E 103 30.03 20.30 25.64
C SER E 103 28.68 19.65 25.91
N GLU E 104 27.69 19.90 25.05
CA GLU E 104 26.43 19.17 25.13
C GLU E 104 26.52 17.86 24.38
N HIS E 105 27.23 17.83 23.26
CA HIS E 105 27.35 16.65 22.39
C HIS E 105 28.81 16.24 22.33
N HIS E 106 29.22 15.34 23.22
CA HIS E 106 30.56 14.76 23.13
C HIS E 106 30.67 13.94 21.86
N TRP E 107 31.92 13.78 21.38
CA TRP E 107 32.11 13.12 20.09
C TRP E 107 31.64 11.67 20.10
N ASP E 108 31.65 11.03 21.27
CA ASP E 108 31.19 9.64 21.35
C ASP E 108 29.73 9.51 20.96
N MET E 109 28.91 10.53 21.25
CA MET E 109 27.52 10.50 20.80
C MET E 109 27.44 10.54 19.27
N VAL E 110 28.31 11.32 18.63
CA VAL E 110 28.28 11.43 17.18
C VAL E 110 28.72 10.12 16.53
N ARG E 111 29.77 9.49 17.07
CA ARG E 111 30.25 8.23 16.51
C ARG E 111 29.18 7.15 16.59
N ARG E 112 28.46 7.07 17.72
CA ARG E 112 27.41 6.08 17.86
C ARG E 112 26.28 6.33 16.86
N HIS E 113 25.94 7.59 16.62
CA HIS E 113 24.92 7.91 15.62
C HIS E 113 25.36 7.49 14.22
N LEU E 114 26.63 7.73 13.87
CA LEU E 114 27.13 7.34 12.57
C LEU E 114 27.13 5.83 12.39
N GLN E 115 27.29 5.08 13.47
CA GLN E 115 27.29 3.62 13.40
C GLN E 115 25.89 3.03 13.29
N GLY E 116 24.84 3.81 13.50
CA GLY E 116 23.49 3.30 13.41
C GLY E 116 22.90 2.86 14.73
N ARG E 117 23.47 3.25 15.86
CA ARG E 117 22.94 2.90 17.16
C ARG E 117 21.84 3.87 17.57
N GLU E 118 20.98 3.42 18.47
CA GLU E 118 19.94 4.25 19.06
C GLU E 118 19.80 3.97 20.55
N ASP E 119 20.91 3.84 21.25
CA ASP E 119 20.89 3.57 22.68
C ASP E 119 20.85 4.88 23.46
N ASN E 120 21.03 4.81 24.77
CA ASN E 120 20.95 6.01 25.60
C ASN E 120 22.25 6.81 25.63
N LEU E 121 23.32 6.30 25.02
CA LEU E 121 24.56 7.05 24.86
C LEU E 121 24.68 7.66 23.47
N THR E 122 23.65 7.54 22.64
CA THR E 122 23.66 8.05 21.28
C THR E 122 23.09 9.46 21.23
N LEU E 123 23.47 10.20 20.19
CA LEU E 123 22.97 11.55 19.98
C LEU E 123 21.45 11.53 19.77
N ASP E 124 20.75 12.42 20.47
CA ASP E 124 19.30 12.52 20.40
C ASP E 124 18.94 13.40 19.21
N ILE E 125 18.46 12.78 18.12
CA ILE E 125 18.20 13.51 16.89
C ILE E 125 16.99 14.44 17.06
N SER E 126 15.94 13.97 17.72
CA SER E 126 14.74 14.78 17.89
C SER E 126 15.04 16.05 18.68
N LYS E 127 15.82 15.92 19.76
CA LYS E 127 16.19 17.10 20.54
C LYS E 127 17.09 18.04 19.74
N LEU E 128 18.01 17.50 18.95
CA LEU E 128 18.88 18.33 18.14
C LEU E 128 18.10 19.10 17.08
N LYS E 129 17.09 18.45 16.47
CA LYS E 129 16.31 19.11 15.44
C LYS E 129 15.52 20.28 16.01
N GLU E 130 15.02 20.15 17.24
CA GLU E 130 14.30 21.26 17.86
C GLU E 130 15.19 22.47 18.06
N GLN E 131 16.45 22.25 18.47
CA GLN E 131 17.38 23.36 18.62
C GLN E 131 17.66 24.04 17.28
N ILE E 132 17.88 23.23 16.23
CA ILE E 132 18.19 23.80 14.92
C ILE E 132 16.98 24.54 14.36
N PHE E 133 15.78 24.03 14.59
CA PHE E 133 14.58 24.68 14.06
C PHE E 133 14.40 26.07 14.65
N GLU E 134 14.63 26.22 15.95
CA GLU E 134 14.43 27.51 16.60
C GLU E 134 15.54 28.51 16.29
N ALA E 135 16.74 28.02 15.98
CA ALA E 135 17.89 28.89 15.78
C ALA E 135 18.12 29.27 14.32
N SER E 136 17.32 28.76 13.39
CA SER E 136 17.57 28.95 11.96
C SER E 136 16.50 29.82 11.29
N LYS E 137 15.73 30.58 12.05
CA LYS E 137 14.66 31.35 11.47
C LYS E 137 15.20 32.46 10.57
N ALA E 138 14.42 32.78 9.53
CA ALA E 138 14.89 33.70 8.48
C ALA E 138 15.17 35.09 9.04
N HIS E 139 14.35 35.55 9.98
CA HIS E 139 14.55 36.89 10.56
C HIS E 139 15.77 36.96 11.45
N LEU E 140 16.46 35.84 11.68
CA LEU E 140 17.68 35.82 12.47
C LEU E 140 18.94 35.56 11.65
N ASN E 141 18.81 35.12 10.40
CA ASN E 141 19.97 34.69 9.62
C ASN E 141 20.04 35.24 8.20
N LEU E 142 18.93 35.70 7.61
CA LEU E 142 18.97 36.11 6.21
C LEU E 142 19.72 37.42 6.04
N VAL E 143 19.59 38.34 7.00
CA VAL E 143 20.25 39.63 6.93
C VAL E 143 21.66 39.49 7.50
N PRO E 144 22.71 39.82 6.74
CA PRO E 144 24.06 39.72 7.28
C PRO E 144 24.27 40.68 8.46
N GLY E 145 25.15 40.29 9.36
CA GLY E 145 25.36 41.05 10.57
C GLY E 145 26.04 42.39 10.32
N THR E 146 26.15 43.17 11.40
CA THR E 146 26.75 44.50 11.31
C THR E 146 28.21 44.43 10.88
N GLU E 147 28.96 43.45 11.39
CA GLU E 147 30.37 43.33 11.06
C GLU E 147 30.60 43.02 9.59
N ALA E 148 29.59 42.48 8.89
CA ALA E 148 29.70 42.21 7.46
C ALA E 148 29.23 43.37 6.62
N ILE E 149 28.15 44.05 7.03
CA ILE E 149 27.66 45.21 6.31
C ILE E 149 28.67 46.36 6.40
N ALA E 150 29.22 46.59 7.59
CA ALA E 150 30.20 47.67 7.76
C ALA E 150 31.48 47.39 6.99
N GLY E 151 31.92 46.13 6.97
CA GLY E 151 33.17 45.81 6.28
C GLY E 151 33.10 46.07 4.79
N VAL E 152 31.94 45.83 4.18
CA VAL E 152 31.81 46.04 2.74
C VAL E 152 31.44 47.49 2.42
N ALA E 153 30.81 48.20 3.35
CA ALA E 153 30.42 49.59 3.13
C ALA E 153 31.51 50.54 3.62
N ASP E 154 32.70 50.38 3.03
CA ASP E 154 33.82 51.26 3.34
C ASP E 154 33.81 52.55 2.54
N GLY E 155 32.95 52.66 1.53
CA GLY E 155 32.88 53.85 0.70
C GLY E 155 31.72 53.84 -0.27
N PHE F 1 4.79 7.58 9.00
CA PHE F 1 3.39 7.93 9.19
C PHE F 1 2.93 7.62 10.61
N ILE F 2 3.82 7.05 11.41
CA ILE F 2 3.54 6.81 12.83
C ILE F 2 4.87 6.88 13.58
N PHE F 3 4.90 7.72 14.62
CA PHE F 3 6.12 7.95 15.38
C PHE F 3 5.80 7.95 16.86
N THR F 4 6.81 7.61 17.67
CA THR F 4 6.73 7.70 19.12
C THR F 4 7.75 8.74 19.56
N LEU F 5 7.27 9.90 20.00
CA LEU F 5 8.11 11.01 20.40
C LEU F 5 8.07 11.13 21.91
N ILE F 6 9.20 10.84 22.56
CA ILE F 6 9.29 10.84 24.01
C ILE F 6 9.99 12.08 24.53
N ALA F 7 11.03 12.54 23.84
CA ALA F 7 11.89 13.60 24.32
C ALA F 7 11.58 14.97 23.70
N VAL F 8 10.44 15.11 23.02
CA VAL F 8 10.07 16.42 22.51
C VAL F 8 9.57 17.29 23.66
N ILE F 9 9.60 18.60 23.43
CA ILE F 9 9.20 19.55 24.47
C ILE F 9 7.69 19.49 24.69
N MET F 10 6.91 19.42 23.61
CA MET F 10 5.45 19.41 23.70
C MET F 10 4.89 18.29 22.85
N GLY F 11 3.91 17.58 23.38
CA GLY F 11 3.21 16.56 22.64
C GLY F 11 2.09 17.14 21.80
N LEU F 12 1.44 16.24 21.04
CA LEU F 12 0.35 16.66 20.16
C LEU F 12 -0.83 17.20 20.96
N ILE F 13 -1.10 16.61 22.13
CA ILE F 13 -2.23 17.08 22.94
C ILE F 13 -1.99 18.50 23.44
N ALA F 14 -0.78 18.77 23.95
CA ALA F 14 -0.49 20.09 24.48
C ALA F 14 -0.47 21.15 23.38
N VAL F 15 0.02 20.79 22.19
CA VAL F 15 0.02 21.74 21.08
C VAL F 15 -1.40 22.14 20.72
N THR F 16 -2.30 21.17 20.64
CA THR F 16 -3.69 21.46 20.27
C THR F 16 -4.42 22.23 21.36
N ALA F 17 -4.23 21.82 22.62
CA ALA F 17 -5.00 22.43 23.71
C ALA F 17 -4.53 23.85 23.99
N THR F 18 -3.22 24.10 23.94
CA THR F 18 -2.70 25.42 24.30
C THR F 18 -3.03 26.47 23.25
N ALA F 19 -3.14 26.08 21.98
CA ALA F 19 -3.42 27.02 20.91
C ALA F 19 -4.90 27.34 20.76
N ALA F 20 -5.78 26.67 21.50
CA ALA F 20 -7.21 26.88 21.32
C ALA F 20 -7.66 28.26 21.78
N VAL F 21 -6.97 28.85 22.76
CA VAL F 21 -7.35 30.17 23.25
C VAL F 21 -7.19 31.22 22.15
N ALA F 22 -6.05 31.19 21.45
CA ALA F 22 -5.82 32.16 20.38
C ALA F 22 -6.66 31.86 19.15
N GLY F 23 -7.06 30.60 18.94
CA GLY F 23 -7.87 30.25 17.80
C GLY F 23 -9.24 30.90 17.78
N VAL F 24 -9.72 31.36 18.93
CA VAL F 24 -11.01 32.05 18.98
C VAL F 24 -10.92 33.38 18.22
N ALA F 25 -9.86 34.14 18.44
CA ALA F 25 -9.69 35.41 17.73
C ALA F 25 -9.48 35.19 16.25
N LEU F 26 -8.78 34.11 15.88
CA LEU F 26 -8.55 33.82 14.45
C LEU F 26 -9.85 33.50 13.72
N HIS F 27 -10.85 32.96 14.43
CA HIS F 27 -12.11 32.61 13.80
C HIS F 27 -13.03 33.81 13.61
N SER F 28 -12.73 34.95 14.24
CA SER F 28 -13.65 36.08 14.26
C SER F 28 -13.32 37.16 13.22
N SER F 29 -12.05 37.45 12.98
CA SER F 29 -11.68 38.50 12.03
C SER F 29 -10.23 38.31 11.61
N VAL F 30 -9.79 39.18 10.70
CA VAL F 30 -8.41 39.13 10.20
C VAL F 30 -7.46 39.59 11.29
N GLN F 31 -6.39 38.84 11.49
CA GLN F 31 -5.33 39.17 12.44
C GLN F 31 -4.05 39.48 11.69
N SER F 32 -3.08 40.03 12.41
CA SER F 32 -1.78 40.32 11.83
C SER F 32 -0.98 39.03 11.62
N CYS F 33 -0.01 39.10 10.71
CA CYS F 33 0.81 37.93 10.41
C CYS F 33 1.68 37.53 11.61
N ASN F 34 2.06 38.50 12.45
CA ASN F 34 2.75 38.16 13.69
C ASN F 34 1.85 37.34 14.61
N PHE F 35 0.56 37.68 14.67
CA PHE F 35 -0.38 36.91 15.48
C PHE F 35 -0.50 35.48 14.97
N VAL F 36 -0.60 35.30 13.65
CA VAL F 36 -0.67 33.96 13.08
C VAL F 36 0.60 33.19 13.35
N ASN F 37 1.75 33.89 13.30
CA ASN F 37 3.03 33.25 13.52
C ASN F 37 3.12 32.64 14.93
N ASP F 38 2.68 33.40 15.94
CA ASP F 38 2.71 32.89 17.31
C ASP F 38 1.77 31.70 17.50
N TRP F 39 0.64 31.71 16.78
CA TRP F 39 -0.38 30.69 16.97
C TRP F 39 0.08 29.32 16.45
N GLN F 40 0.81 29.28 15.35
CA GLN F 40 1.24 28.03 14.72
C GLN F 40 2.67 27.64 15.06
N LYS F 41 3.35 28.42 15.91
CA LYS F 41 4.79 28.24 16.09
C LYS F 41 5.13 26.88 16.69
N ASN F 42 4.40 26.46 17.72
CA ASN F 42 4.73 25.21 18.39
C ASN F 42 4.27 23.99 17.59
N SER F 43 3.23 24.14 16.78
CA SER F 43 2.79 23.04 15.93
C SER F 43 3.81 22.75 14.84
N THR F 44 4.37 23.79 14.22
CA THR F 44 5.38 23.58 13.19
C THR F 44 6.65 22.98 13.76
N ARG F 45 7.01 23.36 14.99
CA ARG F 45 8.19 22.79 15.63
C ARG F 45 8.02 21.29 15.89
N LEU F 46 6.81 20.86 16.27
CA LEU F 46 6.56 19.46 16.56
C LEU F 46 6.72 18.60 15.31
N TRP F 47 6.25 19.10 14.17
CA TRP F 47 6.23 18.32 12.93
C TRP F 47 7.51 18.47 12.12
N ASN F 48 8.52 19.14 12.66
CA ASN F 48 9.86 19.17 12.07
C ASN F 48 10.88 18.46 12.94
N SER F 49 10.45 17.72 13.96
CA SER F 49 11.37 17.19 14.96
C SER F 49 11.22 15.69 15.20
N GLN F 50 10.43 14.97 14.40
CA GLN F 50 10.34 13.53 14.54
C GLN F 50 11.51 12.86 13.80
N SER F 51 12.02 11.78 14.37
CA SER F 51 13.29 11.21 13.94
C SER F 51 13.13 10.04 12.97
N SER F 52 12.41 8.99 13.38
CA SER F 52 12.25 7.83 12.53
C SER F 52 10.93 7.15 12.85
N ILE F 53 10.44 6.36 11.89
CA ILE F 53 9.17 5.67 12.04
C ILE F 53 9.30 4.58 13.09
N ASP F 54 8.35 4.53 14.03
CA ASP F 54 8.34 3.49 15.04
C ASP F 54 8.11 2.15 14.40
N GLN F 55 9.15 1.33 14.33
CA GLN F 55 9.08 0.06 13.60
C GLN F 55 8.26 -0.98 14.34
N LYS F 56 8.21 -0.89 15.67
CA LYS F 56 7.43 -1.84 16.47
C LYS F 56 5.94 -1.74 16.14
N LEU F 57 5.44 -0.53 15.90
CA LEU F 57 4.04 -0.33 15.56
C LEU F 57 3.78 -0.46 14.07
N ALA F 58 4.72 -0.03 13.22
CA ALA F 58 4.49 0.00 11.78
C ALA F 58 4.36 -1.41 11.20
N ASN F 59 5.15 -2.36 11.69
CA ASN F 59 5.14 -3.68 11.09
C ASN F 59 3.90 -4.51 11.43
N GLN F 60 3.03 -4.00 12.30
CA GLN F 60 1.79 -4.69 12.68
C GLN F 60 0.59 -4.24 11.86
N ILE F 61 0.76 -3.36 10.89
CA ILE F 61 -0.37 -2.80 10.16
C ILE F 61 -0.90 -3.83 9.16
N ASN F 62 -2.21 -4.05 9.17
CA ASN F 62 -2.85 -5.03 8.29
C ASN F 62 -3.49 -4.39 7.06
N ASP F 63 -4.28 -3.34 7.24
CA ASP F 63 -4.92 -2.64 6.13
C ASP F 63 -4.19 -1.32 5.89
N LEU F 64 -3.70 -1.14 4.67
CA LEU F 64 -2.86 -0.01 4.33
C LEU F 64 -3.62 1.15 3.68
N ARG F 65 -4.95 1.04 3.56
CA ARG F 65 -5.71 2.03 2.81
C ARG F 65 -5.64 3.41 3.46
N GLN F 66 -5.87 3.49 4.77
CA GLN F 66 -5.85 4.78 5.45
C GLN F 66 -4.47 5.41 5.42
N THR F 67 -3.42 4.60 5.60
CA THR F 67 -2.06 5.10 5.57
C THR F 67 -1.70 5.65 4.19
N VAL F 68 -2.11 4.95 3.13
CA VAL F 68 -1.77 5.38 1.77
C VAL F 68 -2.51 6.66 1.41
N ILE F 69 -3.79 6.76 1.82
CA ILE F 69 -4.55 7.98 1.55
C ILE F 69 -3.94 9.17 2.29
N TRP F 70 -3.47 8.96 3.51
CA TRP F 70 -2.80 10.02 4.26
C TRP F 70 -1.51 10.45 3.57
N MET F 71 -0.71 9.48 3.09
CA MET F 71 0.55 9.81 2.42
C MET F 71 0.31 10.57 1.13
N GLY F 72 -0.74 10.20 0.38
CA GLY F 72 -1.04 10.88 -0.86
C GLY F 72 -1.36 12.35 -0.66
N ASP F 73 -2.11 12.66 0.40
CA ASP F 73 -2.40 14.06 0.72
C ASP F 73 -1.14 14.82 1.08
N ARG F 74 -0.24 14.21 1.86
CA ARG F 74 1.00 14.86 2.24
C ARG F 74 1.89 15.11 1.02
N LEU F 75 1.95 14.14 0.10
CA LEU F 75 2.75 14.32 -1.11
C LEU F 75 2.19 15.42 -2.00
N MET F 76 0.86 15.50 -2.13
CA MET F 76 0.25 16.57 -2.91
C MET F 76 0.52 17.93 -2.28
N SER F 77 0.44 18.02 -0.95
CA SER F 77 0.68 19.28 -0.27
C SER F 77 2.12 19.75 -0.44
N LEU F 78 3.08 18.81 -0.38
CA LEU F 78 4.47 19.18 -0.58
C LEU F 78 4.74 19.67 -1.99
N GLU F 79 4.07 19.08 -2.98
CA GLU F 79 4.24 19.50 -4.37
C GLU F 79 3.77 20.94 -4.57
N HIS F 80 2.61 21.29 -4.00
CA HIS F 80 2.09 22.64 -4.14
C HIS F 80 2.95 23.66 -3.40
N ARG F 81 3.54 23.25 -2.27
CA ARG F 81 4.40 24.16 -1.51
C ARG F 81 5.67 24.50 -2.29
N PHE F 82 6.23 23.52 -3.01
CA PHE F 82 7.45 23.75 -3.79
C PHE F 82 7.25 24.78 -4.89
N GLN F 83 6.00 25.06 -5.27
CA GLN F 83 5.69 25.98 -6.35
C GLN F 83 5.33 27.39 -5.86
N LEU F 84 5.10 27.56 -4.56
CA LEU F 84 4.62 28.83 -4.03
C LEU F 84 5.75 29.84 -3.88
N GLN F 85 5.39 31.12 -3.94
CA GLN F 85 6.31 32.23 -3.67
C GLN F 85 5.95 32.85 -2.33
N CYS F 86 6.94 32.95 -1.45
CA CYS F 86 6.71 33.35 -0.07
C CYS F 86 7.55 34.58 0.28
N ASP F 87 7.07 35.33 1.27
CA ASP F 87 7.80 36.49 1.76
C ASP F 87 9.07 36.05 2.47
N TRP F 88 10.16 36.78 2.24
CA TRP F 88 11.48 36.35 2.72
C TRP F 88 11.58 36.37 4.23
N ASN F 89 10.85 37.26 4.91
CA ASN F 89 11.04 37.44 6.35
C ASN F 89 10.34 36.38 7.19
N THR F 90 9.40 35.62 6.62
CA THR F 90 8.70 34.57 7.35
C THR F 90 9.02 33.22 6.69
N SER F 91 9.53 32.28 7.48
CA SER F 91 9.91 30.97 7.00
C SER F 91 9.13 29.82 7.61
N ASP F 92 8.43 30.04 8.72
CA ASP F 92 7.61 28.98 9.31
C ASP F 92 6.46 28.58 8.38
N PHE F 93 5.84 29.57 7.74
CA PHE F 93 4.74 29.34 6.81
C PHE F 93 4.89 30.32 5.66
N CYS F 94 4.10 30.12 4.61
CA CYS F 94 4.24 30.85 3.37
C CYS F 94 3.20 31.96 3.27
N ILE F 95 3.67 33.19 3.06
CA ILE F 95 2.81 34.34 2.79
C ILE F 95 2.96 34.68 1.31
N THR F 96 1.87 34.55 0.56
CA THR F 96 1.86 34.78 -0.88
C THR F 96 1.64 36.25 -1.18
N PRO F 97 2.00 36.70 -2.39
CA PRO F 97 1.75 38.10 -2.78
C PRO F 97 0.33 38.39 -3.25
N GLN F 98 -0.61 37.46 -3.09
CA GLN F 98 -1.99 37.69 -3.50
C GLN F 98 -2.69 38.58 -2.47
N ILE F 99 -3.18 39.73 -2.92
CA ILE F 99 -3.88 40.66 -2.04
C ILE F 99 -5.27 40.13 -1.75
N TYR F 100 -5.69 40.25 -0.50
CA TYR F 100 -7.00 39.77 -0.07
C TYR F 100 -8.07 40.82 -0.43
N ASN F 101 -9.09 40.39 -1.17
CA ASN F 101 -10.05 41.33 -1.74
C ASN F 101 -11.17 41.67 -0.75
N GLU F 102 -11.73 40.66 -0.09
CA GLU F 102 -12.79 40.80 0.92
C GLU F 102 -14.14 41.14 0.29
N SER F 103 -14.16 41.44 -1.01
CA SER F 103 -15.41 41.53 -1.75
C SER F 103 -15.74 40.24 -2.48
N GLU F 104 -14.74 39.54 -3.00
CA GLU F 104 -14.95 38.20 -3.53
C GLU F 104 -15.06 37.17 -2.41
N HIS F 105 -14.33 37.35 -1.33
CA HIS F 105 -14.28 36.40 -0.22
C HIS F 105 -14.70 37.12 1.06
N HIS F 106 -15.99 37.04 1.39
CA HIS F 106 -16.45 37.55 2.68
C HIS F 106 -15.87 36.71 3.81
N TRP F 107 -15.75 37.31 4.99
CA TRP F 107 -15.08 36.62 6.10
C TRP F 107 -15.80 35.34 6.49
N ASP F 108 -17.11 35.26 6.26
CA ASP F 108 -17.85 34.05 6.63
C ASP F 108 -17.37 32.84 5.84
N MET F 109 -16.92 33.04 4.60
CA MET F 109 -16.32 31.95 3.84
C MET F 109 -15.04 31.46 4.51
N VAL F 110 -14.24 32.39 5.03
CA VAL F 110 -12.97 32.02 5.66
C VAL F 110 -13.22 31.27 6.97
N ARG F 111 -14.20 31.74 7.76
CA ARG F 111 -14.50 31.08 9.02
C ARG F 111 -14.97 29.65 8.80
N ARG F 112 -15.79 29.42 7.77
CA ARG F 112 -16.26 28.08 7.48
C ARG F 112 -15.13 27.17 7.05
N HIS F 113 -14.17 27.71 6.29
CA HIS F 113 -13.01 26.92 5.89
C HIS F 113 -12.16 26.53 7.10
N LEU F 114 -11.98 27.46 8.04
CA LEU F 114 -11.19 27.16 9.23
C LEU F 114 -11.87 26.12 10.11
N GLN F 115 -13.20 26.06 10.08
CA GLN F 115 -13.93 25.07 10.87
C GLN F 115 -13.94 23.68 10.23
N GLY F 116 -13.46 23.55 9.00
CA GLY F 116 -13.42 22.26 8.35
C GLY F 116 -14.63 21.91 7.50
N ARG F 117 -15.42 22.90 7.12
CA ARG F 117 -16.60 22.67 6.29
C ARG F 117 -16.22 22.69 4.81
N GLU F 118 -17.07 22.05 4.00
CA GLU F 118 -16.92 22.06 2.55
C GLU F 118 -18.27 22.21 1.86
N ASP F 119 -19.11 23.09 2.37
CA ASP F 119 -20.43 23.31 1.79
C ASP F 119 -20.34 24.40 0.71
N ASN F 120 -21.48 24.84 0.20
CA ASN F 120 -21.50 25.83 -0.88
C ASN F 120 -21.30 27.25 -0.37
N LEU F 121 -21.31 27.47 0.94
CA LEU F 121 -20.97 28.77 1.53
C LEU F 121 -19.52 28.85 1.98
N THR F 122 -18.74 27.80 1.74
CA THR F 122 -17.34 27.75 2.15
C THR F 122 -16.44 28.31 1.05
N LEU F 123 -15.28 28.82 1.46
CA LEU F 123 -14.29 29.30 0.51
C LEU F 123 -13.85 28.18 -0.43
N ASP F 124 -13.79 28.49 -1.72
CA ASP F 124 -13.41 27.51 -2.75
C ASP F 124 -11.89 27.52 -2.88
N ILE F 125 -11.25 26.46 -2.38
CA ILE F 125 -9.79 26.41 -2.34
C ILE F 125 -9.22 26.24 -3.75
N SER F 126 -9.84 25.41 -4.58
CA SER F 126 -9.33 25.18 -5.92
C SER F 126 -9.35 26.45 -6.76
N LYS F 127 -10.42 27.23 -6.66
CA LYS F 127 -10.50 28.49 -7.41
C LYS F 127 -9.49 29.49 -6.88
N LEU F 128 -9.26 29.50 -5.55
CA LEU F 128 -8.29 30.42 -4.97
C LEU F 128 -6.86 30.08 -5.39
N LYS F 129 -6.55 28.78 -5.47
CA LYS F 129 -5.20 28.38 -5.88
C LYS F 129 -4.91 28.75 -7.32
N GLU F 130 -5.90 28.63 -8.20
CA GLU F 130 -5.73 29.05 -9.59
C GLU F 130 -5.43 30.54 -9.67
N GLN F 131 -6.12 31.34 -8.86
CA GLN F 131 -5.91 32.78 -8.86
C GLN F 131 -4.52 33.14 -8.32
N ILE F 132 -4.07 32.45 -7.27
CA ILE F 132 -2.75 32.70 -6.70
C ILE F 132 -1.66 32.23 -7.66
N PHE F 133 -1.88 31.10 -8.35
CA PHE F 133 -0.86 30.57 -9.24
C PHE F 133 -0.54 31.53 -10.38
N GLU F 134 -1.57 32.17 -10.93
CA GLU F 134 -1.35 33.08 -12.06
C GLU F 134 -0.75 34.41 -11.62
N ALA F 135 -0.99 34.84 -10.39
CA ALA F 135 -0.55 36.14 -9.93
C ALA F 135 0.83 36.13 -9.26
N SER F 136 1.43 34.95 -9.06
CA SER F 136 2.66 34.84 -8.28
C SER F 136 3.87 34.48 -9.13
N LYS F 137 3.80 34.68 -10.44
CA LYS F 137 4.91 34.29 -11.31
C LYS F 137 6.15 35.13 -11.04
N ALA F 138 7.32 34.50 -11.22
CA ALA F 138 8.58 35.13 -10.83
C ALA F 138 8.85 36.41 -11.62
N HIS F 139 8.48 36.42 -12.90
CA HIS F 139 8.74 37.60 -13.72
C HIS F 139 7.84 38.78 -13.35
N LEU F 140 6.86 38.57 -12.46
CA LEU F 140 6.00 39.64 -11.99
C LEU F 140 6.30 40.10 -10.57
N ASN F 141 7.10 39.36 -9.81
CA ASN F 141 7.28 39.64 -8.39
C ASN F 141 8.73 39.65 -7.91
N LEU F 142 9.66 39.02 -8.62
CA LEU F 142 11.03 38.94 -8.11
C LEU F 142 11.73 40.28 -8.18
N VAL F 143 11.46 41.07 -9.22
CA VAL F 143 12.08 42.38 -9.40
C VAL F 143 11.25 43.41 -8.64
N PRO F 144 11.84 44.14 -7.69
CA PRO F 144 11.08 45.17 -6.97
C PRO F 144 10.62 46.27 -7.91
N GLY F 145 9.49 46.88 -7.56
CA GLY F 145 8.89 47.90 -8.40
C GLY F 145 9.70 49.18 -8.46
N THR F 146 9.19 50.12 -9.27
CA THR F 146 9.89 51.39 -9.46
C THR F 146 9.98 52.18 -8.16
N GLU F 147 8.91 52.18 -7.36
CA GLU F 147 8.91 52.96 -6.13
C GLU F 147 9.93 52.46 -5.11
N ALA F 148 10.38 51.22 -5.23
CA ALA F 148 11.39 50.69 -4.32
C ALA F 148 12.80 50.90 -4.85
N ILE F 149 13.01 50.72 -6.16
CA ILE F 149 14.32 50.95 -6.75
C ILE F 149 14.70 52.43 -6.68
N ALA F 150 13.76 53.31 -6.98
CA ALA F 150 14.04 54.74 -6.95
C ALA F 150 14.32 55.23 -5.53
N GLY F 151 13.57 54.71 -4.54
CA GLY F 151 13.76 55.16 -3.18
C GLY F 151 15.14 54.84 -2.63
N VAL F 152 15.66 53.65 -2.96
CA VAL F 152 16.97 53.28 -2.45
C VAL F 152 18.08 53.92 -3.28
N ALA F 153 17.80 54.26 -4.54
CA ALA F 153 18.80 54.87 -5.42
C ALA F 153 18.71 56.40 -5.35
N ASP F 154 18.90 56.92 -4.14
CA ASP F 154 18.91 58.36 -3.94
C ASP F 154 20.25 59.00 -4.26
N GLY F 155 21.31 58.20 -4.42
CA GLY F 155 22.62 58.72 -4.72
C GLY F 155 23.65 57.63 -4.97
#